data_4Q9N
#
_entry.id   4Q9N
#
_cell.length_a   96.146
_cell.length_b   96.146
_cell.length_c   263.082
_cell.angle_alpha   90.000
_cell.angle_beta   90.000
_cell.angle_gamma   90.000
#
_symmetry.space_group_name_H-M   'P 43'
#
loop_
_entity.id
_entity.type
_entity.pdbx_description
1 polymer 'Enoyl-[acyl-carrier-protein] reductase [NADH]'
2 non-polymer '1,4-DIHYDRONICOTINAMIDE ADENINE DINUCLEOTIDE'
3 non-polymer N-methyl-N-[(3-methyl-1-benzofuran-2-yl)methyl]-3-(7-oxo-5,6,7,8-tetrahydro-1,8-naphthyridin-3-yl)propanamide
4 water water
#
_entity_poly.entity_id   1
_entity_poly.type   'polypeptide(L)'
_entity_poly.pdbx_seq_one_letter_code
;MLKIDLTGKIAFIAGIGDDNGYGWGIAKMLAEAGATILVGTWVPIYKIFSQSLELGKFNASRELSNGELLTFAKIYPMDA
SFDTPEDIPQEILENKRYKDLSGYTVSEVVEQVKKHFGHIDILVHSLANSPEIAKPLLDTSRKGYLAALSTSSYSFISLL
SHFGPIMNAGASTISLTYLASMRAVPGYGGGMNAAKAALESDTKVLAWEAGRRWGVRVNTISAGPLASRAGKAIGFIERM
VDYYQDWAPLPSPMEAEQVGAAAAFLVSPLASAITGETLYVDHGANVMGIGPEMFPKD
;
_entity_poly.pdbx_strand_id   A,B,C,D,E,F,G,H
#
loop_
_chem_comp.id
_chem_comp.type
_chem_comp.name
_chem_comp.formula
0WE non-polymer N-methyl-N-[(3-methyl-1-benzofuran-2-yl)methyl]-3-(7-oxo-5,6,7,8-tetrahydro-1,8-naphthyridin-3-yl)propanamide 'C22 H23 N3 O3'
NAI non-polymer '1,4-DIHYDRONICOTINAMIDE ADENINE DINUCLEOTIDE' 'C21 H29 N7 O14 P2'
#
# COMPACT_ATOMS: atom_id res chain seq x y z
N MET A 1 9.33 -15.16 -50.44
CA MET A 1 8.29 -15.80 -49.66
C MET A 1 8.07 -15.09 -48.32
N LEU A 2 6.86 -15.18 -47.79
CA LEU A 2 6.55 -14.65 -46.48
C LEU A 2 6.02 -15.76 -45.58
N LYS A 3 6.85 -16.21 -44.65
CA LYS A 3 6.48 -17.33 -43.78
C LYS A 3 6.15 -16.89 -42.36
N ILE A 4 5.14 -17.51 -41.79
CA ILE A 4 4.93 -17.46 -40.35
C ILE A 4 5.83 -18.56 -39.80
N ASP A 5 7.00 -18.17 -39.32
CA ASP A 5 8.03 -19.13 -38.97
C ASP A 5 8.22 -19.24 -37.45
N LEU A 6 7.80 -20.37 -36.89
CA LEU A 6 7.91 -20.63 -35.46
C LEU A 6 8.86 -21.79 -35.18
N THR A 7 9.78 -22.04 -36.11
CA THR A 7 10.73 -23.14 -35.97
C THR A 7 11.58 -22.98 -34.72
N GLY A 8 11.67 -24.04 -33.93
CA GLY A 8 12.46 -24.03 -32.71
C GLY A 8 11.76 -23.38 -31.53
N LYS A 9 10.61 -22.77 -31.77
CA LYS A 9 9.89 -22.10 -30.70
C LYS A 9 9.11 -23.11 -29.89
N ILE A 10 9.00 -22.88 -28.59
CA ILE A 10 8.30 -23.78 -27.69
C ILE A 10 7.01 -23.14 -27.20
N ALA A 11 5.89 -23.71 -27.59
CA ALA A 11 4.58 -23.20 -27.17
C ALA A 11 3.96 -24.10 -26.11
N PHE A 12 3.43 -23.50 -25.05
CA PHE A 12 2.65 -24.22 -24.07
C PHE A 12 1.18 -23.87 -24.30
N ILE A 13 0.37 -24.90 -24.56
CA ILE A 13 -1.06 -24.70 -24.78
C ILE A 13 -1.89 -25.27 -23.65
N ALA A 14 -2.47 -24.37 -22.86
CA ALA A 14 -3.28 -24.77 -21.74
C ALA A 14 -4.74 -24.87 -22.14
N GLY A 15 -5.26 -26.10 -22.12
CA GLY A 15 -6.65 -26.31 -22.47
C GLY A 15 -6.85 -27.13 -23.73
N ILE A 16 -6.30 -28.35 -23.76
CA ILE A 16 -6.63 -29.27 -24.84
C ILE A 16 -7.13 -30.56 -24.21
N GLY A 17 -8.40 -30.85 -24.44
CA GLY A 17 -9.04 -32.02 -23.86
C GLY A 17 -9.48 -33.01 -24.92
N ASP A 18 -9.54 -32.54 -26.15
CA ASP A 18 -9.79 -33.41 -27.30
C ASP A 18 -9.40 -32.72 -28.61
N ASP A 19 -9.80 -33.30 -29.73
CA ASP A 19 -9.47 -32.73 -31.03
C ASP A 19 -10.57 -31.80 -31.58
N ASN A 20 -11.52 -31.41 -30.73
CA ASN A 20 -12.71 -30.68 -31.18
C ASN A 20 -12.78 -29.23 -30.74
N GLY A 21 -11.79 -28.79 -29.97
CA GLY A 21 -11.81 -27.42 -29.47
C GLY A 21 -10.85 -26.50 -30.19
N TYR A 22 -10.80 -25.24 -29.76
CA TYR A 22 -9.91 -24.28 -30.37
C TYR A 22 -8.46 -24.59 -29.99
N GLY A 23 -8.25 -25.17 -28.83
CA GLY A 23 -6.91 -25.52 -28.36
C GLY A 23 -6.20 -26.46 -29.33
N TRP A 24 -6.92 -27.47 -29.78
CA TRP A 24 -6.39 -28.40 -30.79
C TRP A 24 -6.07 -27.65 -32.07
N GLY A 25 -7.01 -26.82 -32.52
CA GLY A 25 -6.85 -26.05 -33.73
C GLY A 25 -5.63 -25.14 -33.69
N ILE A 26 -5.37 -24.57 -32.52
CA ILE A 26 -4.20 -23.72 -32.38
C ILE A 26 -2.93 -24.56 -32.40
N ALA A 27 -2.98 -25.69 -31.69
CA ALA A 27 -1.84 -26.61 -31.64
C ALA A 27 -1.43 -27.01 -33.05
N LYS A 28 -2.42 -27.30 -33.87
CA LYS A 28 -2.20 -27.81 -35.22
C LYS A 28 -1.51 -26.75 -36.09
N MET A 29 -1.99 -25.51 -36.00
CA MET A 29 -1.42 -24.43 -36.79
C MET A 29 -0.06 -23.96 -36.28
N LEU A 30 0.14 -23.98 -34.96
CA LEU A 30 1.46 -23.66 -34.43
C LEU A 30 2.47 -24.72 -34.86
N ALA A 31 2.00 -25.97 -34.96
CA ALA A 31 2.85 -27.07 -35.43
C ALA A 31 3.19 -26.90 -36.90
N GLU A 32 2.19 -26.47 -37.67
CA GLU A 32 2.39 -26.23 -39.11
C GLU A 32 3.47 -25.18 -39.32
N ALA A 33 3.55 -24.22 -38.40
CA ALA A 33 4.53 -23.14 -38.49
C ALA A 33 5.88 -23.54 -37.91
N GLY A 34 5.98 -24.75 -37.39
CA GLY A 34 7.25 -25.31 -36.98
C GLY A 34 7.50 -25.34 -35.47
N ALA A 35 6.48 -25.03 -34.69
CA ALA A 35 6.65 -24.96 -33.23
C ALA A 35 6.64 -26.32 -32.56
N THR A 36 7.34 -26.40 -31.43
CA THR A 36 7.30 -27.55 -30.54
C THR A 36 6.15 -27.32 -29.55
N ILE A 37 5.29 -28.32 -29.37
CA ILE A 37 4.06 -28.12 -28.61
C ILE A 37 4.06 -28.87 -27.29
N LEU A 38 3.87 -28.12 -26.19
CA LEU A 38 3.62 -28.72 -24.89
C LEU A 38 2.15 -28.49 -24.57
N VAL A 39 1.53 -29.43 -23.87
CA VAL A 39 0.10 -29.36 -23.63
C VAL A 39 -0.21 -29.44 -22.15
N GLY A 40 -1.04 -28.51 -21.69
CA GLY A 40 -1.67 -28.61 -20.38
C GLY A 40 -3.09 -29.16 -20.52
N THR A 41 -3.33 -30.32 -19.93
CA THR A 41 -4.66 -30.92 -19.99
C THR A 41 -5.25 -31.02 -18.59
N TRP A 42 -6.52 -30.64 -18.46
CA TRP A 42 -7.18 -30.62 -17.15
C TRP A 42 -7.20 -32.00 -16.53
N VAL A 43 -6.75 -32.08 -15.27
CA VAL A 43 -6.59 -33.36 -14.54
C VAL A 43 -7.71 -34.40 -14.73
N PRO A 44 -9.00 -34.00 -14.52
CA PRO A 44 -10.02 -35.06 -14.53
C PRO A 44 -10.21 -35.70 -15.91
N ILE A 45 -9.68 -35.10 -16.96
CA ILE A 45 -9.79 -35.71 -18.29
C ILE A 45 -8.44 -36.09 -18.88
N TYR A 46 -7.38 -35.90 -18.11
CA TYR A 46 -6.03 -36.16 -18.59
C TYR A 46 -5.80 -37.59 -19.08
N LYS A 47 -6.26 -38.55 -18.27
CA LYS A 47 -6.08 -39.97 -18.58
C LYS A 47 -6.76 -40.33 -19.88
N ILE A 48 -8.01 -39.91 -20.02
CA ILE A 48 -8.81 -40.22 -21.21
C ILE A 48 -8.26 -39.54 -22.46
N PHE A 49 -7.84 -38.28 -22.33
CA PHE A 49 -7.26 -37.57 -23.47
C PHE A 49 -5.96 -38.23 -23.92
N SER A 50 -5.06 -38.47 -22.97
CA SER A 50 -3.76 -39.04 -23.29
C SER A 50 -3.87 -40.46 -23.85
N GLN A 51 -4.80 -41.24 -23.30
CA GLN A 51 -5.06 -42.60 -23.76
C GLN A 51 -5.62 -42.59 -25.18
N SER A 52 -6.60 -41.74 -25.41
CA SER A 52 -7.24 -41.67 -26.73
C SER A 52 -6.24 -41.29 -27.81
N LEU A 53 -5.29 -40.42 -27.45
CA LEU A 53 -4.26 -39.99 -28.37
C LEU A 53 -3.32 -41.16 -28.70
N GLU A 54 -2.93 -41.90 -27.68
CA GLU A 54 -2.06 -43.07 -27.86
C GLU A 54 -2.79 -44.21 -28.58
N LEU A 55 -4.10 -44.28 -28.42
CA LEU A 55 -4.88 -45.35 -29.05
C LEU A 55 -5.29 -44.97 -30.45
N GLY A 56 -4.79 -43.82 -30.92
CA GLY A 56 -4.99 -43.39 -32.29
C GLY A 56 -6.37 -42.81 -32.59
N LYS A 57 -7.11 -42.47 -31.55
CA LYS A 57 -8.48 -42.01 -31.73
C LYS A 57 -8.60 -40.62 -32.35
N PHE A 58 -7.49 -39.88 -32.35
CA PHE A 58 -7.52 -38.52 -32.88
C PHE A 58 -6.76 -38.42 -34.20
N ASN A 59 -6.40 -39.56 -34.78
CA ASN A 59 -5.50 -39.54 -35.91
C ASN A 59 -6.04 -38.80 -37.14
N ALA A 60 -7.35 -38.85 -37.34
CA ALA A 60 -7.97 -38.14 -38.45
C ALA A 60 -7.72 -36.63 -38.34
N SER A 61 -7.53 -36.15 -37.11
CA SER A 61 -7.33 -34.73 -36.85
C SER A 61 -5.86 -34.33 -36.70
N ARG A 62 -4.95 -35.28 -36.87
CA ARG A 62 -3.53 -35.04 -36.62
C ARG A 62 -2.72 -34.79 -37.89
N GLU A 63 -3.35 -34.98 -39.04
CA GLU A 63 -2.67 -34.84 -40.33
C GLU A 63 -2.15 -33.41 -40.60
N LEU A 64 -0.84 -33.26 -40.72
CA LEU A 64 -0.22 -31.98 -41.07
C LEU A 64 0.11 -31.92 -42.57
N SER A 65 0.13 -30.70 -43.13
CA SER A 65 0.36 -30.52 -44.56
C SER A 65 1.68 -31.08 -45.08
N ASN A 66 2.64 -31.33 -44.18
CA ASN A 66 3.92 -31.91 -44.61
C ASN A 66 3.92 -33.44 -44.57
N GLY A 67 2.75 -34.03 -44.33
CA GLY A 67 2.63 -35.48 -44.29
C GLY A 67 2.81 -36.08 -42.90
N GLU A 68 3.37 -35.31 -41.97
CA GLU A 68 3.60 -35.81 -40.61
C GLU A 68 2.37 -35.67 -39.73
N LEU A 69 2.39 -36.34 -38.59
CA LEU A 69 1.30 -36.24 -37.63
C LEU A 69 1.60 -35.21 -36.53
N LEU A 70 0.59 -34.43 -36.16
CA LEU A 70 0.68 -33.56 -34.98
C LEU A 70 1.19 -34.38 -33.80
N THR A 71 2.23 -33.87 -33.14
CA THR A 71 2.85 -34.59 -32.03
C THR A 71 3.13 -33.62 -30.90
N PHE A 72 2.89 -34.05 -29.67
CA PHE A 72 3.16 -33.20 -28.51
C PHE A 72 4.42 -33.66 -27.82
N ALA A 73 5.34 -32.75 -27.58
CA ALA A 73 6.59 -33.10 -26.91
C ALA A 73 6.32 -33.61 -25.50
N LYS A 74 5.28 -33.06 -24.86
CA LYS A 74 4.93 -33.46 -23.49
C LYS A 74 3.50 -33.04 -23.17
N ILE A 75 2.76 -33.89 -22.46
CA ILE A 75 1.45 -33.49 -21.96
C ILE A 75 1.46 -33.49 -20.45
N TYR A 76 1.13 -32.35 -19.87
CA TYR A 76 1.16 -32.16 -18.41
C TYR A 76 -0.26 -32.17 -17.89
N PRO A 77 -0.55 -33.03 -16.89
CA PRO A 77 -1.83 -32.87 -16.19
C PRO A 77 -1.78 -31.54 -15.44
N MET A 78 -2.86 -30.78 -15.48
CA MET A 78 -2.86 -29.46 -14.87
C MET A 78 -4.25 -29.10 -14.36
N ASP A 79 -4.31 -28.40 -13.24
CA ASP A 79 -5.55 -27.74 -12.86
C ASP A 79 -5.20 -26.30 -12.58
N ALA A 80 -5.55 -25.41 -13.50
CA ALA A 80 -5.17 -24.01 -13.35
C ALA A 80 -6.08 -23.27 -12.35
N SER A 81 -6.83 -24.01 -11.54
CA SER A 81 -7.54 -23.44 -10.40
C SER A 81 -6.61 -23.29 -9.21
N PHE A 82 -5.44 -23.89 -9.29
CA PHE A 82 -4.56 -24.01 -8.13
C PHE A 82 -3.15 -23.60 -8.51
N ASP A 83 -2.61 -22.63 -7.76
CA ASP A 83 -1.26 -22.15 -8.04
C ASP A 83 -0.18 -23.03 -7.40
N THR A 84 -0.42 -23.46 -6.16
CA THR A 84 0.54 -24.29 -5.45
C THR A 84 -0.20 -25.43 -4.76
N PRO A 85 0.52 -26.49 -4.35
CA PRO A 85 -0.16 -27.62 -3.67
C PRO A 85 -0.99 -27.19 -2.46
N GLU A 86 -0.54 -26.16 -1.77
CA GLU A 86 -1.25 -25.63 -0.61
C GLU A 86 -2.68 -25.21 -0.95
N ASP A 87 -2.90 -24.77 -2.20
CA ASP A 87 -4.22 -24.30 -2.64
C ASP A 87 -5.26 -25.41 -2.81
N ILE A 88 -4.80 -26.66 -2.88
CA ILE A 88 -5.70 -27.76 -3.22
C ILE A 88 -6.52 -28.25 -2.02
N PRO A 89 -7.85 -28.22 -2.15
CA PRO A 89 -8.74 -28.67 -1.07
C PRO A 89 -8.76 -30.21 -0.95
N GLN A 90 -9.14 -30.69 0.23
CA GLN A 90 -9.19 -32.14 0.50
C GLN A 90 -10.15 -32.86 -0.43
N GLU A 91 -11.16 -32.15 -0.91
CA GLU A 91 -12.17 -32.71 -1.79
C GLU A 91 -11.54 -33.11 -3.12
N ILE A 92 -10.61 -32.27 -3.57
CA ILE A 92 -9.86 -32.52 -4.81
C ILE A 92 -8.78 -33.59 -4.58
N LEU A 93 -8.04 -33.49 -3.49
CA LEU A 93 -6.98 -34.45 -3.18
C LEU A 93 -7.51 -35.88 -3.10
N GLU A 94 -8.70 -36.04 -2.53
CA GLU A 94 -9.30 -37.35 -2.34
C GLU A 94 -10.09 -37.82 -3.54
N ASN A 95 -10.23 -36.96 -4.54
CA ASN A 95 -10.86 -37.36 -5.80
C ASN A 95 -9.94 -38.34 -6.52
N LYS A 96 -10.50 -39.47 -6.97
CA LYS A 96 -9.70 -40.53 -7.58
C LYS A 96 -8.98 -40.11 -8.86
N ARG A 97 -9.51 -39.10 -9.55
CA ARG A 97 -8.88 -38.61 -10.78
C ARG A 97 -7.62 -37.81 -10.45
N TYR A 98 -7.59 -37.22 -9.25
CA TYR A 98 -6.46 -36.41 -8.83
C TYR A 98 -5.44 -37.20 -8.00
N LYS A 99 -5.94 -38.13 -7.19
CA LYS A 99 -5.09 -38.79 -6.21
C LYS A 99 -3.94 -39.58 -6.84
N ASP A 100 -4.14 -40.02 -8.08
CA ASP A 100 -3.12 -40.83 -8.75
C ASP A 100 -2.18 -39.99 -9.59
N LEU A 101 -2.31 -38.67 -9.48
CA LEU A 101 -1.44 -37.77 -10.20
C LEU A 101 -0.74 -36.84 -9.22
N SER A 102 0.23 -36.08 -9.71
CA SER A 102 1.01 -35.18 -8.87
C SER A 102 1.66 -34.12 -9.74
N GLY A 103 2.01 -32.99 -9.13
CA GLY A 103 2.69 -31.91 -9.85
C GLY A 103 1.82 -31.21 -10.88
N TYR A 104 0.53 -31.06 -10.59
CA TYR A 104 -0.39 -30.49 -11.57
C TYR A 104 -0.83 -29.03 -11.30
N THR A 105 -0.37 -28.43 -10.21
CA THR A 105 -0.63 -27.00 -10.01
C THR A 105 0.24 -26.17 -10.94
N VAL A 106 -0.15 -24.92 -11.16
CA VAL A 106 0.56 -24.07 -12.11
C VAL A 106 2.06 -23.95 -11.79
N SER A 107 2.39 -23.61 -10.55
CA SER A 107 3.78 -23.45 -10.17
C SER A 107 4.58 -24.73 -10.45
N GLU A 108 3.93 -25.88 -10.26
CA GLU A 108 4.58 -27.17 -10.45
C GLU A 108 4.78 -27.51 -11.93
N VAL A 109 3.77 -27.25 -12.74
CA VAL A 109 3.89 -27.51 -14.18
C VAL A 109 5.02 -26.64 -14.76
N VAL A 110 5.02 -25.36 -14.40
CA VAL A 110 6.05 -24.43 -14.86
C VAL A 110 7.45 -24.86 -14.44
N GLU A 111 7.61 -25.32 -13.20
CA GLU A 111 8.91 -25.81 -12.77
C GLU A 111 9.38 -27.03 -13.59
N GLN A 112 8.43 -27.90 -13.94
CA GLN A 112 8.74 -29.06 -14.79
C GLN A 112 9.16 -28.63 -16.19
N VAL A 113 8.44 -27.66 -16.75
CA VAL A 113 8.76 -27.16 -18.07
C VAL A 113 10.15 -26.54 -18.05
N LYS A 114 10.44 -25.79 -16.98
CA LYS A 114 11.76 -25.17 -16.83
C LYS A 114 12.86 -26.22 -16.78
N LYS A 115 12.63 -27.28 -16.01
CA LYS A 115 13.59 -28.36 -15.87
C LYS A 115 13.89 -29.01 -17.21
N HIS A 116 12.85 -29.27 -17.97
CA HIS A 116 12.97 -30.08 -19.19
C HIS A 116 13.25 -29.28 -20.47
N PHE A 117 12.77 -28.05 -20.54
CA PHE A 117 12.93 -27.22 -21.74
C PHE A 117 13.67 -25.90 -21.50
N GLY A 118 13.74 -25.47 -20.25
CA GLY A 118 14.49 -24.27 -19.89
C GLY A 118 13.73 -22.97 -20.06
N HIS A 119 13.04 -22.83 -21.21
CA HIS A 119 12.30 -21.61 -21.54
C HIS A 119 11.10 -21.94 -22.41
N ILE A 120 10.13 -21.04 -22.47
CA ILE A 120 9.10 -21.14 -23.50
C ILE A 120 9.09 -19.86 -24.31
N ASP A 121 8.40 -19.92 -25.44
CA ASP A 121 8.29 -18.76 -26.35
C ASP A 121 6.86 -18.30 -26.50
N ILE A 122 5.92 -19.24 -26.40
CA ILE A 122 4.53 -18.95 -26.69
C ILE A 122 3.68 -19.56 -25.59
N LEU A 123 2.76 -18.75 -25.06
CA LEU A 123 1.81 -19.23 -24.06
C LEU A 123 0.39 -19.07 -24.60
N VAL A 124 -0.34 -20.17 -24.70
CA VAL A 124 -1.71 -20.14 -25.22
C VAL A 124 -2.68 -20.60 -24.16
N HIS A 125 -3.69 -19.77 -23.91
CA HIS A 125 -4.68 -20.03 -22.88
C HIS A 125 -6.01 -20.28 -23.61
N SER A 126 -6.48 -21.51 -23.54
CA SER A 126 -7.72 -21.88 -24.24
C SER A 126 -8.58 -22.70 -23.29
N LEU A 127 -8.94 -22.08 -22.18
CA LEU A 127 -9.70 -22.78 -21.15
C LEU A 127 -10.69 -21.85 -20.45
N ALA A 128 -11.82 -22.43 -20.06
CA ALA A 128 -12.91 -21.70 -19.45
C ALA A 128 -13.84 -22.71 -18.80
N ASN A 129 -14.46 -22.30 -17.70
CA ASN A 129 -15.53 -23.07 -17.09
C ASN A 129 -16.31 -22.21 -16.11
N SER A 130 -17.62 -22.39 -16.12
CA SER A 130 -18.45 -22.00 -14.99
C SER A 130 -19.30 -23.20 -14.62
N PRO A 131 -19.45 -23.43 -13.32
CA PRO A 131 -20.31 -24.53 -12.86
C PRO A 131 -21.78 -24.17 -13.01
N GLU A 132 -22.09 -22.92 -13.38
CA GLU A 132 -23.48 -22.49 -13.42
C GLU A 132 -23.85 -21.76 -14.72
N ILE A 133 -23.22 -22.14 -15.82
CA ILE A 133 -23.45 -21.42 -17.08
C ILE A 133 -24.92 -21.39 -17.51
N ALA A 134 -25.71 -22.37 -17.08
CA ALA A 134 -27.11 -22.41 -17.48
C ALA A 134 -28.01 -21.49 -16.66
N LYS A 135 -27.43 -20.85 -15.64
CA LYS A 135 -28.20 -19.98 -14.79
C LYS A 135 -28.07 -18.52 -15.23
N PRO A 136 -29.19 -17.80 -15.26
CA PRO A 136 -29.15 -16.33 -15.40
C PRO A 136 -28.19 -15.75 -14.36
N LEU A 137 -27.59 -14.60 -14.65
CA LEU A 137 -26.64 -14.02 -13.72
C LEU A 137 -27.30 -13.70 -12.38
N LEU A 138 -28.57 -13.29 -12.46
CA LEU A 138 -29.36 -12.99 -11.27
C LEU A 138 -29.43 -14.16 -10.31
N ASP A 139 -29.36 -15.36 -10.87
CA ASP A 139 -29.57 -16.58 -10.12
C ASP A 139 -28.28 -17.35 -9.85
N THR A 140 -27.17 -16.72 -10.23
CA THR A 140 -25.84 -17.31 -10.10
C THR A 140 -25.32 -17.07 -8.68
N SER A 141 -24.75 -18.10 -8.08
CA SER A 141 -24.25 -18.00 -6.71
C SER A 141 -22.89 -17.31 -6.65
N ARG A 142 -22.52 -16.84 -5.46
CA ARG A 142 -21.21 -16.24 -5.28
C ARG A 142 -20.09 -17.23 -5.61
N LYS A 143 -20.20 -18.44 -5.08
CA LYS A 143 -19.14 -19.43 -5.32
C LYS A 143 -19.04 -19.75 -6.80
N GLY A 144 -20.18 -19.81 -7.48
CA GLY A 144 -20.18 -20.12 -8.91
C GLY A 144 -19.53 -19.05 -9.76
N TYR A 145 -19.89 -17.80 -9.46
CA TYR A 145 -19.35 -16.62 -10.12
C TYR A 145 -17.84 -16.56 -9.91
N LEU A 146 -17.40 -16.67 -8.66
CA LEU A 146 -15.98 -16.64 -8.38
C LEU A 146 -15.23 -17.83 -8.97
N ALA A 147 -15.92 -18.97 -9.12
CA ALA A 147 -15.30 -20.12 -9.78
C ALA A 147 -15.12 -19.85 -11.27
N ALA A 148 -16.11 -19.22 -11.90
CA ALA A 148 -15.98 -18.86 -13.31
C ALA A 148 -14.76 -17.96 -13.52
N LEU A 149 -14.61 -16.95 -12.66
CA LEU A 149 -13.48 -16.03 -12.75
C LEU A 149 -12.14 -16.68 -12.44
N SER A 150 -12.12 -17.53 -11.42
CA SER A 150 -10.89 -18.20 -11.03
C SER A 150 -10.37 -19.06 -12.17
N THR A 151 -11.25 -19.86 -12.77
CA THR A 151 -10.84 -20.83 -13.79
C THR A 151 -10.60 -20.14 -15.12
N SER A 152 -11.45 -19.18 -15.45
CA SER A 152 -11.46 -18.65 -16.81
C SER A 152 -10.61 -17.40 -16.99
N SER A 153 -10.35 -16.68 -15.89
CA SER A 153 -9.67 -15.40 -15.97
C SER A 153 -8.36 -15.39 -15.19
N TYR A 154 -8.44 -15.63 -13.88
CA TYR A 154 -7.22 -15.55 -13.07
C TYR A 154 -6.21 -16.59 -13.52
N SER A 155 -6.70 -17.73 -14.02
CA SER A 155 -5.83 -18.78 -14.53
C SER A 155 -4.81 -18.22 -15.52
N PHE A 156 -5.24 -17.26 -16.33
CA PHE A 156 -4.31 -16.63 -17.27
C PHE A 156 -3.20 -15.89 -16.54
N ILE A 157 -3.60 -15.05 -15.59
CA ILE A 157 -2.65 -14.29 -14.78
C ILE A 157 -1.65 -15.22 -14.13
N SER A 158 -2.14 -16.31 -13.54
CA SER A 158 -1.26 -17.29 -12.91
C SER A 158 -0.27 -17.89 -13.91
N LEU A 159 -0.76 -18.27 -15.08
CA LEU A 159 0.12 -18.87 -16.08
C LEU A 159 1.19 -17.89 -16.57
N LEU A 160 0.79 -16.66 -16.87
CA LEU A 160 1.75 -15.64 -17.30
C LEU A 160 2.70 -15.23 -16.17
N SER A 161 2.18 -15.06 -14.96
CA SER A 161 3.02 -14.73 -13.81
C SER A 161 4.12 -15.77 -13.55
N HIS A 162 3.76 -17.04 -13.66
CA HIS A 162 4.74 -18.10 -13.44
C HIS A 162 5.65 -18.36 -14.65
N PHE A 163 5.11 -18.33 -15.86
CA PHE A 163 5.92 -18.58 -17.07
C PHE A 163 6.81 -17.39 -17.44
N GLY A 164 6.30 -16.18 -17.22
CA GLY A 164 7.02 -14.95 -17.55
C GLY A 164 8.54 -14.94 -17.36
N PRO A 165 9.03 -15.28 -16.15
CA PRO A 165 10.48 -15.29 -15.93
C PRO A 165 11.26 -16.30 -16.76
N ILE A 166 10.58 -17.23 -17.44
CA ILE A 166 11.32 -18.17 -18.29
C ILE A 166 10.95 -18.02 -19.76
N MET A 167 10.34 -16.90 -20.12
CA MET A 167 10.07 -16.63 -21.52
C MET A 167 11.28 -15.99 -22.21
N ASN A 168 11.54 -16.40 -23.45
CA ASN A 168 12.64 -15.81 -24.21
C ASN A 168 12.20 -14.49 -24.81
N ALA A 169 13.16 -13.77 -25.37
CA ALA A 169 12.86 -12.53 -26.09
C ALA A 169 11.88 -12.83 -27.22
N GLY A 170 10.96 -11.91 -27.48
CA GLY A 170 10.02 -12.09 -28.57
C GLY A 170 8.85 -13.02 -28.23
N ALA A 171 8.77 -13.41 -26.97
CA ALA A 171 7.68 -14.26 -26.49
C ALA A 171 6.34 -13.54 -26.50
N SER A 172 5.26 -14.29 -26.64
CA SER A 172 3.93 -13.70 -26.59
C SER A 172 2.86 -14.67 -26.10
N THR A 173 1.67 -14.14 -25.85
CA THR A 173 0.58 -14.96 -25.32
C THR A 173 -0.70 -14.78 -26.13
N ILE A 174 -1.56 -15.79 -26.02
CA ILE A 174 -2.86 -15.79 -26.69
C ILE A 174 -3.86 -16.31 -25.69
N SER A 175 -5.01 -15.66 -25.60
CA SER A 175 -6.14 -16.19 -24.85
C SER A 175 -7.38 -16.07 -25.72
N LEU A 176 -8.44 -16.77 -25.37
CA LEU A 176 -9.64 -16.78 -26.22
C LEU A 176 -10.83 -16.18 -25.46
N THR A 177 -11.59 -15.30 -26.11
CA THR A 177 -12.73 -14.67 -25.47
C THR A 177 -13.95 -14.73 -26.38
N TYR A 178 -15.05 -14.15 -25.92
CA TYR A 178 -16.29 -14.16 -26.69
C TYR A 178 -17.01 -12.82 -26.47
N LEU A 179 -17.78 -12.39 -27.46
CA LEU A 179 -18.29 -11.01 -27.45
C LEU A 179 -19.26 -10.69 -26.31
N ALA A 180 -19.72 -11.72 -25.60
CA ALA A 180 -20.62 -11.52 -24.47
C ALA A 180 -19.92 -10.82 -23.32
N SER A 181 -18.62 -10.66 -23.44
CA SER A 181 -17.83 -9.93 -22.47
C SER A 181 -18.35 -8.51 -22.22
N MET A 182 -18.68 -7.76 -23.27
CA MET A 182 -19.17 -6.40 -23.04
C MET A 182 -20.43 -6.07 -23.84
N ARG A 183 -21.18 -7.11 -24.20
CA ARG A 183 -22.50 -6.96 -24.78
C ARG A 183 -23.37 -8.06 -24.18
N ALA A 184 -24.63 -7.76 -23.88
CA ALA A 184 -25.48 -8.74 -23.20
C ALA A 184 -25.92 -9.89 -24.10
N VAL A 185 -25.52 -11.10 -23.76
CA VAL A 185 -25.99 -12.28 -24.48
C VAL A 185 -26.68 -13.21 -23.50
N PRO A 186 -28.02 -13.15 -23.43
CA PRO A 186 -28.79 -14.03 -22.54
C PRO A 186 -28.47 -15.48 -22.86
N GLY A 187 -28.24 -16.28 -21.82
CA GLY A 187 -27.83 -17.65 -22.04
C GLY A 187 -26.37 -17.87 -21.67
N TYR A 188 -25.57 -16.81 -21.72
CA TYR A 188 -24.16 -16.93 -21.36
C TYR A 188 -24.05 -16.69 -19.85
N GLY A 189 -24.43 -17.70 -19.06
CA GLY A 189 -24.69 -17.46 -17.64
C GLY A 189 -23.54 -17.83 -16.72
N GLY A 190 -23.84 -17.96 -15.43
CA GLY A 190 -22.88 -18.46 -14.46
C GLY A 190 -21.70 -17.54 -14.24
N GLY A 191 -21.86 -16.28 -14.61
CA GLY A 191 -20.77 -15.31 -14.52
C GLY A 191 -19.77 -15.37 -15.65
N MET A 192 -20.05 -16.13 -16.70
CA MET A 192 -19.11 -16.24 -17.80
C MET A 192 -18.90 -14.89 -18.51
N ASN A 193 -19.94 -14.07 -18.53
CA ASN A 193 -19.78 -12.71 -19.10
C ASN A 193 -18.71 -11.91 -18.34
N ALA A 194 -18.76 -11.98 -17.02
CA ALA A 194 -17.81 -11.27 -16.18
C ALA A 194 -16.41 -11.85 -16.35
N ALA A 195 -16.32 -13.18 -16.47
CA ALA A 195 -15.03 -13.83 -16.66
C ALA A 195 -14.38 -13.38 -17.97
N LYS A 196 -15.17 -13.26 -19.03
CA LYS A 196 -14.61 -12.77 -20.29
C LYS A 196 -14.28 -11.28 -20.26
N ALA A 197 -15.10 -10.49 -19.57
CA ALA A 197 -14.82 -9.07 -19.43
C ALA A 197 -13.49 -8.90 -18.69
N ALA A 198 -13.31 -9.71 -17.65
CA ALA A 198 -12.08 -9.67 -16.85
C ALA A 198 -10.89 -10.08 -17.68
N LEU A 199 -11.06 -11.16 -18.45
CA LEU A 199 -10.01 -11.65 -19.35
C LEU A 199 -9.59 -10.58 -20.35
N GLU A 200 -10.56 -9.90 -20.95
CA GLU A 200 -10.26 -8.81 -21.89
C GLU A 200 -9.62 -7.58 -21.23
N SER A 201 -10.12 -7.19 -20.06
CA SER A 201 -9.50 -6.09 -19.32
C SER A 201 -8.06 -6.46 -18.94
N ASP A 202 -7.87 -7.69 -18.48
CA ASP A 202 -6.55 -8.11 -18.02
C ASP A 202 -5.58 -8.17 -19.21
N THR A 203 -6.10 -8.51 -20.39
CA THR A 203 -5.27 -8.54 -21.60
C THR A 203 -4.57 -7.20 -21.82
N LYS A 204 -5.30 -6.11 -21.58
CA LYS A 204 -4.73 -4.78 -21.80
C LYS A 204 -3.72 -4.42 -20.72
N VAL A 205 -4.12 -4.59 -19.47
CA VAL A 205 -3.24 -4.31 -18.33
C VAL A 205 -1.96 -5.17 -18.38
N LEU A 206 -2.13 -6.45 -18.65
CA LEU A 206 -1.00 -7.37 -18.75
C LEU A 206 -0.09 -7.06 -19.96
N ALA A 207 -0.69 -6.60 -21.05
CA ALA A 207 0.11 -6.16 -22.20
C ALA A 207 1.11 -5.10 -21.76
N TRP A 208 0.65 -4.13 -20.96
CA TRP A 208 1.55 -3.09 -20.46
C TRP A 208 2.56 -3.64 -19.45
N GLU A 209 2.07 -4.39 -18.46
CA GLU A 209 2.95 -4.87 -17.40
C GLU A 209 3.97 -5.88 -17.91
N ALA A 210 3.50 -6.91 -18.61
CA ALA A 210 4.39 -7.92 -19.17
C ALA A 210 5.28 -7.32 -20.24
N GLY A 211 4.74 -6.36 -20.98
CA GLY A 211 5.50 -5.61 -21.98
C GLY A 211 6.70 -4.89 -21.35
N ARG A 212 6.46 -4.20 -20.25
CA ARG A 212 7.54 -3.47 -19.61
C ARG A 212 8.46 -4.37 -18.78
N ARG A 213 7.91 -5.46 -18.24
CA ARG A 213 8.73 -6.35 -17.42
C ARG A 213 9.62 -7.28 -18.25
N TRP A 214 9.06 -7.92 -19.26
CA TRP A 214 9.78 -8.96 -19.99
C TRP A 214 9.84 -8.73 -21.50
N GLY A 215 9.16 -7.69 -21.97
CA GLY A 215 9.07 -7.46 -23.40
C GLY A 215 8.09 -8.42 -24.08
N VAL A 216 7.19 -9.00 -23.28
CA VAL A 216 6.23 -9.99 -23.76
C VAL A 216 4.97 -9.33 -24.34
N ARG A 217 4.45 -9.89 -25.44
CA ARG A 217 3.23 -9.39 -26.03
C ARG A 217 2.05 -10.21 -25.55
N VAL A 218 0.89 -9.58 -25.43
CA VAL A 218 -0.27 -10.23 -24.82
C VAL A 218 -1.50 -9.86 -25.66
N ASN A 219 -2.07 -10.86 -26.34
CA ASN A 219 -3.24 -10.63 -27.19
C ASN A 219 -4.35 -11.65 -26.95
N THR A 220 -5.57 -11.28 -27.32
CA THR A 220 -6.70 -12.18 -27.15
C THR A 220 -7.50 -12.26 -28.46
N ILE A 221 -8.07 -13.43 -28.73
CA ILE A 221 -8.86 -13.61 -29.95
C ILE A 221 -10.31 -13.83 -29.55
N SER A 222 -11.21 -13.03 -30.07
CA SER A 222 -12.64 -13.23 -29.84
C SER A 222 -13.21 -14.06 -31.01
N ALA A 223 -13.66 -15.27 -30.70
CA ALA A 223 -14.01 -16.24 -31.74
C ALA A 223 -15.53 -16.37 -31.92
N GLY A 224 -15.96 -16.84 -33.09
CA GLY A 224 -17.36 -17.19 -33.27
C GLY A 224 -17.66 -18.56 -32.69
N PRO A 225 -18.93 -18.99 -32.74
CA PRO A 225 -19.36 -20.23 -32.07
C PRO A 225 -18.80 -21.48 -32.71
N LEU A 226 -18.44 -22.46 -31.86
CA LEU A 226 -17.88 -23.72 -32.32
C LEU A 226 -18.40 -24.87 -31.47
N ALA A 227 -18.76 -25.96 -32.14
CA ALA A 227 -19.28 -27.16 -31.47
C ALA A 227 -18.17 -27.98 -30.82
N SER A 228 -17.50 -27.39 -29.84
CA SER A 228 -16.45 -28.05 -29.10
C SER A 228 -17.08 -28.79 -27.94
N ARG A 229 -16.25 -29.34 -27.05
CA ARG A 229 -16.79 -30.02 -25.88
C ARG A 229 -17.62 -29.02 -25.09
N ALA A 230 -16.99 -27.89 -24.76
CA ALA A 230 -17.65 -26.82 -24.03
C ALA A 230 -18.88 -26.32 -24.77
N GLY A 231 -18.68 -25.98 -26.06
CA GLY A 231 -19.76 -25.53 -26.92
C GLY A 231 -20.96 -26.47 -26.90
N LYS A 232 -20.72 -27.74 -27.19
CA LYS A 232 -21.80 -28.71 -27.24
C LYS A 232 -22.56 -28.83 -25.92
N ALA A 233 -21.86 -28.62 -24.81
CA ALA A 233 -22.46 -28.78 -23.49
C ALA A 233 -23.49 -27.69 -23.13
N ILE A 234 -23.39 -26.51 -23.75
CA ILE A 234 -24.35 -25.43 -23.49
C ILE A 234 -25.76 -25.81 -23.93
N GLY A 235 -25.87 -26.67 -24.95
CA GLY A 235 -27.14 -27.28 -25.31
C GLY A 235 -27.77 -26.75 -26.59
N PHE A 236 -27.23 -25.66 -27.11
CA PHE A 236 -27.82 -25.00 -28.27
C PHE A 236 -26.78 -24.39 -29.21
N ILE A 237 -25.56 -24.89 -29.14
CA ILE A 237 -24.46 -24.37 -29.94
C ILE A 237 -24.81 -24.40 -31.43
N GLU A 238 -25.58 -25.40 -31.84
CA GLU A 238 -25.97 -25.56 -33.23
C GLU A 238 -26.90 -24.43 -33.67
N ARG A 239 -27.74 -23.95 -32.76
CA ARG A 239 -28.60 -22.81 -33.05
C ARG A 239 -27.77 -21.56 -33.21
N MET A 240 -26.73 -21.43 -32.38
CA MET A 240 -25.84 -20.28 -32.44
C MET A 240 -25.02 -20.28 -33.72
N VAL A 241 -24.57 -21.46 -34.15
CA VAL A 241 -23.82 -21.58 -35.39
C VAL A 241 -24.67 -21.10 -36.56
N ASP A 242 -25.90 -21.58 -36.60
CA ASP A 242 -26.83 -21.21 -37.67
C ASP A 242 -27.18 -19.74 -37.63
N TYR A 243 -27.37 -19.20 -36.43
CA TYR A 243 -27.69 -17.78 -36.30
C TYR A 243 -26.55 -16.92 -36.85
N TYR A 244 -25.31 -17.29 -36.51
CA TYR A 244 -24.16 -16.52 -36.97
C TYR A 244 -24.07 -16.56 -38.49
N GLN A 245 -24.42 -17.70 -39.08
CA GLN A 245 -24.40 -17.81 -40.54
C GLN A 245 -25.39 -16.88 -41.24
N ASP A 246 -26.56 -16.67 -40.64
CA ASP A 246 -27.54 -15.72 -41.19
C ASP A 246 -27.21 -14.25 -40.89
N TRP A 247 -26.41 -14.02 -39.85
CA TRP A 247 -26.18 -12.70 -39.30
C TRP A 247 -24.96 -12.01 -39.89
N ALA A 248 -23.88 -12.79 -40.05
CA ALA A 248 -22.57 -12.22 -40.28
C ALA A 248 -22.36 -11.72 -41.71
N PRO A 249 -21.44 -10.77 -41.88
CA PRO A 249 -20.98 -10.37 -43.21
C PRO A 249 -20.65 -11.57 -44.12
N LEU A 250 -19.97 -12.59 -43.58
CA LEU A 250 -19.71 -13.82 -44.34
C LEU A 250 -20.37 -15.05 -43.69
N PRO A 251 -20.93 -15.94 -44.52
CA PRO A 251 -21.76 -17.04 -44.01
C PRO A 251 -21.01 -18.28 -43.54
N SER A 252 -19.69 -18.34 -43.70
CA SER A 252 -18.98 -19.58 -43.40
C SER A 252 -18.96 -19.90 -41.90
N PRO A 253 -19.07 -21.19 -41.56
CA PRO A 253 -18.99 -21.57 -40.15
C PRO A 253 -17.56 -21.47 -39.62
N MET A 254 -17.41 -21.29 -38.31
CA MET A 254 -16.10 -21.35 -37.69
C MET A 254 -15.44 -22.70 -37.88
N GLU A 255 -14.12 -22.69 -37.97
CA GLU A 255 -13.32 -23.89 -37.92
C GLU A 255 -12.19 -23.55 -36.96
N ALA A 256 -11.79 -24.51 -36.13
CA ALA A 256 -10.79 -24.23 -35.10
C ALA A 256 -9.48 -23.74 -35.70
N GLU A 257 -9.19 -24.17 -36.93
CA GLU A 257 -7.92 -23.81 -37.56
C GLU A 257 -7.90 -22.35 -38.05
N GLN A 258 -9.08 -21.74 -38.15
CA GLN A 258 -9.14 -20.32 -38.46
C GLN A 258 -8.57 -19.50 -37.30
N VAL A 259 -9.00 -19.84 -36.09
CA VAL A 259 -8.50 -19.21 -34.89
C VAL A 259 -7.01 -19.57 -34.72
N GLY A 260 -6.68 -20.81 -35.08
CA GLY A 260 -5.29 -21.25 -35.03
C GLY A 260 -4.38 -20.42 -35.91
N ALA A 261 -4.83 -20.08 -37.12
CA ALA A 261 -4.02 -19.31 -38.05
C ALA A 261 -3.79 -17.89 -37.54
N ALA A 262 -4.85 -17.31 -36.96
CA ALA A 262 -4.72 -16.00 -36.37
C ALA A 262 -3.75 -16.04 -35.19
N ALA A 263 -3.81 -17.11 -34.39
CA ALA A 263 -2.89 -17.25 -33.26
C ALA A 263 -1.44 -17.37 -33.74
N ALA A 264 -1.23 -18.15 -34.79
CA ALA A 264 0.11 -18.31 -35.36
C ALA A 264 0.67 -16.96 -35.78
N PHE A 265 -0.14 -16.18 -36.49
CA PHE A 265 0.32 -14.87 -36.95
C PHE A 265 0.68 -14.02 -35.72
N LEU A 266 -0.23 -13.95 -34.76
CA LEU A 266 -0.04 -13.07 -33.60
C LEU A 266 1.20 -13.37 -32.75
N VAL A 267 1.62 -14.64 -32.66
CA VAL A 267 2.80 -15.00 -31.88
C VAL A 267 4.09 -14.99 -32.69
N SER A 268 3.97 -14.68 -33.98
CA SER A 268 5.11 -14.67 -34.90
C SER A 268 5.79 -13.30 -34.92
N PRO A 269 7.05 -13.24 -35.41
CA PRO A 269 7.75 -11.94 -35.48
C PRO A 269 7.08 -10.94 -36.41
N LEU A 270 6.12 -11.42 -37.20
CA LEU A 270 5.38 -10.54 -38.09
C LEU A 270 4.38 -9.67 -37.33
N ALA A 271 4.17 -9.98 -36.06
CA ALA A 271 3.21 -9.22 -35.27
C ALA A 271 3.86 -8.51 -34.09
N SER A 272 5.15 -8.18 -34.21
CA SER A 272 5.90 -7.57 -33.12
C SER A 272 5.32 -6.22 -32.64
N ALA A 273 4.54 -5.56 -33.50
CA ALA A 273 3.93 -4.29 -33.12
C ALA A 273 2.47 -4.45 -32.65
N ILE A 274 2.05 -5.68 -32.39
CA ILE A 274 0.66 -5.92 -32.00
C ILE A 274 0.61 -6.48 -30.58
N THR A 275 0.02 -5.72 -29.68
CA THR A 275 -0.08 -6.14 -28.29
C THR A 275 -1.28 -5.48 -27.62
N GLY A 276 -1.89 -6.20 -26.69
CA GLY A 276 -3.08 -5.75 -25.98
C GLY A 276 -4.35 -5.84 -26.82
N GLU A 277 -4.22 -6.45 -28.00
CA GLU A 277 -5.31 -6.44 -28.98
C GLU A 277 -6.38 -7.47 -28.68
N THR A 278 -7.64 -7.13 -28.98
CA THR A 278 -8.69 -8.15 -29.08
C THR A 278 -9.00 -8.31 -30.56
N LEU A 279 -8.67 -9.47 -31.13
CA LEU A 279 -8.86 -9.70 -32.57
C LEU A 279 -10.08 -10.56 -32.81
N TYR A 280 -11.03 -10.05 -33.56
CA TYR A 280 -12.25 -10.80 -33.82
C TYR A 280 -12.05 -11.74 -35.01
N VAL A 281 -12.32 -13.01 -34.76
CA VAL A 281 -12.25 -14.03 -35.78
C VAL A 281 -13.61 -14.72 -35.74
N ASP A 282 -14.61 -14.04 -36.28
CA ASP A 282 -16.00 -14.48 -36.17
C ASP A 282 -16.80 -14.16 -37.43
N HIS A 283 -16.10 -14.04 -38.56
CA HIS A 283 -16.72 -13.75 -39.85
C HIS A 283 -17.45 -12.39 -39.86
N GLY A 284 -17.11 -11.55 -38.91
CA GLY A 284 -17.58 -10.16 -38.88
C GLY A 284 -18.89 -9.96 -38.12
N ALA A 285 -19.42 -11.02 -37.50
CA ALA A 285 -20.68 -10.90 -36.77
C ALA A 285 -20.67 -9.76 -35.76
N ASN A 286 -19.55 -9.56 -35.09
CA ASN A 286 -19.44 -8.59 -34.00
C ASN A 286 -19.64 -7.13 -34.44
N VAL A 287 -19.49 -6.85 -35.73
CA VAL A 287 -19.64 -5.48 -36.21
C VAL A 287 -21.08 -5.12 -36.49
N MET A 288 -21.98 -6.11 -36.43
CA MET A 288 -23.36 -5.85 -36.82
C MET A 288 -24.14 -5.08 -35.75
N GLY A 289 -24.96 -4.12 -36.19
CA GLY A 289 -25.74 -3.31 -35.27
C GLY A 289 -27.19 -3.71 -35.14
N ILE A 290 -27.53 -4.84 -35.74
CA ILE A 290 -28.90 -5.33 -35.73
C ILE A 290 -28.90 -6.80 -36.16
N GLY A 291 -29.96 -7.52 -35.83
CA GLY A 291 -30.07 -8.94 -36.17
C GLY A 291 -30.62 -9.14 -37.58
N PRO A 292 -30.53 -10.38 -38.08
CA PRO A 292 -30.91 -10.73 -39.45
C PRO A 292 -32.39 -10.48 -39.82
N GLU A 293 -33.24 -10.24 -38.84
CA GLU A 293 -34.67 -10.02 -39.12
C GLU A 293 -34.95 -8.68 -39.82
N MET A 294 -34.04 -7.72 -39.65
CA MET A 294 -34.25 -6.38 -40.19
C MET A 294 -33.42 -6.10 -41.44
N PHE A 295 -32.68 -7.11 -41.90
CA PHE A 295 -31.94 -7.01 -43.16
C PHE A 295 -32.90 -6.80 -44.34
N MET B 1 -42.23 23.94 -14.48
CA MET B 1 -41.03 23.50 -13.78
C MET B 1 -40.69 22.08 -14.21
N LEU B 2 -39.41 21.74 -14.17
CA LEU B 2 -38.99 20.37 -14.46
C LEU B 2 -38.26 19.74 -13.28
N LYS B 3 -38.98 18.88 -12.56
CA LYS B 3 -38.49 18.34 -11.32
C LYS B 3 -37.97 16.91 -11.44
N ILE B 4 -36.82 16.64 -10.84
CA ILE B 4 -36.39 15.27 -10.59
C ILE B 4 -37.04 14.86 -9.28
N ASP B 5 -38.17 14.17 -9.39
CA ASP B 5 -39.07 13.96 -8.26
C ASP B 5 -38.98 12.56 -7.67
N LEU B 6 -38.33 12.46 -6.51
CA LEU B 6 -38.18 11.17 -5.85
C LEU B 6 -38.95 11.12 -4.53
N THR B 7 -39.96 11.97 -4.42
CA THR B 7 -40.81 12.03 -3.22
C THR B 7 -41.41 10.67 -2.91
N GLY B 8 -41.22 10.22 -1.68
CA GLY B 8 -41.80 8.96 -1.23
C GLY B 8 -41.01 7.72 -1.61
N LYS B 9 -40.08 7.87 -2.55
CA LYS B 9 -39.28 6.74 -3.00
C LYS B 9 -38.27 6.34 -1.94
N ILE B 10 -38.11 5.03 -1.75
CA ILE B 10 -37.20 4.48 -0.75
C ILE B 10 -35.91 4.02 -1.41
N ALA B 11 -34.79 4.60 -0.99
CA ALA B 11 -33.48 4.27 -1.56
C ALA B 11 -32.58 3.60 -0.52
N PHE B 12 -31.93 2.52 -0.95
CA PHE B 12 -30.94 1.84 -0.11
C PHE B 12 -29.56 2.11 -0.70
N ILE B 13 -28.68 2.71 0.08
CA ILE B 13 -27.34 2.99 -0.40
C ILE B 13 -26.27 2.12 0.27
N ALA B 14 -25.67 1.24 -0.53
CA ALA B 14 -24.62 0.37 -0.05
C ALA B 14 -23.26 1.03 -0.20
N GLY B 15 -22.63 1.36 0.93
CA GLY B 15 -21.27 1.87 0.91
C GLY B 15 -21.13 3.34 1.27
N ILE B 16 -21.64 3.71 2.44
CA ILE B 16 -21.33 5.03 2.98
C ILE B 16 -20.62 4.84 4.32
N GLY B 17 -19.37 5.27 4.40
CA GLY B 17 -18.59 5.11 5.62
C GLY B 17 -18.24 6.42 6.30
N ASP B 18 -18.39 7.52 5.56
CA ASP B 18 -18.21 8.86 6.08
C ASP B 18 -18.80 9.84 5.06
N ASP B 19 -18.49 11.13 5.19
CA ASP B 19 -19.05 12.15 4.30
C ASP B 19 -18.15 12.55 3.13
N ASN B 20 -17.11 11.77 2.87
CA ASN B 20 -16.10 12.17 1.90
C ASN B 20 -16.10 11.36 0.62
N GLY B 21 -17.08 10.48 0.48
CA GLY B 21 -17.09 9.58 -0.66
C GLY B 21 -18.22 9.86 -1.61
N TYR B 22 -18.30 9.09 -2.68
CA TYR B 22 -19.41 9.23 -3.61
C TYR B 22 -20.76 8.84 -3.01
N GLY B 23 -20.76 7.85 -2.13
CA GLY B 23 -21.97 7.39 -1.47
C GLY B 23 -22.72 8.52 -0.79
N TRP B 24 -21.99 9.32 -0.01
CA TRP B 24 -22.56 10.47 0.67
C TRP B 24 -23.17 11.47 -0.30
N GLY B 25 -22.43 11.77 -1.36
CA GLY B 25 -22.89 12.74 -2.36
C GLY B 25 -24.20 12.30 -3.01
N ILE B 26 -24.28 11.01 -3.31
CA ILE B 26 -25.50 10.42 -3.87
C ILE B 26 -26.67 10.49 -2.90
N ALA B 27 -26.40 10.19 -1.63
CA ALA B 27 -27.42 10.29 -0.58
C ALA B 27 -28.00 11.69 -0.53
N LYS B 28 -27.11 12.67 -0.49
CA LYS B 28 -27.52 14.06 -0.39
C LYS B 28 -28.43 14.49 -1.53
N MET B 29 -28.08 14.07 -2.75
CA MET B 29 -28.85 14.48 -3.93
C MET B 29 -30.18 13.74 -4.06
N LEU B 30 -30.21 12.45 -3.72
CA LEU B 30 -31.46 11.71 -3.65
C LEU B 30 -32.37 12.32 -2.57
N ALA B 31 -31.76 12.76 -1.47
CA ALA B 31 -32.52 13.42 -0.41
C ALA B 31 -33.09 14.75 -0.88
N GLU B 32 -32.28 15.52 -1.61
CA GLU B 32 -32.77 16.77 -2.18
C GLU B 32 -34.00 16.52 -3.05
N ALA B 33 -33.99 15.40 -3.77
CA ALA B 33 -35.09 15.08 -4.67
C ALA B 33 -36.33 14.51 -3.96
N GLY B 34 -36.18 14.26 -2.65
CA GLY B 34 -37.32 13.83 -1.85
C GLY B 34 -37.26 12.38 -1.35
N ALA B 35 -36.25 11.63 -1.76
CA ALA B 35 -36.13 10.21 -1.38
C ALA B 35 -35.91 10.01 0.11
N THR B 36 -36.44 8.90 0.63
CA THR B 36 -36.08 8.39 1.95
C THR B 36 -34.79 7.57 1.82
N ILE B 37 -33.87 7.75 2.76
CA ILE B 37 -32.53 7.20 2.62
C ILE B 37 -32.22 6.12 3.66
N LEU B 38 -32.04 4.89 3.19
CA LEU B 38 -31.52 3.79 4.00
C LEU B 38 -30.07 3.53 3.61
N VAL B 39 -29.22 3.26 4.59
CA VAL B 39 -27.79 3.11 4.34
C VAL B 39 -27.25 1.76 4.81
N GLY B 40 -26.43 1.14 3.95
CA GLY B 40 -25.69 -0.04 4.33
C GLY B 40 -24.28 0.39 4.65
N THR B 41 -23.85 0.12 5.87
CA THR B 41 -22.53 0.52 6.34
C THR B 41 -21.70 -0.69 6.73
N TRP B 42 -20.48 -0.74 6.21
CA TRP B 42 -19.56 -1.84 6.46
C TRP B 42 -19.35 -2.09 7.95
N VAL B 43 -19.53 -3.33 8.39
CA VAL B 43 -19.51 -3.66 9.82
C VAL B 43 -18.36 -3.06 10.65
N PRO B 44 -17.10 -3.15 10.17
CA PRO B 44 -15.96 -2.66 10.98
C PRO B 44 -16.00 -1.17 11.30
N ILE B 45 -16.73 -0.41 10.50
CA ILE B 45 -16.79 1.04 10.70
C ILE B 45 -18.21 1.52 10.96
N TYR B 46 -19.13 0.60 11.19
CA TYR B 46 -20.51 0.96 11.47
C TYR B 46 -20.70 1.78 12.75
N LYS B 47 -20.02 1.37 13.82
CA LYS B 47 -20.15 2.08 15.10
C LYS B 47 -19.54 3.48 15.06
N ILE B 48 -18.30 3.57 14.59
CA ILE B 48 -17.64 4.86 14.43
C ILE B 48 -18.47 5.82 13.58
N PHE B 49 -19.02 5.31 12.48
CA PHE B 49 -19.81 6.12 11.58
C PHE B 49 -21.11 6.61 12.22
N SER B 50 -21.87 5.70 12.81
CA SER B 50 -23.14 6.09 13.42
C SER B 50 -22.94 7.00 14.63
N GLN B 51 -21.88 6.76 15.40
CA GLN B 51 -21.56 7.61 16.55
C GLN B 51 -21.13 9.00 16.08
N SER B 52 -20.26 9.05 15.09
CA SER B 52 -19.83 10.33 14.51
C SER B 52 -21.02 11.15 14.00
N LEU B 53 -22.00 10.44 13.46
CA LEU B 53 -23.19 11.09 12.90
C LEU B 53 -24.01 11.80 13.96
N GLU B 54 -24.33 11.09 15.04
CA GLU B 54 -25.19 11.65 16.09
C GLU B 54 -24.44 12.60 17.00
N LEU B 55 -23.11 12.51 16.98
CA LEU B 55 -22.25 13.44 17.70
C LEU B 55 -22.25 14.78 16.96
N GLY B 56 -22.68 14.74 15.70
CA GLY B 56 -22.78 15.92 14.86
C GLY B 56 -21.55 16.22 14.03
N LYS B 57 -20.65 15.25 13.91
CA LYS B 57 -19.39 15.44 13.20
C LYS B 57 -19.59 15.73 11.72
N PHE B 58 -20.72 15.29 11.16
CA PHE B 58 -20.97 15.47 9.73
C PHE B 58 -22.02 16.54 9.41
N ASN B 59 -22.37 17.35 10.42
CA ASN B 59 -23.46 18.32 10.26
C ASN B 59 -23.23 19.35 9.16
N ALA B 60 -21.97 19.67 8.89
CA ALA B 60 -21.64 20.62 7.84
C ALA B 60 -21.92 20.02 6.45
N SER B 61 -21.79 18.70 6.35
CA SER B 61 -22.03 18.04 5.06
C SER B 61 -23.46 17.55 4.91
N ARG B 62 -24.29 17.83 5.92
CA ARG B 62 -25.67 17.34 5.92
C ARG B 62 -26.69 18.39 5.45
N GLU B 63 -26.26 19.64 5.33
CA GLU B 63 -27.19 20.72 5.00
C GLU B 63 -27.78 20.58 3.58
N LEU B 64 -29.11 20.58 3.52
CA LEU B 64 -29.82 20.52 2.25
C LEU B 64 -30.29 21.91 1.81
N SER B 65 -30.76 22.01 0.58
CA SER B 65 -31.17 23.29 0.02
C SER B 65 -32.50 23.76 0.60
N ASN B 66 -33.33 22.83 1.07
CA ASN B 66 -34.59 23.20 1.69
C ASN B 66 -34.40 23.69 3.12
N GLY B 67 -33.14 23.66 3.58
CA GLY B 67 -32.80 24.13 4.90
C GLY B 67 -32.77 23.03 5.95
N GLU B 68 -33.12 21.81 5.55
CA GLU B 68 -33.16 20.67 6.46
C GLU B 68 -31.82 19.95 6.47
N LEU B 69 -31.68 18.97 7.37
CA LEU B 69 -30.48 18.15 7.45
C LEU B 69 -30.71 16.80 6.80
N LEU B 70 -29.68 16.27 6.15
CA LEU B 70 -29.74 14.92 5.61
C LEU B 70 -29.96 13.91 6.72
N THR B 71 -31.01 13.10 6.57
CA THR B 71 -31.40 12.15 7.61
C THR B 71 -31.51 10.75 7.04
N PHE B 72 -30.82 9.81 7.68
CA PHE B 72 -30.92 8.42 7.30
C PHE B 72 -32.03 7.78 8.13
N ALA B 73 -33.02 7.22 7.45
CA ALA B 73 -34.15 6.58 8.14
C ALA B 73 -33.72 5.35 8.96
N LYS B 74 -32.84 4.53 8.39
CA LYS B 74 -32.26 3.40 9.09
C LYS B 74 -30.83 3.21 8.59
N ILE B 75 -29.92 2.91 9.51
CA ILE B 75 -28.57 2.54 9.11
C ILE B 75 -28.33 1.08 9.48
N TYR B 76 -27.96 0.27 8.50
CA TYR B 76 -27.77 -1.17 8.68
C TYR B 76 -26.31 -1.58 8.63
N PRO B 77 -25.82 -2.23 9.71
CA PRO B 77 -24.51 -2.89 9.64
C PRO B 77 -24.55 -3.92 8.53
N MET B 78 -23.55 -3.92 7.66
CA MET B 78 -23.58 -4.84 6.54
C MET B 78 -22.18 -5.25 6.11
N ASP B 79 -22.04 -6.52 5.73
CA ASP B 79 -20.86 -6.93 5.00
C ASP B 79 -21.28 -7.67 3.74
N ALA B 80 -21.07 -7.02 2.60
CA ALA B 80 -21.53 -7.49 1.30
C ALA B 80 -20.65 -8.59 0.74
N SER B 81 -19.67 -9.04 1.54
CA SER B 81 -18.88 -10.23 1.21
C SER B 81 -19.70 -11.50 1.44
N PHE B 82 -20.80 -11.37 2.18
CA PHE B 82 -21.53 -12.52 2.71
C PHE B 82 -22.99 -12.44 2.30
N ASP B 83 -23.53 -13.55 1.80
CA ASP B 83 -24.91 -13.57 1.35
C ASP B 83 -25.83 -14.11 2.43
N THR B 84 -25.40 -15.18 3.11
CA THR B 84 -26.14 -15.76 4.24
C THR B 84 -25.14 -16.09 5.36
N PRO B 85 -25.64 -16.26 6.60
CA PRO B 85 -24.74 -16.57 7.71
C PRO B 85 -23.86 -17.80 7.43
N GLU B 86 -24.35 -18.74 6.64
CA GLU B 86 -23.56 -19.91 6.28
C GLU B 86 -22.23 -19.51 5.62
N ASP B 87 -22.21 -18.35 4.98
CA ASP B 87 -21.05 -17.87 4.24
C ASP B 87 -19.92 -17.33 5.11
N ILE B 88 -20.23 -17.01 6.36
CA ILE B 88 -19.30 -16.30 7.23
C ILE B 88 -18.21 -17.20 7.79
N PRO B 89 -16.94 -16.84 7.55
CA PRO B 89 -15.81 -17.63 8.04
C PRO B 89 -15.56 -17.41 9.54
N GLN B 90 -14.84 -18.37 10.14
CA GLN B 90 -14.61 -18.42 11.58
C GLN B 90 -13.97 -17.16 12.15
N GLU B 91 -12.87 -16.72 11.55
CA GLU B 91 -12.15 -15.53 12.01
C GLU B 91 -13.05 -14.29 12.07
N ILE B 92 -13.96 -14.18 11.11
CA ILE B 92 -14.89 -13.06 11.08
C ILE B 92 -15.94 -13.19 12.18
N LEU B 93 -16.46 -14.40 12.35
CA LEU B 93 -17.49 -14.68 13.35
C LEU B 93 -17.06 -14.31 14.77
N GLU B 94 -15.79 -14.51 15.07
CA GLU B 94 -15.28 -14.30 16.42
C GLU B 94 -14.62 -12.92 16.56
N ASN B 95 -14.59 -12.17 15.46
CA ASN B 95 -13.96 -10.86 15.46
C ASN B 95 -14.72 -9.84 16.29
N LYS B 96 -13.98 -9.07 17.07
CA LYS B 96 -14.53 -8.08 17.99
C LYS B 96 -15.68 -7.24 17.42
N ARG B 97 -15.55 -6.81 16.16
CA ARG B 97 -16.54 -5.91 15.59
C ARG B 97 -17.76 -6.61 14.98
N TYR B 98 -17.65 -7.90 14.71
CA TYR B 98 -18.79 -8.63 14.15
C TYR B 98 -19.54 -9.39 15.25
N LYS B 99 -18.80 -9.89 16.23
CA LYS B 99 -19.30 -10.92 17.15
C LYS B 99 -20.51 -10.50 18.00
N ASP B 100 -20.72 -9.20 18.17
CA ASP B 100 -21.84 -8.72 18.96
C ASP B 100 -23.00 -8.27 18.06
N LEU B 101 -22.68 -7.92 16.82
CA LEU B 101 -23.69 -7.55 15.84
C LEU B 101 -24.31 -8.80 15.21
N SER B 102 -25.45 -8.63 14.55
CA SER B 102 -26.12 -9.75 13.89
C SER B 102 -27.06 -9.26 12.80
N GLY B 103 -27.26 -10.09 11.77
CA GLY B 103 -28.13 -9.73 10.67
C GLY B 103 -27.45 -8.84 9.65
N TYR B 104 -26.15 -9.05 9.44
CA TYR B 104 -25.40 -8.17 8.55
C TYR B 104 -25.09 -8.76 7.17
N THR B 105 -25.51 -9.99 6.92
CA THR B 105 -25.36 -10.56 5.57
C THR B 105 -26.41 -9.95 4.65
N VAL B 106 -26.14 -9.95 3.35
CA VAL B 106 -27.05 -9.31 2.39
C VAL B 106 -28.49 -9.80 2.54
N SER B 107 -28.66 -11.11 2.70
CA SER B 107 -30.00 -11.67 2.80
C SER B 107 -30.74 -11.16 4.02
N GLU B 108 -30.04 -11.14 5.15
CA GLU B 108 -30.58 -10.67 6.43
C GLU B 108 -30.94 -9.19 6.40
N VAL B 109 -30.07 -8.38 5.78
CA VAL B 109 -30.34 -6.94 5.65
C VAL B 109 -31.57 -6.68 4.78
N VAL B 110 -31.68 -7.37 3.66
CA VAL B 110 -32.86 -7.23 2.83
C VAL B 110 -34.14 -7.65 3.57
N GLU B 111 -34.04 -8.70 4.38
CA GLU B 111 -35.20 -9.16 5.16
C GLU B 111 -35.64 -8.11 6.17
N GLN B 112 -34.68 -7.42 6.78
CA GLN B 112 -34.99 -6.36 7.72
C GLN B 112 -35.70 -5.21 7.02
N VAL B 113 -35.14 -4.79 5.88
CA VAL B 113 -35.72 -3.71 5.10
C VAL B 113 -37.14 -4.07 4.68
N LYS B 114 -37.35 -5.31 4.27
CA LYS B 114 -38.67 -5.80 3.89
C LYS B 114 -39.66 -5.72 5.04
N LYS B 115 -39.22 -6.10 6.24
CA LYS B 115 -40.07 -5.98 7.42
C LYS B 115 -40.38 -4.52 7.71
N HIS B 116 -39.34 -3.71 7.80
CA HIS B 116 -39.46 -2.29 8.09
C HIS B 116 -40.26 -1.52 7.03
N PHE B 117 -39.90 -1.70 5.76
CA PHE B 117 -40.40 -0.81 4.71
C PHE B 117 -41.23 -1.48 3.61
N GLY B 118 -41.31 -2.81 3.63
CA GLY B 118 -42.09 -3.52 2.64
C GLY B 118 -41.46 -3.63 1.27
N HIS B 119 -41.03 -2.49 0.71
CA HIS B 119 -40.46 -2.41 -0.62
C HIS B 119 -39.41 -1.32 -0.71
N ILE B 120 -38.59 -1.36 -1.75
CA ILE B 120 -37.68 -0.27 -2.05
C ILE B 120 -37.81 0.16 -3.51
N ASP B 121 -37.26 1.32 -3.83
CA ASP B 121 -37.41 1.90 -5.15
C ASP B 121 -36.06 2.06 -5.84
N ILE B 122 -35.03 2.35 -5.05
CA ILE B 122 -33.73 2.69 -5.60
C ILE B 122 -32.62 1.95 -4.85
N LEU B 123 -31.72 1.31 -5.60
CA LEU B 123 -30.58 0.64 -5.00
C LEU B 123 -29.30 1.27 -5.52
N VAL B 124 -28.47 1.77 -4.61
CA VAL B 124 -27.21 2.40 -4.98
C VAL B 124 -26.05 1.55 -4.47
N HIS B 125 -25.13 1.20 -5.37
CA HIS B 125 -23.97 0.42 -5.03
C HIS B 125 -22.77 1.33 -5.12
N SER B 126 -22.22 1.71 -3.97
CA SER B 126 -21.07 2.59 -3.96
C SER B 126 -19.96 1.97 -3.14
N LEU B 127 -19.49 0.81 -3.56
CA LEU B 127 -18.50 0.10 -2.77
C LEU B 127 -17.51 -0.72 -3.60
N ALA B 128 -16.28 -0.76 -3.10
CA ALA B 128 -15.22 -1.46 -3.80
C ALA B 128 -14.05 -1.62 -2.84
N ASN B 129 -13.29 -2.69 -3.04
CA ASN B 129 -12.06 -2.89 -2.30
C ASN B 129 -11.25 -3.98 -2.91
N SER B 130 -9.94 -3.78 -2.95
CA SER B 130 -9.05 -4.88 -3.17
C SER B 130 -7.99 -4.82 -2.10
N PRO B 131 -7.68 -5.96 -1.49
CA PRO B 131 -6.66 -5.98 -0.46
C PRO B 131 -5.27 -5.84 -1.07
N GLU B 132 -5.18 -5.88 -2.39
CA GLU B 132 -3.88 -5.80 -3.05
C GLU B 132 -3.81 -4.70 -4.10
N ILE B 133 -4.50 -3.59 -3.87
CA ILE B 133 -4.57 -2.54 -4.90
C ILE B 133 -3.22 -1.93 -5.29
N ALA B 134 -2.26 -1.99 -4.38
CA ALA B 134 -0.94 -1.43 -4.63
C ALA B 134 -0.11 -2.32 -5.53
N LYS B 135 -0.57 -3.56 -5.75
CA LYS B 135 0.20 -4.53 -6.51
C LYS B 135 -0.12 -4.56 -8.00
N PRO B 136 0.91 -4.65 -8.83
CA PRO B 136 0.70 -4.96 -10.26
C PRO B 136 -0.20 -6.17 -10.42
N LEU B 137 -1.02 -6.19 -11.46
CA LEU B 137 -1.86 -7.36 -11.73
C LEU B 137 -1.01 -8.64 -11.78
N LEU B 138 0.14 -8.55 -12.44
CA LEU B 138 1.09 -9.66 -12.50
C LEU B 138 1.48 -10.23 -11.13
N ASP B 139 1.46 -9.38 -10.11
CA ASP B 139 1.91 -9.79 -8.79
C ASP B 139 0.74 -9.99 -7.82
N THR B 140 -0.47 -9.88 -8.35
CA THR B 140 -1.67 -9.99 -7.54
C THR B 140 -2.01 -11.45 -7.33
N SER B 141 -2.31 -11.82 -6.09
CA SER B 141 -2.64 -13.20 -5.76
C SER B 141 -4.06 -13.59 -6.17
N ARG B 142 -4.32 -14.89 -6.28
CA ARG B 142 -5.66 -15.39 -6.62
C ARG B 142 -6.66 -14.98 -5.54
N LYS B 143 -6.26 -15.11 -4.28
CA LYS B 143 -7.15 -14.74 -3.19
C LYS B 143 -7.46 -13.24 -3.23
N GLY B 144 -6.48 -12.41 -3.58
CA GLY B 144 -6.69 -10.97 -3.66
C GLY B 144 -7.61 -10.54 -4.79
N TYR B 145 -7.38 -11.14 -5.96
CA TYR B 145 -8.16 -10.88 -7.17
C TYR B 145 -9.61 -11.28 -6.96
N LEU B 146 -9.82 -12.49 -6.47
CA LEU B 146 -11.18 -12.96 -6.25
C LEU B 146 -11.86 -12.17 -5.13
N ALA B 147 -11.07 -11.69 -4.16
CA ALA B 147 -11.64 -10.89 -3.10
C ALA B 147 -12.10 -9.55 -3.69
N ALA B 148 -11.33 -9.04 -4.64
CA ALA B 148 -11.71 -7.78 -5.28
C ALA B 148 -13.01 -7.95 -6.06
N LEU B 149 -13.10 -9.03 -6.84
CA LEU B 149 -14.34 -9.33 -7.54
C LEU B 149 -15.53 -9.59 -6.61
N SER B 150 -15.30 -10.35 -5.55
CA SER B 150 -16.34 -10.65 -4.57
C SER B 150 -16.90 -9.36 -3.99
N THR B 151 -16.01 -8.50 -3.49
CA THR B 151 -16.45 -7.29 -2.80
C THR B 151 -16.97 -6.22 -3.75
N SER B 152 -16.30 -6.06 -4.89
CA SER B 152 -16.56 -4.92 -5.78
C SER B 152 -17.57 -5.22 -6.88
N SER B 153 -17.77 -6.50 -7.20
CA SER B 153 -18.58 -6.88 -8.37
C SER B 153 -19.75 -7.79 -8.02
N TYR B 154 -19.46 -8.94 -7.43
CA TYR B 154 -20.54 -9.85 -7.08
C TYR B 154 -21.51 -9.26 -6.04
N SER B 155 -20.98 -8.46 -5.13
CA SER B 155 -21.82 -7.77 -4.15
C SER B 155 -23.03 -7.09 -4.81
N PHE B 156 -22.84 -6.47 -5.97
CA PHE B 156 -23.97 -5.82 -6.64
C PHE B 156 -25.04 -6.84 -7.07
N ILE B 157 -24.59 -7.95 -7.64
CA ILE B 157 -25.49 -9.02 -8.04
C ILE B 157 -26.27 -9.53 -6.84
N SER B 158 -25.58 -9.76 -5.73
CA SER B 158 -26.24 -10.23 -4.50
C SER B 158 -27.31 -9.23 -4.04
N LEU B 159 -26.94 -7.94 -4.04
CA LEU B 159 -27.88 -6.91 -3.63
C LEU B 159 -29.10 -6.85 -4.55
N LEU B 160 -28.87 -6.91 -5.85
CA LEU B 160 -30.00 -6.89 -6.79
C LEU B 160 -30.85 -8.16 -6.71
N SER B 161 -30.18 -9.32 -6.67
CA SER B 161 -30.87 -10.60 -6.56
C SER B 161 -31.82 -10.63 -5.37
N HIS B 162 -31.34 -10.19 -4.21
CA HIS B 162 -32.16 -10.19 -3.01
C HIS B 162 -33.20 -9.07 -2.97
N PHE B 163 -32.85 -7.90 -3.48
CA PHE B 163 -33.75 -6.74 -3.42
C PHE B 163 -34.82 -6.73 -4.51
N GLY B 164 -34.45 -7.23 -5.69
CA GLY B 164 -35.35 -7.29 -6.82
C GLY B 164 -36.81 -7.66 -6.54
N PRO B 165 -37.05 -8.78 -5.83
CA PRO B 165 -38.44 -9.23 -5.64
C PRO B 165 -39.30 -8.28 -4.81
N ILE B 166 -38.67 -7.39 -4.04
CA ILE B 166 -39.43 -6.40 -3.27
C ILE B 166 -39.27 -4.98 -3.85
N MET B 167 -38.77 -4.89 -5.07
CA MET B 167 -38.70 -3.58 -5.73
C MET B 167 -40.03 -3.19 -6.34
N ASN B 168 -40.43 -1.93 -6.16
CA ASN B 168 -41.66 -1.43 -6.75
C ASN B 168 -41.55 -1.21 -8.25
N ALA B 169 -42.70 -1.04 -8.90
CA ALA B 169 -42.71 -0.61 -10.29
C ALA B 169 -41.85 0.64 -10.42
N GLY B 170 -41.10 0.74 -11.51
CA GLY B 170 -40.32 1.94 -11.79
C GLY B 170 -38.98 1.98 -11.08
N ALA B 171 -38.61 0.87 -10.46
CA ALA B 171 -37.41 0.81 -9.63
C ALA B 171 -36.13 0.82 -10.48
N SER B 172 -35.02 1.27 -9.91
CA SER B 172 -33.75 1.23 -10.64
C SER B 172 -32.53 1.14 -9.74
N THR B 173 -31.40 0.84 -10.36
CA THR B 173 -30.14 0.73 -9.64
C THR B 173 -29.04 1.62 -10.23
N ILE B 174 -28.12 2.02 -9.37
CA ILE B 174 -26.91 2.75 -9.76
C ILE B 174 -25.67 2.07 -9.16
N SER B 175 -24.62 1.90 -9.96
CA SER B 175 -23.31 1.52 -9.44
C SER B 175 -22.26 2.49 -9.91
N LEU B 176 -21.06 2.39 -9.35
CA LEU B 176 -19.98 3.31 -9.70
C LEU B 176 -18.79 2.56 -10.25
N THR B 177 -18.19 3.12 -11.29
CA THR B 177 -17.07 2.45 -11.95
C THR B 177 -16.01 3.48 -12.35
N TYR B 178 -14.90 3.00 -12.92
CA TYR B 178 -13.80 3.85 -13.32
C TYR B 178 -13.24 3.36 -14.66
N LEU B 179 -12.66 4.27 -15.45
CA LEU B 179 -12.36 3.93 -16.84
C LEU B 179 -11.30 2.86 -17.00
N ALA B 180 -10.65 2.49 -15.90
CA ALA B 180 -9.62 1.46 -15.92
C ALA B 180 -10.21 0.06 -16.18
N SER B 181 -11.54 -0.02 -16.23
CA SER B 181 -12.22 -1.27 -16.51
C SER B 181 -11.84 -1.83 -17.88
N MET B 182 -11.74 -0.96 -18.89
CA MET B 182 -11.41 -1.48 -20.23
C MET B 182 -10.30 -0.71 -20.96
N ARG B 183 -9.50 0.01 -20.17
CA ARG B 183 -8.31 0.65 -20.66
C ARG B 183 -7.25 0.56 -19.57
N ALA B 184 -6.01 0.25 -19.96
CA ALA B 184 -4.95 -0.02 -18.98
C ALA B 184 -4.51 1.23 -18.23
N VAL B 185 -4.69 1.20 -16.91
CA VAL B 185 -4.22 2.24 -16.00
C VAL B 185 -3.26 1.63 -15.00
N PRO B 186 -1.94 1.76 -15.26
CA PRO B 186 -0.98 1.15 -14.33
C PRO B 186 -1.16 1.73 -12.93
N GLY B 187 -1.16 0.87 -11.91
CA GLY B 187 -1.37 1.31 -10.54
C GLY B 187 -2.76 1.08 -10.00
N TYR B 188 -3.71 0.81 -10.89
CA TYR B 188 -5.03 0.36 -10.45
C TYR B 188 -4.92 -1.14 -10.26
N GLY B 189 -4.22 -1.55 -9.21
CA GLY B 189 -3.82 -2.94 -9.07
C GLY B 189 -4.76 -3.83 -8.30
N GLY B 190 -4.26 -5.01 -7.94
CA GLY B 190 -5.01 -5.96 -7.13
C GLY B 190 -6.29 -6.46 -7.77
N GLY B 191 -6.31 -6.52 -9.10
CA GLY B 191 -7.49 -6.96 -9.82
C GLY B 191 -8.65 -5.98 -9.91
N MET B 192 -8.44 -4.73 -9.49
CA MET B 192 -9.52 -3.73 -9.57
C MET B 192 -9.96 -3.44 -11.01
N ASN B 193 -9.05 -3.53 -11.97
CA ASN B 193 -9.43 -3.42 -13.38
C ASN B 193 -10.46 -4.48 -13.74
N ALA B 194 -10.20 -5.74 -13.33
CA ALA B 194 -11.11 -6.83 -13.60
C ALA B 194 -12.43 -6.67 -12.85
N ALA B 195 -12.35 -6.17 -11.62
CA ALA B 195 -13.55 -5.97 -10.84
C ALA B 195 -14.48 -4.98 -11.54
N LYS B 196 -13.91 -3.88 -12.05
CA LYS B 196 -14.71 -2.87 -12.72
C LYS B 196 -15.19 -3.37 -14.10
N ALA B 197 -14.33 -4.11 -14.78
CA ALA B 197 -14.75 -4.70 -16.06
C ALA B 197 -15.99 -5.60 -15.84
N ALA B 198 -15.93 -6.42 -14.81
CA ALA B 198 -17.05 -7.29 -14.47
C ALA B 198 -18.29 -6.48 -14.11
N LEU B 199 -18.11 -5.48 -13.26
CA LEU B 199 -19.23 -4.62 -12.87
C LEU B 199 -19.94 -4.03 -14.11
N GLU B 200 -19.16 -3.50 -15.05
CA GLU B 200 -19.73 -2.92 -16.27
C GLU B 200 -20.38 -3.95 -17.18
N SER B 201 -19.78 -5.13 -17.29
CA SER B 201 -20.39 -6.18 -18.09
C SER B 201 -21.69 -6.66 -17.45
N ASP B 202 -21.64 -6.89 -16.14
CA ASP B 202 -22.83 -7.24 -15.37
C ASP B 202 -23.94 -6.18 -15.52
N THR B 203 -23.56 -4.90 -15.60
CA THR B 203 -24.56 -3.83 -15.77
C THR B 203 -25.44 -4.07 -17.01
N LYS B 204 -24.79 -4.44 -18.12
CA LYS B 204 -25.51 -4.73 -19.35
C LYS B 204 -26.40 -5.97 -19.23
N VAL B 205 -25.81 -7.06 -18.75
CA VAL B 205 -26.54 -8.32 -18.59
C VAL B 205 -27.72 -8.18 -17.64
N LEU B 206 -27.48 -7.56 -16.49
CA LEU B 206 -28.52 -7.39 -15.49
C LEU B 206 -29.61 -6.41 -15.96
N ALA B 207 -29.23 -5.40 -16.74
CA ALA B 207 -30.26 -4.54 -17.33
C ALA B 207 -31.27 -5.35 -18.14
N TRP B 208 -30.79 -6.35 -18.89
CA TRP B 208 -31.71 -7.19 -19.64
C TRP B 208 -32.46 -8.07 -18.66
N GLU B 209 -31.72 -8.72 -17.76
CA GLU B 209 -32.32 -9.73 -16.89
C GLU B 209 -33.34 -9.12 -15.92
N ALA B 210 -32.90 -8.12 -15.17
CA ALA B 210 -33.76 -7.40 -14.23
C ALA B 210 -34.87 -6.65 -14.95
N GLY B 211 -34.55 -6.14 -16.14
CA GLY B 211 -35.51 -5.43 -16.96
C GLY B 211 -36.67 -6.34 -17.33
N ARG B 212 -36.36 -7.53 -17.83
CA ARG B 212 -37.41 -8.49 -18.18
C ARG B 212 -38.09 -9.12 -16.96
N ARG B 213 -37.32 -9.38 -15.91
CA ARG B 213 -37.90 -10.05 -14.75
C ARG B 213 -38.80 -9.15 -13.91
N TRP B 214 -38.36 -7.93 -13.63
CA TRP B 214 -39.08 -7.04 -12.73
C TRP B 214 -39.36 -5.64 -13.31
N GLY B 215 -38.89 -5.39 -14.52
CA GLY B 215 -39.03 -4.06 -15.10
C GLY B 215 -38.08 -3.03 -14.50
N VAL B 216 -37.08 -3.53 -13.79
CA VAL B 216 -36.08 -2.69 -13.14
C VAL B 216 -35.01 -2.19 -14.14
N ARG B 217 -34.61 -0.92 -14.03
CA ARG B 217 -33.52 -0.39 -14.84
C ARG B 217 -32.17 -0.46 -14.10
N VAL B 218 -31.10 -0.68 -14.84
CA VAL B 218 -29.77 -0.87 -14.27
C VAL B 218 -28.72 -0.04 -15.01
N ASN B 219 -28.09 0.89 -14.29
CA ASN B 219 -27.14 1.81 -14.89
C ASN B 219 -25.88 2.00 -14.03
N THR B 220 -24.77 2.37 -14.66
CA THR B 220 -23.54 2.62 -13.91
C THR B 220 -22.97 3.99 -14.30
N ILE B 221 -22.30 4.64 -13.35
CA ILE B 221 -21.67 5.93 -13.59
C ILE B 221 -20.16 5.79 -13.48
N SER B 222 -19.44 6.30 -14.48
CA SER B 222 -17.98 6.25 -14.46
C SER B 222 -17.47 7.63 -14.05
N ALA B 223 -16.87 7.72 -12.85
CA ALA B 223 -16.50 9.00 -12.27
C ALA B 223 -15.02 9.36 -12.39
N GLY B 224 -14.73 10.68 -12.41
CA GLY B 224 -13.36 11.15 -12.26
C GLY B 224 -12.85 10.96 -10.84
N PRO B 225 -11.54 11.23 -10.60
CA PRO B 225 -10.92 11.01 -9.30
C PRO B 225 -11.47 11.92 -8.20
N LEU B 226 -11.62 11.34 -7.01
CA LEU B 226 -12.12 12.05 -5.82
C LEU B 226 -11.25 11.70 -4.62
N ALA B 227 -10.96 12.69 -3.79
CA ALA B 227 -10.20 12.49 -2.55
C ALA B 227 -11.06 11.87 -1.42
N SER B 228 -11.46 10.61 -1.62
CA SER B 228 -12.33 9.92 -0.67
C SER B 228 -11.49 9.11 0.32
N ARG B 229 -12.17 8.32 1.14
CA ARG B 229 -11.47 7.38 2.02
C ARG B 229 -10.59 6.47 1.19
N ALA B 230 -11.23 5.72 0.29
CA ALA B 230 -10.53 4.83 -0.64
C ALA B 230 -9.53 5.59 -1.51
N GLY B 231 -9.94 6.76 -1.99
CA GLY B 231 -9.11 7.58 -2.86
C GLY B 231 -7.78 7.98 -2.24
N LYS B 232 -7.78 8.33 -0.95
CA LYS B 232 -6.59 8.80 -0.29
C LYS B 232 -5.62 7.68 0.09
N ALA B 233 -6.15 6.50 0.40
CA ALA B 233 -5.31 5.37 0.79
C ALA B 233 -4.45 4.89 -0.36
N ILE B 234 -4.90 5.18 -1.58
CA ILE B 234 -4.17 4.83 -2.80
C ILE B 234 -2.79 5.50 -2.86
N GLY B 235 -2.70 6.75 -2.37
CA GLY B 235 -1.40 7.37 -2.13
C GLY B 235 -0.94 8.41 -3.12
N PHE B 236 -1.72 8.64 -4.17
CA PHE B 236 -1.38 9.64 -5.18
C PHE B 236 -2.61 10.34 -5.75
N ILE B 237 -3.72 10.29 -5.02
CA ILE B 237 -4.98 10.83 -5.53
C ILE B 237 -4.89 12.32 -5.96
N GLU B 238 -4.07 13.10 -5.26
CA GLU B 238 -3.91 14.52 -5.59
C GLU B 238 -3.22 14.71 -6.93
N ARG B 239 -2.29 13.81 -7.24
CA ARG B 239 -1.66 13.83 -8.56
C ARG B 239 -2.64 13.47 -9.67
N MET B 240 -3.56 12.54 -9.38
CA MET B 240 -4.57 12.16 -10.34
C MET B 240 -5.54 13.30 -10.59
N VAL B 241 -5.90 14.01 -9.53
CA VAL B 241 -6.80 15.13 -9.61
C VAL B 241 -6.18 16.22 -10.48
N ASP B 242 -4.89 16.50 -10.25
CA ASP B 242 -4.19 17.51 -11.02
C ASP B 242 -4.08 17.09 -12.48
N TYR B 243 -3.77 15.82 -12.71
CA TYR B 243 -3.64 15.31 -14.07
C TYR B 243 -4.94 15.50 -14.83
N TYR B 244 -6.06 15.15 -14.20
CA TYR B 244 -7.36 15.27 -14.86
C TYR B 244 -7.69 16.71 -15.22
N GLN B 245 -7.30 17.65 -14.35
CA GLN B 245 -7.49 19.07 -14.63
C GLN B 245 -6.70 19.54 -15.86
N ASP B 246 -5.51 18.98 -16.05
CA ASP B 246 -4.68 19.34 -17.19
C ASP B 246 -5.17 18.66 -18.49
N TRP B 247 -5.85 17.52 -18.31
CA TRP B 247 -6.16 16.59 -19.39
C TRP B 247 -7.56 16.78 -19.99
N ALA B 248 -8.54 17.01 -19.13
CA ALA B 248 -9.95 17.01 -19.53
C ALA B 248 -10.36 18.22 -20.37
N PRO B 249 -11.44 18.06 -21.16
CA PRO B 249 -12.08 19.22 -21.81
C PRO B 249 -12.38 20.36 -20.85
N LEU B 250 -12.85 20.05 -19.64
CA LEU B 250 -13.09 21.07 -18.62
C LEU B 250 -12.26 20.83 -17.36
N PRO B 251 -11.71 21.91 -16.78
CA PRO B 251 -10.78 21.81 -15.64
C PRO B 251 -11.35 21.60 -14.23
N SER B 252 -12.63 21.82 -13.99
CA SER B 252 -13.16 21.72 -12.63
C SER B 252 -12.90 20.33 -12.03
N PRO B 253 -12.57 20.28 -10.73
CA PRO B 253 -12.39 19.03 -10.00
C PRO B 253 -13.74 18.36 -9.77
N MET B 254 -13.71 17.05 -9.54
CA MET B 254 -14.91 16.32 -9.22
C MET B 254 -15.46 16.79 -7.89
N GLU B 255 -16.77 16.87 -7.79
CA GLU B 255 -17.43 17.06 -6.51
C GLU B 255 -18.39 15.88 -6.38
N ALA B 256 -18.51 15.33 -5.17
CA ALA B 256 -19.36 14.14 -4.95
C ALA B 256 -20.79 14.35 -5.44
N GLU B 257 -21.29 15.57 -5.30
CA GLU B 257 -22.67 15.89 -5.66
C GLU B 257 -22.91 15.88 -7.17
N GLN B 258 -21.84 15.97 -7.95
CA GLN B 258 -21.97 15.87 -9.41
C GLN B 258 -22.42 14.46 -9.80
N VAL B 259 -21.79 13.47 -9.20
CA VAL B 259 -22.19 12.08 -9.45
C VAL B 259 -23.58 11.89 -8.85
N GLY B 260 -23.80 12.49 -7.69
CA GLY B 260 -25.09 12.39 -7.03
C GLY B 260 -26.24 12.93 -7.85
N ALA B 261 -26.02 14.06 -8.52
CA ALA B 261 -27.06 14.65 -9.37
C ALA B 261 -27.36 13.76 -10.58
N ALA B 262 -26.31 13.22 -11.18
CA ALA B 262 -26.47 12.27 -12.29
C ALA B 262 -27.25 11.03 -11.84
N ALA B 263 -26.97 10.59 -10.62
CA ALA B 263 -27.64 9.42 -10.08
C ALA B 263 -29.13 9.71 -9.90
N ALA B 264 -29.44 10.85 -9.31
CA ALA B 264 -30.83 11.24 -9.07
C ALA B 264 -31.61 11.29 -10.39
N PHE B 265 -31.00 11.86 -11.42
CA PHE B 265 -31.65 11.88 -12.71
C PHE B 265 -31.92 10.45 -13.18
N LEU B 266 -30.89 9.61 -13.15
CA LEU B 266 -31.02 8.27 -13.72
C LEU B 266 -32.03 7.38 -13.02
N VAL B 267 -32.26 7.60 -11.72
CA VAL B 267 -33.25 6.82 -10.97
C VAL B 267 -34.65 7.45 -11.03
N SER B 268 -34.75 8.63 -11.65
CA SER B 268 -36.02 9.34 -11.72
C SER B 268 -36.85 8.89 -12.91
N PRO B 269 -38.16 9.16 -12.89
CA PRO B 269 -39.03 8.82 -14.03
C PRO B 269 -38.61 9.53 -15.33
N LEU B 270 -37.77 10.55 -15.23
CA LEU B 270 -37.31 11.26 -16.42
C LEU B 270 -36.33 10.43 -17.25
N ALA B 271 -35.86 9.32 -16.68
CA ALA B 271 -34.91 8.44 -17.37
C ALA B 271 -35.45 7.03 -17.61
N SER B 272 -36.77 6.90 -17.80
CA SER B 272 -37.40 5.59 -17.99
C SER B 272 -36.92 4.81 -19.22
N ALA B 273 -36.31 5.51 -20.17
CA ALA B 273 -35.80 4.85 -21.39
C ALA B 273 -34.29 4.63 -21.32
N ILE B 274 -33.70 4.88 -20.17
CA ILE B 274 -32.25 4.71 -20.03
C ILE B 274 -31.94 3.51 -19.14
N THR B 275 -31.31 2.50 -19.73
CA THR B 275 -30.95 1.31 -18.96
C THR B 275 -29.73 0.61 -19.57
N GLY B 276 -28.91 0.00 -18.71
CA GLY B 276 -27.68 -0.63 -19.17
C GLY B 276 -26.57 0.36 -19.52
N GLU B 277 -26.79 1.64 -19.22
CA GLU B 277 -25.88 2.69 -19.65
C GLU B 277 -24.65 2.84 -18.73
N THR B 278 -23.51 3.14 -19.33
CA THR B 278 -22.36 3.64 -18.58
C THR B 278 -22.23 5.14 -18.86
N LEU B 279 -22.61 5.95 -17.88
CA LEU B 279 -22.61 7.41 -18.03
C LEU B 279 -21.32 7.98 -17.47
N TYR B 280 -20.53 8.65 -18.30
CA TYR B 280 -19.33 9.28 -17.78
C TYR B 280 -19.60 10.65 -17.17
N VAL B 281 -19.17 10.81 -15.93
CA VAL B 281 -19.24 12.07 -15.24
C VAL B 281 -17.82 12.33 -14.74
N ASP B 282 -16.97 12.82 -15.64
CA ASP B 282 -15.55 12.98 -15.35
C ASP B 282 -14.97 14.19 -16.08
N HIS B 283 -15.82 15.15 -16.42
CA HIS B 283 -15.40 16.37 -17.13
C HIS B 283 -14.83 16.08 -18.53
N GLY B 284 -15.15 14.90 -19.04
CA GLY B 284 -14.82 14.50 -20.40
C GLY B 284 -13.44 13.88 -20.59
N ALA B 285 -12.70 13.66 -19.51
CA ALA B 285 -11.37 13.07 -19.64
C ALA B 285 -11.37 11.80 -20.48
N ASN B 286 -12.40 10.97 -20.28
CA ASN B 286 -12.46 9.68 -20.97
C ASN B 286 -12.46 9.74 -22.50
N VAL B 287 -12.87 10.87 -23.08
CA VAL B 287 -12.94 10.94 -24.55
C VAL B 287 -11.60 11.28 -25.19
N MET B 288 -10.62 11.67 -24.37
CA MET B 288 -9.31 12.07 -24.90
C MET B 288 -8.50 10.91 -25.48
N GLY B 289 -7.80 11.19 -26.58
CA GLY B 289 -7.03 10.18 -27.28
C GLY B 289 -5.53 10.24 -27.03
N ILE B 290 -5.08 11.27 -26.32
CA ILE B 290 -3.69 11.40 -25.90
C ILE B 290 -3.70 12.13 -24.58
N GLY B 291 -2.55 12.19 -23.93
CA GLY B 291 -2.43 12.85 -22.64
C GLY B 291 -2.05 14.32 -22.78
N PRO B 292 -2.08 15.05 -21.66
CA PRO B 292 -1.75 16.47 -21.59
C PRO B 292 -0.32 16.73 -22.02
N GLU B 293 0.54 15.74 -21.82
CA GLU B 293 1.97 15.85 -22.13
C GLU B 293 2.22 16.38 -23.55
N MET B 294 1.28 16.13 -24.45
CA MET B 294 1.37 16.67 -25.81
C MET B 294 0.54 17.95 -25.92
N PHE B 295 -0.62 17.85 -26.57
CA PHE B 295 -1.54 18.98 -26.79
C PHE B 295 -0.93 20.09 -27.66
N MET C 1 -36.06 20.42 -2.76
CA MET C 1 -36.42 19.93 -4.08
C MET C 1 -35.19 19.91 -5.00
N LEU C 2 -35.26 19.09 -6.05
CA LEU C 2 -34.20 19.03 -7.04
C LEU C 2 -34.78 19.35 -8.41
N LYS C 3 -34.53 20.57 -8.89
CA LYS C 3 -35.07 21.03 -10.16
C LYS C 3 -34.04 21.04 -11.28
N ILE C 4 -34.48 20.68 -12.49
CA ILE C 4 -33.74 20.97 -13.70
C ILE C 4 -34.25 22.34 -14.11
N ASP C 5 -33.50 23.37 -13.75
CA ASP C 5 -33.96 24.74 -13.84
C ASP C 5 -33.26 25.51 -14.97
N LEU C 6 -33.97 25.71 -16.07
CA LEU C 6 -33.44 26.48 -17.21
C LEU C 6 -34.09 27.88 -17.35
N THR C 7 -34.58 28.42 -16.23
CA THR C 7 -35.23 29.73 -16.23
C THR C 7 -34.32 30.83 -16.76
N GLY C 8 -34.83 31.62 -17.69
CA GLY C 8 -34.07 32.71 -18.27
C GLY C 8 -33.01 32.26 -19.27
N LYS C 9 -32.84 30.96 -19.45
CA LYS C 9 -31.86 30.48 -20.43
C LYS C 9 -32.48 30.50 -21.83
N ILE C 10 -31.67 30.82 -22.84
CA ILE C 10 -32.17 30.90 -24.20
C ILE C 10 -31.58 29.77 -25.00
N ALA C 11 -32.49 28.96 -25.55
CA ALA C 11 -32.10 27.79 -26.32
C ALA C 11 -32.45 28.01 -27.79
N PHE C 12 -31.52 27.62 -28.66
CA PHE C 12 -31.79 27.62 -30.09
C PHE C 12 -31.86 26.17 -30.54
N ILE C 13 -33.00 25.78 -31.11
CA ILE C 13 -33.19 24.42 -31.53
C ILE C 13 -33.28 24.35 -33.04
N ALA C 14 -32.26 23.75 -33.65
CA ALA C 14 -32.17 23.62 -35.09
C ALA C 14 -32.76 22.28 -35.53
N GLY C 15 -33.94 22.35 -36.17
CA GLY C 15 -34.56 21.18 -36.74
C GLY C 15 -35.95 20.82 -36.19
N ILE C 16 -36.85 21.79 -36.08
CA ILE C 16 -38.24 21.49 -35.73
C ILE C 16 -39.15 21.71 -36.93
N GLY C 17 -39.68 20.61 -37.48
CA GLY C 17 -40.49 20.67 -38.68
C GLY C 17 -41.97 20.41 -38.48
N ASP C 18 -42.31 19.85 -37.33
CA ASP C 18 -43.68 19.63 -36.92
C ASP C 18 -43.62 19.17 -35.48
N ASP C 19 -44.71 18.58 -34.99
CA ASP C 19 -44.74 18.14 -33.60
C ASP C 19 -44.41 16.66 -33.41
N ASN C 20 -43.87 16.02 -34.46
CA ASN C 20 -43.66 14.58 -34.43
C ASN C 20 -42.23 14.07 -34.24
N GLY C 21 -41.25 14.96 -34.25
CA GLY C 21 -39.86 14.53 -34.14
C GLY C 21 -39.28 14.78 -32.76
N TYR C 22 -37.98 14.57 -32.63
CA TYR C 22 -37.29 14.80 -31.36
C TYR C 22 -37.08 16.28 -31.07
N GLY C 23 -36.98 17.10 -32.12
CA GLY C 23 -36.80 18.53 -31.93
C GLY C 23 -37.94 19.10 -31.09
N TRP C 24 -39.17 18.76 -31.46
CA TRP C 24 -40.33 19.22 -30.74
C TRP C 24 -40.34 18.68 -29.30
N GLY C 25 -40.00 17.40 -29.14
CA GLY C 25 -39.96 16.80 -27.81
C GLY C 25 -38.95 17.49 -26.90
N ILE C 26 -37.79 17.78 -27.45
CA ILE C 26 -36.75 18.53 -26.74
C ILE C 26 -37.25 19.94 -26.38
N ALA C 27 -37.90 20.60 -27.33
CA ALA C 27 -38.46 21.93 -27.08
C ALA C 27 -39.43 21.93 -25.90
N LYS C 28 -40.35 20.97 -25.90
CA LYS C 28 -41.32 20.86 -24.81
C LYS C 28 -40.66 20.72 -23.45
N MET C 29 -39.65 19.86 -23.37
CA MET C 29 -39.00 19.60 -22.10
C MET C 29 -38.11 20.76 -21.66
N LEU C 30 -37.43 21.41 -22.58
CA LEU C 30 -36.70 22.63 -22.24
C LEU C 30 -37.67 23.70 -21.74
N ALA C 31 -38.82 23.80 -22.40
CA ALA C 31 -39.85 24.75 -21.98
C ALA C 31 -40.40 24.44 -20.58
N GLU C 32 -40.52 23.15 -20.26
CA GLU C 32 -40.96 22.75 -18.92
C GLU C 32 -39.95 23.29 -17.92
N ALA C 33 -38.67 23.20 -18.27
CA ALA C 33 -37.60 23.58 -17.36
C ALA C 33 -37.44 25.10 -17.25
N GLY C 34 -38.19 25.84 -18.05
CA GLY C 34 -38.23 27.28 -17.95
C GLY C 34 -37.49 28.05 -19.04
N ALA C 35 -36.97 27.33 -20.02
CA ALA C 35 -36.18 27.94 -21.11
C ALA C 35 -37.03 28.72 -22.12
N THR C 36 -36.43 29.77 -22.66
CA THR C 36 -37.00 30.48 -23.79
C THR C 36 -36.54 29.73 -25.03
N ILE C 37 -37.45 29.52 -25.96
CA ILE C 37 -37.16 28.68 -27.13
C ILE C 37 -37.09 29.46 -28.44
N LEU C 38 -35.96 29.37 -29.12
CA LEU C 38 -35.83 29.85 -30.50
C LEU C 38 -35.71 28.65 -31.41
N VAL C 39 -36.31 28.74 -32.59
CA VAL C 39 -36.39 27.60 -33.49
C VAL C 39 -35.82 27.90 -34.87
N GLY C 40 -35.07 26.95 -35.42
CA GLY C 40 -34.64 27.00 -36.81
C GLY C 40 -35.40 25.92 -37.56
N THR C 41 -36.10 26.31 -38.62
CA THR C 41 -36.93 25.39 -39.40
C THR C 41 -36.47 25.37 -40.85
N TRP C 42 -36.31 24.17 -41.41
CA TRP C 42 -35.83 24.01 -42.78
C TRP C 42 -36.66 24.83 -43.77
N VAL C 43 -35.97 25.61 -44.62
CA VAL C 43 -36.62 26.50 -45.57
C VAL C 43 -37.85 25.90 -46.28
N PRO C 44 -37.72 24.70 -46.90
CA PRO C 44 -38.81 24.13 -47.68
C PRO C 44 -40.10 23.87 -46.91
N ILE C 45 -40.00 23.73 -45.59
CA ILE C 45 -41.19 23.44 -44.80
C ILE C 45 -41.46 24.52 -43.76
N TYR C 46 -40.71 25.62 -43.85
CA TYR C 46 -40.88 26.74 -42.93
C TYR C 46 -42.27 27.37 -42.94
N LYS C 47 -42.78 27.67 -44.12
CA LYS C 47 -44.10 28.29 -44.21
C LYS C 47 -45.16 27.32 -43.72
N ILE C 48 -45.04 26.06 -44.15
CA ILE C 48 -45.98 25.02 -43.77
C ILE C 48 -46.04 24.86 -42.26
N PHE C 49 -44.87 24.77 -41.62
CA PHE C 49 -44.76 24.66 -40.16
C PHE C 49 -45.40 25.85 -39.46
N SER C 50 -45.02 27.05 -39.87
CA SER C 50 -45.53 28.28 -39.27
C SER C 50 -47.04 28.40 -39.39
N GLN C 51 -47.57 28.08 -40.56
CA GLN C 51 -49.00 28.18 -40.80
C GLN C 51 -49.80 27.15 -40.01
N SER C 52 -49.24 25.96 -39.84
CA SER C 52 -49.90 24.93 -39.06
C SER C 52 -49.94 25.35 -37.60
N LEU C 53 -48.84 25.94 -37.15
CA LEU C 53 -48.70 26.38 -35.77
C LEU C 53 -49.73 27.47 -35.47
N GLU C 54 -49.91 28.38 -36.42
CA GLU C 54 -50.83 29.50 -36.27
C GLU C 54 -52.30 29.09 -36.30
N LEU C 55 -52.61 28.02 -37.02
CA LEU C 55 -54.01 27.59 -37.11
C LEU C 55 -54.42 26.72 -35.94
N GLY C 56 -53.49 26.48 -35.02
CA GLY C 56 -53.74 25.70 -33.81
C GLY C 56 -53.62 24.19 -34.00
N LYS C 57 -53.01 23.77 -35.10
CA LYS C 57 -52.93 22.36 -35.46
C LYS C 57 -52.04 21.55 -34.54
N PHE C 58 -51.14 22.23 -33.83
CA PHE C 58 -50.21 21.55 -32.92
C PHE C 58 -50.56 21.81 -31.47
N ASN C 59 -51.72 22.40 -31.22
CA ASN C 59 -52.05 22.90 -29.88
C ASN C 59 -52.14 21.81 -28.81
N ALA C 60 -52.64 20.64 -29.19
CA ALA C 60 -52.65 19.47 -28.31
C ALA C 60 -51.23 19.08 -27.90
N SER C 61 -50.28 19.32 -28.79
CA SER C 61 -48.88 18.97 -28.54
C SER C 61 -48.13 20.06 -27.76
N ARG C 62 -48.77 21.20 -27.56
CA ARG C 62 -48.11 22.33 -26.91
C ARG C 62 -48.34 22.42 -25.41
N GLU C 63 -49.26 21.64 -24.88
CA GLU C 63 -49.66 21.75 -23.49
C GLU C 63 -48.52 21.39 -22.53
N LEU C 64 -48.11 22.37 -21.74
CA LEU C 64 -47.10 22.14 -20.71
C LEU C 64 -47.78 21.79 -19.38
N SER C 65 -47.03 21.17 -18.49
CA SER C 65 -47.59 20.67 -17.23
C SER C 65 -48.10 21.80 -16.34
N ASN C 66 -47.60 23.01 -16.57
CA ASN C 66 -48.00 24.17 -15.76
C ASN C 66 -49.26 24.86 -16.27
N GLY C 67 -49.86 24.30 -17.32
CA GLY C 67 -51.09 24.84 -17.88
C GLY C 67 -50.88 25.78 -19.06
N GLU C 68 -49.63 26.16 -19.30
CA GLU C 68 -49.31 27.06 -20.41
C GLU C 68 -49.02 26.31 -21.71
N LEU C 69 -48.84 27.08 -22.79
CA LEU C 69 -48.51 26.53 -24.09
C LEU C 69 -47.04 26.66 -24.42
N LEU C 70 -46.48 25.61 -25.00
CA LEU C 70 -45.16 25.68 -25.60
C LEU C 70 -45.18 26.84 -26.59
N THR C 71 -44.31 27.82 -26.35
CA THR C 71 -44.30 29.02 -27.18
C THR C 71 -42.89 29.29 -27.66
N PHE C 72 -42.77 29.61 -28.95
CA PHE C 72 -41.49 29.94 -29.56
C PHE C 72 -41.37 31.45 -29.62
N ALA C 73 -40.28 31.98 -29.09
CA ALA C 73 -40.04 33.40 -29.10
C ALA C 73 -39.78 33.89 -30.53
N LYS C 74 -39.16 33.02 -31.32
CA LYS C 74 -38.92 33.33 -32.73
C LYS C 74 -38.66 32.05 -33.51
N ILE C 75 -39.26 31.94 -34.69
CA ILE C 75 -38.96 30.85 -35.60
C ILE C 75 -38.22 31.41 -36.80
N TYR C 76 -37.02 30.88 -37.06
CA TYR C 76 -36.20 31.35 -38.18
C TYR C 76 -36.16 30.32 -39.31
N PRO C 77 -36.49 30.76 -40.54
CA PRO C 77 -36.20 29.90 -41.70
C PRO C 77 -34.70 29.68 -41.71
N MET C 78 -34.29 28.44 -41.98
CA MET C 78 -32.87 28.11 -42.03
C MET C 78 -32.57 27.00 -43.03
N ASP C 79 -31.38 27.07 -43.62
CA ASP C 79 -30.84 25.91 -44.30
C ASP C 79 -29.38 25.79 -43.88
N ALA C 80 -29.10 24.78 -43.07
CA ALA C 80 -27.80 24.64 -42.43
C ALA C 80 -26.76 24.04 -43.35
N SER C 81 -27.13 23.86 -44.63
CA SER C 81 -26.21 23.45 -45.67
C SER C 81 -25.38 24.65 -46.11
N PHE C 82 -25.86 25.85 -45.80
CA PHE C 82 -25.23 27.08 -46.26
C PHE C 82 -24.76 27.97 -45.10
N ASP C 83 -23.50 28.34 -45.12
CA ASP C 83 -22.94 29.19 -44.08
C ASP C 83 -23.22 30.67 -44.34
N THR C 84 -23.10 31.07 -45.60
CA THR C 84 -23.28 32.46 -46.04
C THR C 84 -24.05 32.49 -47.37
N PRO C 85 -24.68 33.63 -47.71
CA PRO C 85 -25.47 33.65 -48.94
C PRO C 85 -24.67 33.28 -50.19
N GLU C 86 -23.36 33.53 -50.16
CA GLU C 86 -22.49 33.22 -51.28
C GLU C 86 -22.40 31.72 -51.57
N ASP C 87 -22.77 30.91 -50.59
CA ASP C 87 -22.69 29.46 -50.73
C ASP C 87 -23.90 28.85 -51.44
N ILE C 88 -24.93 29.66 -51.68
CA ILE C 88 -26.18 29.15 -52.22
C ILE C 88 -26.18 29.14 -53.75
N PRO C 89 -26.29 27.96 -54.35
CA PRO C 89 -26.39 27.82 -55.81
C PRO C 89 -27.61 28.58 -56.34
N GLN C 90 -27.49 29.17 -57.54
CA GLN C 90 -28.57 29.97 -58.10
C GLN C 90 -29.80 29.08 -58.31
N GLU C 91 -29.53 27.79 -58.56
CA GLU C 91 -30.58 26.79 -58.74
C GLU C 91 -31.50 26.72 -57.51
N ILE C 92 -30.91 26.87 -56.33
CA ILE C 92 -31.67 26.90 -55.07
C ILE C 92 -32.38 28.25 -54.86
N LEU C 93 -31.67 29.33 -55.12
CA LEU C 93 -32.23 30.67 -55.02
C LEU C 93 -33.51 30.83 -55.82
N GLU C 94 -33.59 30.15 -56.96
CA GLU C 94 -34.75 30.28 -57.84
C GLU C 94 -35.88 29.32 -57.50
N ASN C 95 -35.63 28.39 -56.58
CA ASN C 95 -36.71 27.54 -56.10
C ASN C 95 -37.67 28.40 -55.27
N LYS C 96 -38.96 28.22 -55.51
CA LYS C 96 -40.04 28.99 -54.90
C LYS C 96 -39.97 29.14 -53.37
N ARG C 97 -39.62 28.05 -52.68
CA ARG C 97 -39.52 28.09 -51.22
C ARG C 97 -38.43 29.03 -50.76
N TYR C 98 -37.33 29.07 -51.51
CA TYR C 98 -36.19 29.89 -51.12
C TYR C 98 -36.33 31.32 -51.59
N LYS C 99 -36.98 31.50 -52.74
CA LYS C 99 -37.14 32.82 -53.35
C LYS C 99 -38.06 33.72 -52.52
N ASP C 100 -39.01 33.10 -51.83
CA ASP C 100 -39.98 33.86 -51.04
C ASP C 100 -39.42 34.27 -49.71
N LEU C 101 -38.19 33.82 -49.41
CA LEU C 101 -37.58 34.04 -48.10
C LEU C 101 -36.21 34.70 -48.21
N SER C 102 -35.61 34.98 -47.05
CA SER C 102 -34.32 35.67 -47.00
C SER C 102 -33.68 35.48 -45.63
N GLY C 103 -32.36 35.61 -45.58
CA GLY C 103 -31.63 35.58 -44.32
C GLY C 103 -31.65 34.22 -43.62
N TYR C 104 -31.57 33.13 -44.39
CA TYR C 104 -31.69 31.78 -43.82
C TYR C 104 -30.40 31.00 -43.73
N THR C 105 -29.27 31.64 -44.08
CA THR C 105 -28.00 30.94 -43.93
C THR C 105 -27.59 30.98 -42.46
N VAL C 106 -26.68 30.09 -42.07
CA VAL C 106 -26.22 30.02 -40.69
C VAL C 106 -25.74 31.35 -40.13
N SER C 107 -24.84 32.01 -40.86
CA SER C 107 -24.33 33.30 -40.42
C SER C 107 -25.47 34.31 -40.20
N GLU C 108 -26.40 34.36 -41.15
CA GLU C 108 -27.52 35.31 -41.08
C GLU C 108 -28.44 35.06 -39.90
N VAL C 109 -28.74 33.80 -39.63
CA VAL C 109 -29.57 33.45 -38.48
C VAL C 109 -28.88 33.86 -37.19
N VAL C 110 -27.58 33.58 -37.08
CA VAL C 110 -26.86 33.88 -35.85
C VAL C 110 -26.81 35.39 -35.63
N GLU C 111 -26.68 36.13 -36.72
CA GLU C 111 -26.66 37.59 -36.62
C GLU C 111 -27.99 38.16 -36.14
N GLN C 112 -29.10 37.59 -36.60
CA GLN C 112 -30.40 38.02 -36.10
C GLN C 112 -30.59 37.67 -34.63
N VAL C 113 -30.14 36.47 -34.23
CA VAL C 113 -30.23 36.08 -32.83
C VAL C 113 -29.43 37.02 -31.92
N LYS C 114 -28.20 37.30 -32.32
CA LYS C 114 -27.35 38.22 -31.57
C LYS C 114 -28.00 39.61 -31.47
N LYS C 115 -28.57 40.07 -32.56
CA LYS C 115 -29.20 41.39 -32.59
C LYS C 115 -30.38 41.51 -31.61
N HIS C 116 -31.26 40.52 -31.62
CA HIS C 116 -32.49 40.65 -30.85
C HIS C 116 -32.47 39.94 -29.48
N PHE C 117 -31.56 38.99 -29.30
CA PHE C 117 -31.48 38.25 -28.03
C PHE C 117 -30.13 38.35 -27.31
N GLY C 118 -29.09 38.75 -28.05
CA GLY C 118 -27.80 39.06 -27.46
C GLY C 118 -26.88 37.87 -27.29
N HIS C 119 -27.43 36.79 -26.74
CA HIS C 119 -26.65 35.59 -26.43
C HIS C 119 -27.59 34.41 -26.43
N ILE C 120 -27.03 33.21 -26.48
CA ILE C 120 -27.81 32.00 -26.19
C ILE C 120 -27.11 31.16 -25.14
N ASP C 121 -27.83 30.18 -24.62
CA ASP C 121 -27.30 29.36 -23.55
C ASP C 121 -27.27 27.90 -23.93
N ILE C 122 -28.14 27.53 -24.87
CA ILE C 122 -28.28 26.12 -25.24
C ILE C 122 -28.44 26.02 -26.75
N LEU C 123 -27.69 25.10 -27.35
CA LEU C 123 -27.80 24.85 -28.79
C LEU C 123 -28.16 23.39 -29.00
N VAL C 124 -29.28 23.15 -29.66
CA VAL C 124 -29.74 21.80 -29.92
C VAL C 124 -29.75 21.55 -31.44
N HIS C 125 -29.09 20.48 -31.84
CA HIS C 125 -29.02 20.10 -33.26
C HIS C 125 -29.87 18.85 -33.41
N SER C 126 -30.97 18.97 -34.13
CA SER C 126 -31.90 17.85 -34.29
C SER C 126 -32.27 17.71 -35.75
N LEU C 127 -31.27 17.61 -36.61
CA LEU C 127 -31.50 17.58 -38.05
C LEU C 127 -30.55 16.65 -38.77
N ALA C 128 -31.05 16.05 -39.84
CA ALA C 128 -30.26 15.14 -40.65
C ALA C 128 -30.93 15.01 -41.98
N ASN C 129 -30.15 14.68 -42.99
CA ASN C 129 -30.68 14.29 -44.28
C ASN C 129 -29.61 13.66 -45.14
N SER C 130 -30.01 12.67 -45.92
CA SER C 130 -29.21 12.18 -47.01
C SER C 130 -30.14 12.01 -48.18
N PRO C 131 -29.71 12.47 -49.36
CA PRO C 131 -30.56 12.31 -50.54
C PRO C 131 -30.59 10.85 -51.03
N GLU C 132 -29.73 9.99 -50.48
CA GLU C 132 -29.64 8.62 -50.97
C GLU C 132 -29.77 7.55 -49.90
N ILE C 133 -30.53 7.83 -48.85
CA ILE C 133 -30.63 6.87 -47.73
C ILE C 133 -31.14 5.49 -48.14
N ALA C 134 -31.84 5.43 -49.27
CA ALA C 134 -32.40 4.17 -49.76
C ALA C 134 -31.36 3.32 -50.47
N LYS C 135 -30.18 3.88 -50.67
CA LYS C 135 -29.11 3.20 -51.38
C LYS C 135 -28.13 2.54 -50.42
N PRO C 136 -27.69 1.32 -50.74
CA PRO C 136 -26.52 0.74 -50.08
C PRO C 136 -25.35 1.72 -50.16
N LEU C 137 -24.48 1.71 -49.16
CA LEU C 137 -23.33 2.61 -49.16
C LEU C 137 -22.47 2.37 -50.40
N LEU C 138 -22.34 1.10 -50.78
CA LEU C 138 -21.61 0.72 -51.99
C LEU C 138 -22.11 1.42 -53.24
N ASP C 139 -23.39 1.79 -53.25
CA ASP C 139 -24.04 2.38 -54.41
C ASP C 139 -24.29 3.88 -54.25
N THR C 140 -23.87 4.43 -53.11
CA THR C 140 -24.06 5.84 -52.83
C THR C 140 -23.03 6.68 -53.58
N SER C 141 -23.48 7.79 -54.19
CA SER C 141 -22.60 8.63 -54.99
C SER C 141 -21.76 9.54 -54.11
N ARG C 142 -20.69 10.09 -54.68
CA ARG C 142 -19.86 11.02 -53.91
C ARG C 142 -20.68 12.23 -53.49
N LYS C 143 -21.48 12.73 -54.43
CA LYS C 143 -22.34 13.88 -54.16
C LYS C 143 -23.31 13.58 -53.02
N GLY C 144 -23.94 12.41 -53.08
CA GLY C 144 -24.87 12.00 -52.03
C GLY C 144 -24.25 11.88 -50.65
N TYR C 145 -23.09 11.21 -50.59
CA TYR C 145 -22.37 10.98 -49.34
C TYR C 145 -21.93 12.30 -48.73
N LEU C 146 -21.36 13.17 -49.55
CA LEU C 146 -20.89 14.45 -49.02
C LEU C 146 -22.07 15.34 -48.60
N ALA C 147 -23.21 15.21 -49.28
CA ALA C 147 -24.38 15.99 -48.90
C ALA C 147 -24.91 15.54 -47.55
N ALA C 148 -24.93 14.23 -47.30
CA ALA C 148 -25.30 13.71 -45.99
C ALA C 148 -24.37 14.28 -44.93
N LEU C 149 -23.07 14.27 -45.19
CA LEU C 149 -22.12 14.81 -44.23
C LEU C 149 -22.28 16.31 -44.01
N SER C 150 -22.48 17.04 -45.11
CA SER C 150 -22.67 18.48 -45.03
C SER C 150 -23.91 18.85 -44.21
N THR C 151 -25.05 18.25 -44.55
CA THR C 151 -26.29 18.54 -43.83
C THR C 151 -26.34 17.98 -42.40
N SER C 152 -25.90 16.74 -42.20
CA SER C 152 -26.13 16.03 -40.96
C SER C 152 -25.00 16.19 -39.93
N SER C 153 -23.81 16.51 -40.42
CA SER C 153 -22.66 16.57 -39.53
C SER C 153 -21.93 17.92 -39.53
N TYR C 154 -21.51 18.42 -40.68
CA TYR C 154 -20.86 19.73 -40.68
C TYR C 154 -21.77 20.84 -40.14
N SER C 155 -23.07 20.74 -40.41
CA SER C 155 -24.05 21.72 -39.92
C SER C 155 -23.89 21.97 -38.42
N PHE C 156 -23.47 20.95 -37.67
CA PHE C 156 -23.28 21.14 -36.24
C PHE C 156 -22.05 21.99 -35.96
N ILE C 157 -20.96 21.71 -36.66
CA ILE C 157 -19.76 22.52 -36.53
C ILE C 157 -20.06 23.98 -36.90
N SER C 158 -20.83 24.19 -37.96
CA SER C 158 -21.15 25.56 -38.39
C SER C 158 -21.96 26.30 -37.33
N LEU C 159 -22.95 25.63 -36.76
CA LEU C 159 -23.80 26.26 -35.76
C LEU C 159 -23.00 26.56 -34.50
N LEU C 160 -22.16 25.62 -34.06
CA LEU C 160 -21.36 25.87 -32.85
C LEU C 160 -20.28 26.93 -33.07
N SER C 161 -19.69 26.94 -34.26
CA SER C 161 -18.65 27.90 -34.58
C SER C 161 -19.21 29.33 -34.66
N HIS C 162 -20.41 29.48 -35.20
CA HIS C 162 -21.03 30.80 -35.29
C HIS C 162 -21.68 31.25 -33.96
N PHE C 163 -22.38 30.35 -33.28
CA PHE C 163 -23.04 30.72 -31.99
C PHE C 163 -22.09 30.79 -30.80
N GLY C 164 -21.02 30.00 -30.82
CA GLY C 164 -20.05 29.95 -29.73
C GLY C 164 -19.61 31.29 -29.15
N PRO C 165 -19.18 32.22 -30.03
CA PRO C 165 -18.80 33.57 -29.57
C PRO C 165 -19.91 34.34 -28.84
N ILE C 166 -21.18 33.98 -29.03
CA ILE C 166 -22.24 34.64 -28.26
C ILE C 166 -22.88 33.72 -27.20
N MET C 167 -22.19 32.65 -26.81
CA MET C 167 -22.73 31.82 -25.75
C MET C 167 -22.34 32.36 -24.39
N ASN C 168 -23.29 32.36 -23.47
CA ASN C 168 -23.03 32.74 -22.08
C ASN C 168 -22.26 31.66 -21.33
N ALA C 169 -21.75 32.00 -20.16
CA ALA C 169 -21.14 31.02 -19.27
C ALA C 169 -22.14 29.89 -18.97
N GLY C 170 -21.64 28.67 -18.86
CA GLY C 170 -22.49 27.53 -18.53
C GLY C 170 -23.22 26.96 -19.75
N ALA C 171 -22.88 27.44 -20.93
CA ALA C 171 -23.57 27.03 -22.15
C ALA C 171 -23.24 25.60 -22.52
N SER C 172 -24.18 24.93 -23.19
CA SER C 172 -23.90 23.60 -23.70
C SER C 172 -24.72 23.28 -24.95
N THR C 173 -24.36 22.15 -25.57
CA THR C 173 -24.98 21.72 -26.82
C THR C 173 -25.50 20.28 -26.73
N ILE C 174 -26.47 19.98 -27.60
CA ILE C 174 -27.01 18.62 -27.73
C ILE C 174 -27.15 18.34 -29.22
N SER C 175 -26.74 17.14 -29.65
CA SER C 175 -27.06 16.66 -31.00
C SER C 175 -27.63 15.25 -30.92
N LEU C 176 -28.23 14.78 -32.00
CA LEU C 176 -28.86 13.47 -31.96
C LEU C 176 -28.19 12.50 -32.91
N THR C 177 -27.94 11.29 -32.43
CA THR C 177 -27.28 10.30 -33.26
C THR C 177 -28.00 8.95 -33.15
N TYR C 178 -27.50 7.95 -33.88
CA TYR C 178 -28.10 6.63 -33.90
C TYR C 178 -26.98 5.58 -33.91
N LEU C 179 -27.26 4.38 -33.41
CA LEU C 179 -26.20 3.37 -33.21
C LEU C 179 -25.54 2.84 -34.48
N ALA C 180 -26.14 3.15 -35.63
CA ALA C 180 -25.57 2.76 -36.92
C ALA C 180 -24.27 3.51 -37.24
N SER C 181 -23.94 4.49 -36.42
CA SER C 181 -22.70 5.25 -36.59
C SER C 181 -21.47 4.36 -36.55
N MET C 182 -21.47 3.38 -35.65
CA MET C 182 -20.27 2.55 -35.50
C MET C 182 -20.59 1.05 -35.34
N ARG C 183 -21.82 0.67 -35.70
CA ARG C 183 -22.15 -0.73 -35.92
C ARG C 183 -22.95 -0.81 -37.21
N ALA C 184 -22.76 -1.89 -37.98
CA ALA C 184 -23.34 -1.95 -39.31
C ALA C 184 -24.84 -2.25 -39.29
N VAL C 185 -25.63 -1.30 -39.79
CA VAL C 185 -27.08 -1.48 -39.91
C VAL C 185 -27.50 -1.34 -41.37
N PRO C 186 -27.70 -2.48 -42.04
CA PRO C 186 -28.19 -2.49 -43.42
C PRO C 186 -29.48 -1.69 -43.52
N GLY C 187 -29.56 -0.77 -44.49
CA GLY C 187 -30.74 0.07 -44.64
C GLY C 187 -30.50 1.51 -44.23
N TYR C 188 -29.47 1.74 -43.43
CA TYR C 188 -29.09 3.11 -43.07
C TYR C 188 -28.09 3.60 -44.10
N GLY C 189 -28.59 3.88 -45.31
CA GLY C 189 -27.72 4.08 -46.45
C GLY C 189 -27.41 5.54 -46.74
N GLY C 190 -26.87 5.80 -47.92
CA GLY C 190 -26.66 7.16 -48.37
C GLY C 190 -25.56 7.86 -47.61
N GLY C 191 -24.74 7.07 -46.92
CA GLY C 191 -23.70 7.61 -46.08
C GLY C 191 -24.17 8.12 -44.72
N MET C 192 -25.42 7.84 -44.34
CA MET C 192 -25.88 8.28 -43.02
C MET C 192 -25.03 7.66 -41.91
N ASN C 193 -24.51 6.46 -42.13
CA ASN C 193 -23.64 5.85 -41.12
C ASN C 193 -22.40 6.70 -40.88
N ALA C 194 -21.80 7.17 -41.97
CA ALA C 194 -20.63 8.02 -41.91
C ALA C 194 -20.96 9.37 -41.29
N ALA C 195 -22.15 9.89 -41.62
CA ALA C 195 -22.58 11.17 -41.07
C ALA C 195 -22.73 11.08 -39.56
N LYS C 196 -23.23 9.96 -39.06
CA LYS C 196 -23.36 9.84 -37.60
C LYS C 196 -22.03 9.52 -36.93
N ALA C 197 -21.18 8.74 -37.59
CA ALA C 197 -19.84 8.50 -37.07
C ALA C 197 -19.10 9.84 -36.93
N ALA C 198 -19.19 10.65 -37.97
CA ALA C 198 -18.60 11.98 -37.96
C ALA C 198 -19.18 12.82 -36.82
N LEU C 199 -20.51 12.82 -36.70
CA LEU C 199 -21.17 13.56 -35.63
C LEU C 199 -20.66 13.15 -34.24
N GLU C 200 -20.47 11.86 -34.03
CA GLU C 200 -20.04 11.36 -32.73
C GLU C 200 -18.58 11.67 -32.47
N SER C 201 -17.74 11.54 -33.51
CA SER C 201 -16.35 11.91 -33.40
C SER C 201 -16.19 13.41 -33.12
N ASP C 202 -16.97 14.23 -33.82
CA ASP C 202 -16.87 15.68 -33.67
C ASP C 202 -17.31 16.07 -32.26
N THR C 203 -18.28 15.34 -31.72
CA THR C 203 -18.74 15.57 -30.33
C THR C 203 -17.57 15.51 -29.36
N LYS C 204 -16.73 14.50 -29.51
CA LYS C 204 -15.58 14.39 -28.63
C LYS C 204 -14.56 15.50 -28.84
N VAL C 205 -14.20 15.74 -30.09
CA VAL C 205 -13.24 16.78 -30.43
C VAL C 205 -13.74 18.17 -30.04
N LEU C 206 -15.00 18.48 -30.34
CA LEU C 206 -15.55 19.79 -30.03
C LEU C 206 -15.74 19.96 -28.52
N ALA C 207 -15.96 18.86 -27.80
CA ALA C 207 -16.03 18.97 -26.34
C ALA C 207 -14.73 19.54 -25.82
N TRP C 208 -13.62 19.06 -26.36
CA TRP C 208 -12.33 19.58 -25.92
C TRP C 208 -12.10 21.00 -26.43
N GLU C 209 -12.32 21.23 -27.73
CA GLU C 209 -12.05 22.55 -28.31
C GLU C 209 -12.95 23.66 -27.77
N ALA C 210 -14.26 23.40 -27.73
CA ALA C 210 -15.21 24.38 -27.23
C ALA C 210 -15.18 24.48 -25.70
N GLY C 211 -14.79 23.39 -25.03
CA GLY C 211 -14.63 23.42 -23.59
C GLY C 211 -13.48 24.33 -23.19
N ARG C 212 -12.39 24.25 -23.94
CA ARG C 212 -11.22 25.06 -23.65
C ARG C 212 -11.39 26.51 -24.14
N ARG C 213 -12.11 26.70 -25.24
CA ARG C 213 -12.24 28.05 -25.81
C ARG C 213 -13.30 28.90 -25.10
N TRP C 214 -14.45 28.30 -24.79
CA TRP C 214 -15.58 29.05 -24.22
C TRP C 214 -16.15 28.46 -22.93
N GLY C 215 -15.60 27.34 -22.46
CA GLY C 215 -16.16 26.66 -21.31
C GLY C 215 -17.46 25.91 -21.62
N VAL C 216 -17.70 25.68 -22.91
CA VAL C 216 -18.95 25.09 -23.39
C VAL C 216 -18.89 23.56 -23.32
N ARG C 217 -20.02 22.95 -22.98
CA ARG C 217 -20.08 21.49 -22.94
C ARG C 217 -20.74 20.99 -24.24
N VAL C 218 -20.39 19.78 -24.64
CA VAL C 218 -20.82 19.25 -25.94
C VAL C 218 -21.18 17.77 -25.77
N ASN C 219 -22.47 17.45 -25.91
CA ASN C 219 -22.96 16.09 -25.67
C ASN C 219 -23.88 15.63 -26.79
N THR C 220 -24.00 14.33 -26.95
CA THR C 220 -24.88 13.78 -27.96
C THR C 220 -25.72 12.67 -27.36
N ILE C 221 -26.92 12.50 -27.87
CA ILE C 221 -27.86 11.48 -27.41
C ILE C 221 -28.14 10.51 -28.55
N SER C 222 -27.92 9.23 -28.31
CA SER C 222 -28.24 8.18 -29.26
C SER C 222 -29.60 7.59 -28.90
N ALA C 223 -30.57 7.80 -29.78
CA ALA C 223 -31.98 7.50 -29.50
C ALA C 223 -32.48 6.26 -30.21
N GLY C 224 -33.54 5.68 -29.64
CA GLY C 224 -34.25 4.58 -30.27
C GLY C 224 -35.11 5.08 -31.41
N PRO C 225 -35.73 4.16 -32.17
CA PRO C 225 -36.53 4.50 -33.34
C PRO C 225 -37.77 5.30 -33.00
N LEU C 226 -38.08 6.28 -33.85
CA LEU C 226 -39.26 7.13 -33.68
C LEU C 226 -39.91 7.42 -35.02
N ALA C 227 -41.24 7.35 -35.06
CA ALA C 227 -41.98 7.63 -36.29
C ALA C 227 -42.12 9.14 -36.55
N SER C 228 -40.99 9.83 -36.62
CA SER C 228 -40.96 11.23 -37.00
C SER C 228 -41.19 11.35 -38.50
N ARG C 229 -41.12 12.57 -39.03
CA ARG C 229 -41.22 12.76 -40.47
C ARG C 229 -40.12 11.94 -41.14
N ALA C 230 -38.88 12.14 -40.69
CA ALA C 230 -37.73 11.45 -41.27
C ALA C 230 -37.84 9.94 -41.05
N GLY C 231 -38.24 9.57 -39.83
CA GLY C 231 -38.44 8.18 -39.47
C GLY C 231 -39.42 7.51 -40.41
N LYS C 232 -40.62 8.08 -40.52
CA LYS C 232 -41.67 7.52 -41.36
C LYS C 232 -41.23 7.42 -42.81
N ALA C 233 -40.41 8.36 -43.24
CA ALA C 233 -39.98 8.44 -44.63
C ALA C 233 -39.03 7.32 -45.06
N ILE C 234 -38.43 6.60 -44.11
CA ILE C 234 -37.55 5.49 -44.49
C ILE C 234 -38.34 4.28 -45.01
N GLY C 235 -39.62 4.22 -44.67
CA GLY C 235 -40.52 3.24 -45.23
C GLY C 235 -40.78 2.02 -44.37
N PHE C 236 -40.00 1.84 -43.31
CA PHE C 236 -40.16 0.67 -42.45
C PHE C 236 -39.91 0.99 -40.98
N ILE C 237 -40.19 2.22 -40.57
CA ILE C 237 -39.93 2.62 -39.19
C ILE C 237 -40.77 1.82 -38.20
N GLU C 238 -41.97 1.42 -38.61
CA GLU C 238 -42.85 0.67 -37.72
C GLU C 238 -42.28 -0.72 -37.38
N ARG C 239 -41.60 -1.34 -38.35
CA ARG C 239 -40.96 -2.63 -38.10
C ARG C 239 -39.76 -2.48 -37.20
N MET C 240 -39.10 -1.32 -37.26
CA MET C 240 -37.97 -1.06 -36.40
C MET C 240 -38.43 -0.82 -34.98
N VAL C 241 -39.57 -0.16 -34.86
CA VAL C 241 -40.18 0.09 -33.55
C VAL C 241 -40.56 -1.25 -32.89
N ASP C 242 -41.22 -2.12 -33.64
CA ASP C 242 -41.60 -3.43 -33.14
C ASP C 242 -40.39 -4.31 -32.80
N TYR C 243 -39.35 -4.24 -33.62
CA TYR C 243 -38.14 -5.01 -33.39
C TYR C 243 -37.48 -4.60 -32.08
N TYR C 244 -37.34 -3.30 -31.87
CA TYR C 244 -36.78 -2.75 -30.63
C TYR C 244 -37.57 -3.19 -29.39
N GLN C 245 -38.89 -3.28 -29.52
CA GLN C 245 -39.71 -3.75 -28.41
C GLN C 245 -39.41 -5.21 -28.03
N ASP C 246 -39.11 -6.05 -29.01
CA ASP C 246 -38.77 -7.45 -28.72
C ASP C 246 -37.32 -7.63 -28.26
N TRP C 247 -36.49 -6.67 -28.62
CA TRP C 247 -35.04 -6.76 -28.50
C TRP C 247 -34.51 -6.22 -27.16
N ALA C 248 -35.00 -5.05 -26.78
CA ALA C 248 -34.43 -4.26 -25.69
C ALA C 248 -34.68 -4.86 -24.30
N PRO C 249 -33.80 -4.54 -23.33
CA PRO C 249 -34.08 -4.84 -21.93
C PRO C 249 -35.48 -4.39 -21.50
N LEU C 250 -35.88 -3.19 -21.92
CA LEU C 250 -37.23 -2.69 -21.63
C LEU C 250 -38.06 -2.53 -22.90
N PRO C 251 -39.34 -2.91 -22.84
CA PRO C 251 -40.20 -3.00 -24.04
C PRO C 251 -40.86 -1.69 -24.52
N SER C 252 -40.89 -0.64 -23.69
CA SER C 252 -41.64 0.57 -24.05
C SER C 252 -41.12 1.28 -25.31
N PRO C 253 -42.04 1.79 -26.13
CA PRO C 253 -41.66 2.54 -27.34
C PRO C 253 -41.06 3.90 -26.99
N MET C 254 -40.19 4.41 -27.86
CA MET C 254 -39.65 5.75 -27.67
C MET C 254 -40.77 6.78 -27.64
N GLU C 255 -40.59 7.82 -26.85
CA GLU C 255 -41.40 9.04 -26.96
C GLU C 255 -40.42 10.19 -27.10
N ALA C 256 -40.77 11.19 -27.89
CA ALA C 256 -39.86 12.30 -28.15
C ALA C 256 -39.41 12.93 -26.82
N GLU C 257 -40.32 13.00 -25.87
CA GLU C 257 -40.03 13.66 -24.59
C GLU C 257 -39.07 12.87 -23.68
N GLN C 258 -38.88 11.59 -23.94
CA GLN C 258 -37.83 10.84 -23.22
C GLN C 258 -36.48 11.44 -23.56
N VAL C 259 -36.24 11.64 -24.85
CA VAL C 259 -35.00 12.28 -25.30
C VAL C 259 -34.95 13.72 -24.80
N GLY C 260 -36.12 14.37 -24.80
CA GLY C 260 -36.22 15.74 -24.33
C GLY C 260 -35.82 15.86 -22.86
N ALA C 261 -36.23 14.88 -22.06
CA ALA C 261 -35.88 14.94 -20.63
C ALA C 261 -34.37 14.78 -20.45
N ALA C 262 -33.77 13.87 -21.22
CA ALA C 262 -32.32 13.68 -21.18
C ALA C 262 -31.60 14.95 -21.60
N ALA C 263 -32.10 15.60 -22.65
CA ALA C 263 -31.52 16.85 -23.13
C ALA C 263 -31.59 17.94 -22.06
N ALA C 264 -32.77 18.09 -21.45
CA ALA C 264 -32.97 19.05 -20.37
C ALA C 264 -31.95 18.84 -19.25
N PHE C 265 -31.78 17.61 -18.78
CA PHE C 265 -30.78 17.36 -17.74
C PHE C 265 -29.36 17.72 -18.19
N LEU C 266 -28.99 17.33 -19.41
CA LEU C 266 -27.60 17.49 -19.86
C LEU C 266 -27.23 18.96 -20.04
N VAL C 267 -28.21 19.79 -20.33
CA VAL C 267 -27.92 21.20 -20.53
C VAL C 267 -28.11 21.99 -19.24
N SER C 268 -28.52 21.30 -18.18
CA SER C 268 -28.76 21.98 -16.91
C SER C 268 -27.48 22.05 -16.08
N PRO C 269 -27.44 22.92 -15.05
CA PRO C 269 -26.26 23.02 -14.19
C PRO C 269 -25.95 21.73 -13.45
N LEU C 270 -26.89 20.79 -13.42
CA LEU C 270 -26.70 19.50 -12.76
C LEU C 270 -25.76 18.58 -13.53
N ALA C 271 -25.46 18.96 -14.78
CA ALA C 271 -24.56 18.15 -15.61
C ALA C 271 -23.25 18.85 -15.96
N SER C 272 -22.80 19.75 -15.09
CA SER C 272 -21.59 20.54 -15.35
C SER C 272 -20.35 19.67 -15.54
N ALA C 273 -20.37 18.45 -15.03
CA ALA C 273 -19.22 17.56 -15.16
C ALA C 273 -19.34 16.58 -16.33
N ILE C 274 -20.40 16.72 -17.14
CA ILE C 274 -20.63 15.80 -18.26
C ILE C 274 -20.42 16.47 -19.60
N THR C 275 -19.42 16.00 -20.33
CA THR C 275 -19.14 16.58 -21.64
C THR C 275 -18.45 15.56 -22.54
N GLY C 276 -18.75 15.65 -23.84
CA GLY C 276 -18.20 14.72 -24.81
C GLY C 276 -18.93 13.38 -24.81
N GLU C 277 -20.05 13.33 -24.10
CA GLU C 277 -20.73 12.07 -23.83
C GLU C 277 -21.65 11.67 -24.97
N THR C 278 -21.73 10.37 -25.22
CA THR C 278 -22.81 9.80 -26.03
C THR C 278 -23.78 9.06 -25.10
N LEU C 279 -24.96 9.65 -24.90
CA LEU C 279 -25.90 9.06 -23.95
C LEU C 279 -26.97 8.31 -24.69
N TYR C 280 -27.05 7.00 -24.44
CA TYR C 280 -28.07 6.17 -25.06
C TYR C 280 -29.41 6.29 -24.35
N VAL C 281 -30.43 6.68 -25.12
CA VAL C 281 -31.81 6.75 -24.66
C VAL C 281 -32.61 5.89 -25.63
N ASP C 282 -32.54 4.57 -25.46
CA ASP C 282 -33.10 3.63 -26.44
C ASP C 282 -33.61 2.36 -25.77
N HIS C 283 -33.94 2.48 -24.48
CA HIS C 283 -34.42 1.37 -23.67
C HIS C 283 -33.42 0.21 -23.55
N GLY C 284 -32.14 0.55 -23.75
CA GLY C 284 -31.05 -0.38 -23.60
C GLY C 284 -30.76 -1.32 -24.78
N ALA C 285 -31.41 -1.09 -25.91
CA ALA C 285 -31.20 -1.99 -27.04
C ALA C 285 -29.72 -2.07 -27.44
N ASN C 286 -29.03 -0.93 -27.36
CA ASN C 286 -27.63 -0.86 -27.78
C ASN C 286 -26.66 -1.78 -27.01
N VAL C 287 -27.03 -2.19 -25.80
CA VAL C 287 -26.13 -3.06 -25.02
C VAL C 287 -26.24 -4.55 -25.36
N MET C 288 -27.24 -4.94 -26.16
CA MET C 288 -27.41 -6.35 -26.54
C MET C 288 -26.36 -6.92 -27.50
N GLY C 289 -25.99 -8.19 -27.27
CA GLY C 289 -24.96 -8.85 -28.06
C GLY C 289 -25.49 -9.76 -29.16
N ILE C 290 -26.80 -9.95 -29.14
CA ILE C 290 -27.53 -10.72 -30.16
C ILE C 290 -28.91 -10.13 -30.27
N GLY C 291 -29.63 -10.52 -31.31
CA GLY C 291 -31.03 -10.12 -31.48
C GLY C 291 -31.96 -11.16 -30.88
N PRO C 292 -33.27 -10.85 -30.90
CA PRO C 292 -34.39 -11.58 -30.30
C PRO C 292 -34.45 -13.10 -30.49
N GLU C 293 -34.13 -13.60 -31.69
CA GLU C 293 -34.32 -15.01 -32.00
C GLU C 293 -33.57 -15.98 -31.07
N MET C 294 -32.42 -15.54 -30.53
CA MET C 294 -31.61 -16.42 -29.69
C MET C 294 -31.78 -16.16 -28.18
N PHE C 295 -32.87 -15.52 -27.79
CA PHE C 295 -33.19 -15.35 -26.38
C PHE C 295 -33.61 -16.68 -25.75
N MET D 1 5.22 -26.27 -43.10
CA MET D 1 5.49 -24.83 -43.10
C MET D 1 4.18 -24.05 -43.16
N LEU D 2 4.20 -22.82 -42.67
CA LEU D 2 3.03 -21.96 -42.75
C LEU D 2 3.39 -20.68 -43.50
N LYS D 3 2.86 -20.53 -44.71
CA LYS D 3 3.19 -19.38 -45.54
C LYS D 3 1.99 -18.46 -45.72
N ILE D 4 2.28 -17.16 -45.86
CA ILE D 4 1.32 -16.20 -46.37
C ILE D 4 1.62 -16.11 -47.86
N ASP D 5 0.82 -16.79 -48.68
CA ASP D 5 1.16 -16.99 -50.08
C ASP D 5 0.20 -16.26 -50.99
N LEU D 6 0.69 -15.20 -51.63
CA LEU D 6 -0.11 -14.36 -52.51
C LEU D 6 0.41 -14.48 -53.95
N THR D 7 1.21 -15.50 -54.21
CA THR D 7 1.73 -15.71 -55.55
C THR D 7 0.55 -15.87 -56.51
N GLY D 8 0.61 -15.14 -57.63
CA GLY D 8 -0.44 -15.15 -58.62
C GLY D 8 -1.57 -14.16 -58.36
N LYS D 9 -1.54 -13.50 -57.21
CA LYS D 9 -2.57 -12.53 -56.87
C LYS D 9 -2.18 -11.12 -57.31
N ILE D 10 -3.16 -10.29 -57.65
CA ILE D 10 -2.92 -8.91 -58.06
C ILE D 10 -3.45 -7.95 -56.99
N ALA D 11 -2.57 -7.10 -56.48
CA ALA D 11 -2.95 -6.07 -55.51
C ALA D 11 -2.88 -4.67 -56.13
N PHE D 12 -3.93 -3.88 -55.96
CA PHE D 12 -3.90 -2.47 -56.36
C PHE D 12 -3.74 -1.63 -55.10
N ILE D 13 -2.63 -0.91 -55.01
CA ILE D 13 -2.39 -0.06 -53.85
C ILE D 13 -2.59 1.40 -54.24
N ALA D 14 -3.58 2.05 -53.63
CA ALA D 14 -3.88 3.45 -53.92
C ALA D 14 -3.19 4.33 -52.90
N GLY D 15 -2.10 4.97 -53.29
CA GLY D 15 -1.45 5.94 -52.41
C GLY D 15 -0.01 5.64 -52.07
N ILE D 16 0.81 5.44 -53.08
CA ILE D 16 2.26 5.35 -52.88
C ILE D 16 2.89 6.56 -53.61
N GLY D 17 3.56 7.43 -52.87
CA GLY D 17 4.11 8.65 -53.45
C GLY D 17 5.62 8.68 -53.31
N ASP D 18 6.15 7.81 -52.46
CA ASP D 18 7.59 7.70 -52.27
C ASP D 18 7.81 6.43 -51.47
N ASP D 19 9.04 6.23 -50.99
CA ASP D 19 9.35 5.01 -50.25
C ASP D 19 9.22 5.18 -48.73
N ASN D 20 8.60 6.27 -48.29
CA ASN D 20 8.63 6.62 -46.87
C ASN D 20 7.33 6.48 -46.10
N GLY D 21 6.28 6.02 -46.76
CA GLY D 21 4.97 5.93 -46.13
C GLY D 21 4.56 4.48 -45.89
N TYR D 22 3.34 4.30 -45.41
CA TYR D 22 2.82 2.94 -45.17
C TYR D 22 2.47 2.19 -46.47
N GLY D 23 2.10 2.94 -47.50
CA GLY D 23 1.79 2.31 -48.77
C GLY D 23 2.98 1.55 -49.34
N TRP D 24 4.17 2.11 -49.23
CA TRP D 24 5.39 1.43 -49.72
C TRP D 24 5.64 0.17 -48.90
N GLY D 25 5.55 0.30 -47.59
CA GLY D 25 5.73 -0.82 -46.68
C GLY D 25 4.76 -1.95 -46.98
N ILE D 26 3.51 -1.62 -47.28
CA ILE D 26 2.52 -2.62 -47.63
C ILE D 26 2.86 -3.29 -48.98
N ALA D 27 3.30 -2.49 -49.94
CA ALA D 27 3.69 -3.03 -51.25
C ALA D 27 4.81 -4.05 -51.06
N LYS D 28 5.78 -3.69 -50.24
CA LYS D 28 6.95 -4.51 -50.09
C LYS D 28 6.59 -5.86 -49.48
N MET D 29 5.70 -5.88 -48.49
CA MET D 29 5.34 -7.13 -47.83
C MET D 29 4.44 -8.01 -48.70
N LEU D 30 3.52 -7.40 -49.44
CA LEU D 30 2.69 -8.13 -50.39
C LEU D 30 3.56 -8.76 -51.49
N ALA D 31 4.55 -8.00 -51.95
CA ALA D 31 5.54 -8.56 -52.90
C ALA D 31 6.34 -9.71 -52.28
N GLU D 32 6.74 -9.57 -51.02
CA GLU D 32 7.44 -10.66 -50.34
C GLU D 32 6.58 -11.92 -50.34
N ALA D 33 5.27 -11.73 -50.28
CA ALA D 33 4.32 -12.83 -50.24
C ALA D 33 4.04 -13.40 -51.63
N GLY D 34 4.46 -12.68 -52.66
CA GLY D 34 4.34 -13.16 -54.03
C GLY D 34 3.36 -12.37 -54.90
N ALA D 35 2.74 -11.36 -54.31
CA ALA D 35 1.72 -10.61 -55.02
C ALA D 35 2.31 -9.74 -56.12
N THR D 36 1.56 -9.61 -57.20
CA THR D 36 1.88 -8.66 -58.27
C THR D 36 1.26 -7.33 -57.89
N ILE D 37 2.02 -6.25 -58.05
CA ILE D 37 1.59 -4.96 -57.51
C ILE D 37 1.24 -3.94 -58.59
N LEU D 38 0.01 -3.42 -58.52
CA LEU D 38 -0.39 -2.25 -59.29
C LEU D 38 -0.47 -1.06 -58.34
N VAL D 39 -0.09 0.13 -58.83
CA VAL D 39 -0.02 1.29 -57.95
C VAL D 39 -0.81 2.47 -58.51
N GLY D 40 -1.54 3.17 -57.65
CA GLY D 40 -2.14 4.44 -58.01
C GLY D 40 -1.40 5.55 -57.30
N THR D 41 -0.86 6.50 -58.07
CA THR D 41 -0.05 7.57 -57.53
C THR D 41 -0.71 8.92 -57.86
N TRP D 42 -0.84 9.77 -56.86
CA TRP D 42 -1.45 11.09 -57.02
C TRP D 42 -0.84 11.86 -58.19
N VAL D 43 -1.71 12.37 -59.06
CA VAL D 43 -1.29 13.03 -60.30
C VAL D 43 -0.07 13.99 -60.18
N PRO D 44 -0.10 14.96 -59.24
CA PRO D 44 0.98 15.96 -59.24
C PRO D 44 2.36 15.43 -58.88
N ILE D 45 2.43 14.24 -58.28
CA ILE D 45 3.72 13.66 -57.94
C ILE D 45 4.03 12.38 -58.71
N TYR D 46 3.15 12.02 -59.65
CA TYR D 46 3.35 10.82 -60.46
C TYR D 46 4.65 10.83 -61.28
N LYS D 47 4.93 11.96 -61.92
CA LYS D 47 6.12 12.03 -62.77
C LYS D 47 7.40 11.87 -61.97
N ILE D 48 7.51 12.58 -60.85
CA ILE D 48 8.71 12.49 -60.02
C ILE D 48 8.88 11.11 -59.34
N PHE D 49 7.76 10.50 -58.94
CA PHE D 49 7.82 9.17 -58.34
C PHE D 49 8.30 8.15 -59.37
N SER D 50 7.64 8.13 -60.52
CA SER D 50 7.97 7.19 -61.57
C SER D 50 9.42 7.37 -62.04
N GLN D 51 9.82 8.62 -62.25
CA GLN D 51 11.18 8.90 -62.72
C GLN D 51 12.25 8.53 -61.70
N SER D 52 12.01 8.82 -60.42
CA SER D 52 12.96 8.50 -59.37
C SER D 52 13.12 6.99 -59.26
N LEU D 53 12.01 6.28 -59.37
CA LEU D 53 12.02 4.83 -59.37
C LEU D 53 12.97 4.31 -60.45
N GLU D 54 12.82 4.85 -61.65
CA GLU D 54 13.61 4.40 -62.81
C GLU D 54 15.08 4.83 -62.70
N LEU D 55 15.36 5.90 -61.98
CA LEU D 55 16.72 6.36 -61.80
C LEU D 55 17.47 5.51 -60.76
N GLY D 56 16.71 4.70 -60.00
CA GLY D 56 17.29 3.86 -58.97
C GLY D 56 17.30 4.51 -57.61
N LYS D 57 16.62 5.65 -57.51
CA LYS D 57 16.58 6.46 -56.28
C LYS D 57 16.09 5.71 -55.04
N PHE D 58 15.16 4.79 -55.23
CA PHE D 58 14.56 4.03 -54.13
C PHE D 58 15.14 2.62 -54.01
N ASN D 59 16.27 2.36 -54.64
CA ASN D 59 16.80 1.00 -54.69
C ASN D 59 17.13 0.37 -53.32
N ALA D 60 17.63 1.17 -52.39
CA ALA D 60 17.89 0.67 -51.04
C ALA D 60 16.59 0.22 -50.35
N SER D 61 15.49 0.90 -50.64
CA SER D 61 14.19 0.53 -50.08
C SER D 61 13.49 -0.58 -50.87
N ARG D 62 14.07 -0.98 -51.99
CA ARG D 62 13.41 -1.94 -52.88
C ARG D 62 13.80 -3.40 -52.64
N GLU D 63 14.88 -3.62 -51.90
CA GLU D 63 15.41 -4.98 -51.75
C GLU D 63 14.45 -5.94 -51.04
N LEU D 64 14.24 -7.12 -51.63
CA LEU D 64 13.36 -8.12 -51.05
C LEU D 64 14.18 -9.28 -50.47
N SER D 65 13.53 -10.12 -49.67
CA SER D 65 14.21 -11.24 -49.01
C SER D 65 14.78 -12.26 -49.99
N ASN D 66 14.10 -12.44 -51.13
CA ASN D 66 14.54 -13.41 -52.13
C ASN D 66 15.64 -12.90 -53.04
N GLY D 67 16.05 -11.65 -52.84
CA GLY D 67 17.09 -11.05 -53.64
C GLY D 67 16.57 -10.23 -54.80
N GLU D 68 15.26 -10.31 -55.04
CA GLU D 68 14.62 -9.54 -56.10
C GLU D 68 14.44 -8.10 -55.62
N LEU D 69 14.13 -7.19 -56.54
CA LEU D 69 13.73 -5.85 -56.17
C LEU D 69 12.23 -5.70 -56.29
N LEU D 70 11.60 -5.04 -55.31
CA LEU D 70 10.21 -4.60 -55.46
C LEU D 70 9.94 -3.98 -56.83
N THR D 71 8.95 -4.51 -57.52
CA THR D 71 8.60 -4.07 -58.87
C THR D 71 7.10 -3.83 -58.98
N PHE D 72 6.72 -2.74 -59.64
CA PHE D 72 5.32 -2.50 -59.93
C PHE D 72 4.98 -2.88 -61.37
N ALA D 73 3.93 -3.67 -61.57
CA ALA D 73 3.51 -4.07 -62.90
C ALA D 73 3.02 -2.86 -63.70
N LYS D 74 2.33 -1.95 -63.01
CA LYS D 74 1.90 -0.70 -63.63
C LYS D 74 1.70 0.37 -62.57
N ILE D 75 2.11 1.59 -62.87
CA ILE D 75 1.80 2.74 -62.01
C ILE D 75 0.81 3.61 -62.75
N TYR D 76 -0.33 3.88 -62.12
CA TYR D 76 -1.37 4.72 -62.72
C TYR D 76 -1.41 6.08 -62.07
N PRO D 77 -1.29 7.16 -62.87
CA PRO D 77 -1.60 8.45 -62.27
C PRO D 77 -3.06 8.44 -61.87
N MET D 78 -3.37 8.95 -60.69
CA MET D 78 -4.74 8.90 -60.22
C MET D 78 -5.02 10.03 -59.27
N ASP D 79 -6.25 10.53 -59.28
CA ASP D 79 -6.71 11.44 -58.25
C ASP D 79 -8.07 10.93 -57.79
N ALA D 80 -8.09 10.39 -56.57
CA ALA D 80 -9.28 9.72 -56.06
C ALA D 80 -10.36 10.68 -55.58
N SER D 81 -10.13 11.98 -55.79
CA SER D 81 -11.16 12.99 -55.59
C SER D 81 -12.23 12.90 -56.66
N PHE D 82 -11.87 12.28 -57.78
CA PHE D 82 -12.73 12.28 -58.97
C PHE D 82 -13.15 10.87 -59.36
N ASP D 83 -14.45 10.68 -59.56
CA ASP D 83 -14.96 9.38 -59.97
C ASP D 83 -14.99 9.28 -61.48
N THR D 84 -15.43 10.36 -62.13
CA THR D 84 -15.49 10.44 -63.59
C THR D 84 -14.94 11.79 -64.04
N PRO D 85 -14.58 11.92 -65.33
CA PRO D 85 -14.04 13.20 -65.83
C PRO D 85 -14.97 14.40 -65.59
N GLU D 86 -16.27 14.15 -65.51
CA GLU D 86 -17.25 15.20 -65.27
C GLU D 86 -17.09 15.82 -63.87
N ASP D 87 -16.36 15.14 -63.00
CA ASP D 87 -16.16 15.61 -61.62
C ASP D 87 -15.05 16.65 -61.49
N ILE D 88 -14.17 16.73 -62.49
CA ILE D 88 -12.95 17.52 -62.37
C ILE D 88 -13.22 19.00 -62.59
N PRO D 89 -12.83 19.84 -61.62
CA PRO D 89 -13.03 21.29 -61.71
C PRO D 89 -12.17 21.89 -62.83
N GLN D 90 -12.62 23.00 -63.40
CA GLN D 90 -11.90 23.66 -64.50
C GLN D 90 -10.44 23.96 -64.13
N GLU D 91 -10.23 24.41 -62.90
CA GLU D 91 -8.89 24.74 -62.41
C GLU D 91 -7.94 23.56 -62.52
N ILE D 92 -8.46 22.36 -62.24
CA ILE D 92 -7.65 21.16 -62.29
C ILE D 92 -7.40 20.76 -63.74
N LEU D 93 -8.42 20.85 -64.57
CA LEU D 93 -8.25 20.64 -66.01
C LEU D 93 -7.20 21.58 -66.60
N GLU D 94 -7.11 22.79 -66.08
CA GLU D 94 -6.13 23.76 -66.59
C GLU D 94 -4.75 23.63 -65.93
N ASN D 95 -4.65 22.83 -64.86
CA ASN D 95 -3.36 22.67 -64.19
C ASN D 95 -2.32 21.94 -65.03
N LYS D 96 -1.08 22.41 -64.97
CA LYS D 96 0.02 21.90 -65.78
C LYS D 96 0.20 20.38 -65.67
N ARG D 97 0.10 19.86 -64.45
CA ARG D 97 0.44 18.47 -64.21
C ARG D 97 -0.71 17.53 -64.52
N TYR D 98 -1.92 18.05 -64.61
CA TYR D 98 -3.07 17.27 -65.04
C TYR D 98 -3.34 17.35 -66.54
N LYS D 99 -3.10 18.52 -67.14
CA LYS D 99 -3.58 18.78 -68.50
C LYS D 99 -2.91 17.92 -69.57
N ASP D 100 -1.70 17.45 -69.29
CA ASP D 100 -1.01 16.59 -70.23
C ASP D 100 -1.07 15.14 -69.76
N LEU D 101 -2.17 14.80 -69.11
CA LEU D 101 -2.48 13.43 -68.74
C LEU D 101 -3.97 13.21 -68.93
N SER D 102 -4.40 11.95 -68.81
CA SER D 102 -5.80 11.60 -69.00
C SER D 102 -6.03 10.27 -68.31
N GLY D 103 -7.30 9.92 -68.09
CA GLY D 103 -7.64 8.62 -67.55
C GLY D 103 -7.22 8.45 -66.09
N TYR D 104 -7.27 9.54 -65.32
CA TYR D 104 -6.81 9.52 -63.93
C TYR D 104 -7.93 9.57 -62.89
N THR D 105 -9.18 9.50 -63.35
CA THR D 105 -10.30 9.42 -62.42
C THR D 105 -10.43 7.96 -62.03
N VAL D 106 -11.16 7.68 -60.95
CA VAL D 106 -11.27 6.31 -60.45
C VAL D 106 -11.88 5.36 -61.49
N SER D 107 -12.96 5.78 -62.16
CA SER D 107 -13.61 4.93 -63.13
C SER D 107 -12.66 4.56 -64.28
N GLU D 108 -11.86 5.55 -64.70
CA GLU D 108 -10.96 5.38 -65.82
C GLU D 108 -9.80 4.46 -65.47
N VAL D 109 -9.29 4.57 -64.25
CA VAL D 109 -8.21 3.68 -63.80
C VAL D 109 -8.70 2.24 -63.73
N VAL D 110 -9.89 2.05 -63.17
CA VAL D 110 -10.47 0.71 -63.03
C VAL D 110 -10.71 0.10 -64.42
N GLU D 111 -11.20 0.90 -65.35
CA GLU D 111 -11.42 0.39 -66.70
C GLU D 111 -10.12 -0.05 -67.38
N GLN D 112 -9.01 0.63 -67.08
CA GLN D 112 -7.73 0.25 -67.69
C GLN D 112 -7.20 -1.02 -67.05
N VAL D 113 -7.36 -1.12 -65.74
CA VAL D 113 -7.01 -2.35 -65.03
C VAL D 113 -7.81 -3.56 -65.59
N LYS D 114 -9.11 -3.35 -65.77
CA LYS D 114 -9.98 -4.41 -66.26
C LYS D 114 -9.56 -4.86 -67.65
N LYS D 115 -9.17 -3.92 -68.50
CA LYS D 115 -8.76 -4.28 -69.86
C LYS D 115 -7.47 -5.09 -69.88
N HIS D 116 -6.48 -4.66 -69.10
CA HIS D 116 -5.16 -5.27 -69.20
C HIS D 116 -4.91 -6.43 -68.26
N PHE D 117 -5.66 -6.50 -67.16
CA PHE D 117 -5.49 -7.55 -66.16
C PHE D 117 -6.75 -8.36 -65.85
N GLY D 118 -7.92 -7.82 -66.19
CA GLY D 118 -9.17 -8.53 -66.06
C GLY D 118 -9.78 -8.47 -64.67
N HIS D 119 -8.95 -8.70 -63.65
CA HIS D 119 -9.43 -8.85 -62.29
C HIS D 119 -8.37 -8.37 -61.30
N ILE D 120 -8.78 -8.10 -60.06
CA ILE D 120 -7.81 -7.90 -58.98
C ILE D 120 -8.22 -8.74 -57.80
N ASP D 121 -7.30 -8.90 -56.86
CA ASP D 121 -7.53 -9.75 -55.70
C ASP D 121 -7.49 -8.95 -54.40
N ILE D 122 -6.72 -7.88 -54.39
CA ILE D 122 -6.49 -7.13 -53.15
C ILE D 122 -6.56 -5.64 -53.49
N LEU D 123 -7.28 -4.90 -52.67
CA LEU D 123 -7.33 -3.45 -52.79
C LEU D 123 -6.76 -2.83 -51.51
N VAL D 124 -5.71 -2.03 -51.63
CA VAL D 124 -5.14 -1.35 -50.46
C VAL D 124 -5.37 0.15 -50.64
N HIS D 125 -5.90 0.78 -49.58
CA HIS D 125 -6.16 2.21 -49.54
C HIS D 125 -5.22 2.82 -48.50
N SER D 126 -4.21 3.54 -48.97
CA SER D 126 -3.26 4.19 -48.07
C SER D 126 -3.16 5.66 -48.42
N LEU D 127 -4.29 6.35 -48.36
CA LEU D 127 -4.30 7.76 -48.76
C LEU D 127 -5.22 8.61 -47.88
N ALA D 128 -4.73 9.82 -47.59
CA ALA D 128 -5.48 10.75 -46.78
C ALA D 128 -5.03 12.16 -47.10
N ASN D 129 -5.96 13.10 -47.03
CA ASN D 129 -5.59 14.52 -47.03
C ASN D 129 -6.69 15.40 -46.50
N SER D 130 -6.30 16.39 -45.70
CA SER D 130 -7.14 17.55 -45.49
C SER D 130 -6.36 18.81 -45.84
N PRO D 131 -7.02 19.75 -46.55
CA PRO D 131 -6.35 21.01 -46.85
C PRO D 131 -6.25 21.91 -45.61
N GLU D 132 -6.86 21.47 -44.51
CA GLU D 132 -6.95 22.30 -43.30
C GLU D 132 -6.49 21.60 -42.01
N ILE D 133 -5.56 20.67 -42.13
CA ILE D 133 -5.21 19.83 -40.98
C ILE D 133 -4.64 20.62 -39.79
N ALA D 134 -4.07 21.80 -40.04
CA ALA D 134 -3.50 22.59 -38.95
C ALA D 134 -4.55 23.34 -38.15
N LYS D 135 -5.78 23.36 -38.67
CA LYS D 135 -6.84 24.16 -38.05
C LYS D 135 -7.66 23.32 -37.07
N PRO D 136 -7.97 23.90 -35.89
CA PRO D 136 -8.91 23.24 -34.97
C PRO D 136 -10.20 22.94 -35.72
N LEU D 137 -10.88 21.84 -35.39
CA LEU D 137 -12.11 21.50 -36.09
C LEU D 137 -13.13 22.64 -36.03
N LEU D 138 -13.16 23.34 -34.90
CA LEU D 138 -14.03 24.51 -34.74
C LEU D 138 -13.80 25.59 -35.80
N ASP D 139 -12.59 25.65 -36.36
CA ASP D 139 -12.20 26.70 -37.31
C ASP D 139 -12.04 26.16 -38.72
N THR D 140 -12.46 24.92 -38.93
CA THR D 140 -12.35 24.28 -40.24
C THR D 140 -13.58 24.66 -41.06
N SER D 141 -13.38 24.97 -42.34
CA SER D 141 -14.46 25.42 -43.23
C SER D 141 -15.24 24.22 -43.76
N ARG D 142 -16.46 24.45 -44.25
CA ARG D 142 -17.25 23.38 -44.84
C ARG D 142 -16.47 22.75 -46.00
N LYS D 143 -15.88 23.61 -46.84
CA LYS D 143 -15.11 23.11 -47.99
C LYS D 143 -13.97 22.20 -47.56
N GLY D 144 -13.23 22.64 -46.54
CA GLY D 144 -12.12 21.87 -46.02
C GLY D 144 -12.53 20.54 -45.41
N TYR D 145 -13.62 20.55 -44.64
CA TYR D 145 -14.12 19.35 -43.96
C TYR D 145 -14.54 18.32 -45.00
N LEU D 146 -15.35 18.75 -45.95
CA LEU D 146 -15.83 17.85 -47.01
C LEU D 146 -14.71 17.37 -47.95
N ALA D 147 -13.70 18.18 -48.17
CA ALA D 147 -12.54 17.74 -48.96
C ALA D 147 -11.81 16.61 -48.21
N ALA D 148 -11.70 16.75 -46.89
CA ALA D 148 -11.06 15.72 -46.08
C ALA D 148 -11.83 14.42 -46.20
N LEU D 149 -13.15 14.51 -46.14
CA LEU D 149 -13.97 13.30 -46.24
C LEU D 149 -13.92 12.72 -47.65
N SER D 150 -13.90 13.60 -48.64
CA SER D 150 -13.92 13.15 -50.02
C SER D 150 -12.65 12.36 -50.36
N THR D 151 -11.51 12.94 -50.02
CA THR D 151 -10.22 12.35 -50.33
C THR D 151 -9.90 11.16 -49.43
N SER D 152 -10.22 11.28 -48.14
CA SER D 152 -9.75 10.30 -47.19
C SER D 152 -10.71 9.16 -46.91
N SER D 153 -12.00 9.40 -47.16
CA SER D 153 -13.03 8.42 -46.83
C SER D 153 -13.80 7.94 -48.03
N TYR D 154 -14.46 8.86 -48.73
CA TYR D 154 -15.29 8.47 -49.86
C TYR D 154 -14.47 7.76 -50.95
N SER D 155 -13.21 8.17 -51.12
CA SER D 155 -12.32 7.52 -52.09
C SER D 155 -12.25 6.01 -51.90
N PHE D 156 -12.32 5.56 -50.66
CA PHE D 156 -12.34 4.10 -50.44
C PHE D 156 -13.60 3.44 -51.00
N ILE D 157 -14.75 4.00 -50.68
CA ILE D 157 -16.02 3.55 -51.26
C ILE D 157 -15.98 3.56 -52.81
N SER D 158 -15.44 4.62 -53.41
CA SER D 158 -15.39 4.67 -54.89
C SER D 158 -14.50 3.58 -55.43
N LEU D 159 -13.36 3.35 -54.76
CA LEU D 159 -12.45 2.29 -55.23
C LEU D 159 -13.06 0.90 -55.11
N LEU D 160 -13.77 0.65 -54.01
CA LEU D 160 -14.39 -0.67 -53.82
C LEU D 160 -15.59 -0.86 -54.75
N SER D 161 -16.38 0.20 -54.91
CA SER D 161 -17.56 0.14 -55.75
C SER D 161 -17.18 -0.18 -57.20
N HIS D 162 -16.17 0.52 -57.70
CA HIS D 162 -15.70 0.27 -59.07
C HIS D 162 -14.93 -1.05 -59.25
N PHE D 163 -14.05 -1.40 -58.32
CA PHE D 163 -13.27 -2.63 -58.43
C PHE D 163 -14.03 -3.92 -58.10
N GLY D 164 -14.99 -3.81 -57.18
CA GLY D 164 -15.71 -4.98 -56.67
C GLY D 164 -16.20 -5.96 -57.74
N PRO D 165 -16.87 -5.45 -58.78
CA PRO D 165 -17.34 -6.33 -59.86
C PRO D 165 -16.23 -7.06 -60.61
N ILE D 166 -14.97 -6.63 -60.50
CA ILE D 166 -13.89 -7.42 -61.09
C ILE D 166 -12.99 -8.12 -60.08
N MET D 167 -13.36 -8.10 -58.81
CA MET D 167 -12.56 -8.81 -57.83
C MET D 167 -12.78 -10.32 -57.94
N ASN D 168 -11.72 -11.09 -57.83
CA ASN D 168 -11.83 -12.55 -57.78
C ASN D 168 -12.42 -13.06 -56.47
N ALA D 169 -12.71 -14.36 -56.44
CA ALA D 169 -13.09 -15.02 -55.19
C ALA D 169 -11.94 -14.91 -54.21
N GLY D 170 -12.26 -14.78 -52.93
CA GLY D 170 -11.24 -14.64 -51.90
C GLY D 170 -10.64 -13.25 -51.79
N ALA D 171 -11.22 -12.28 -52.49
CA ALA D 171 -10.67 -10.92 -52.50
C ALA D 171 -10.90 -10.20 -51.17
N SER D 172 -10.04 -9.23 -50.88
CA SER D 172 -10.19 -8.42 -49.67
C SER D 172 -9.57 -7.04 -49.83
N THR D 173 -9.88 -6.17 -48.88
CA THR D 173 -9.41 -4.79 -48.92
C THR D 173 -8.76 -4.44 -47.58
N ILE D 174 -7.84 -3.48 -47.63
CA ILE D 174 -7.19 -2.92 -46.45
C ILE D 174 -7.23 -1.40 -46.58
N SER D 175 -7.60 -0.70 -45.50
CA SER D 175 -7.45 0.76 -45.49
C SER D 175 -6.68 1.12 -44.21
N LEU D 176 -6.20 2.35 -44.10
CA LEU D 176 -5.43 2.77 -42.92
C LEU D 176 -6.12 3.85 -42.11
N THR D 177 -6.06 3.72 -40.79
CA THR D 177 -6.73 4.66 -39.90
C THR D 177 -5.87 5.03 -38.70
N TYR D 178 -6.41 5.84 -37.81
CA TYR D 178 -5.66 6.36 -36.67
C TYR D 178 -6.67 6.61 -35.57
N LEU D 179 -6.22 6.49 -34.32
CA LEU D 179 -7.14 6.40 -33.19
C LEU D 179 -7.92 7.67 -32.87
N ALA D 180 -7.52 8.77 -33.51
CA ALA D 180 -8.22 10.04 -33.36
C ALA D 180 -9.62 10.00 -33.99
N SER D 181 -9.90 8.93 -34.71
CA SER D 181 -11.23 8.67 -35.25
C SER D 181 -12.34 8.77 -34.21
N MET D 182 -12.13 8.13 -33.06
CA MET D 182 -13.15 8.14 -32.01
C MET D 182 -12.66 8.53 -30.62
N ARG D 183 -11.46 9.07 -30.54
CA ARG D 183 -11.00 9.70 -29.30
C ARG D 183 -10.42 11.06 -29.69
N ALA D 184 -10.64 12.08 -28.88
CA ALA D 184 -10.23 13.44 -29.26
C ALA D 184 -8.71 13.61 -29.17
N VAL D 185 -8.08 13.94 -30.30
CA VAL D 185 -6.65 14.23 -30.32
C VAL D 185 -6.45 15.65 -30.84
N PRO D 186 -6.20 16.60 -29.93
CA PRO D 186 -5.97 17.99 -30.35
C PRO D 186 -4.81 18.09 -31.33
N GLY D 187 -5.05 18.71 -32.48
CA GLY D 187 -4.03 18.83 -33.51
C GLY D 187 -4.32 17.99 -34.74
N TYR D 188 -5.21 17.01 -34.61
CA TYR D 188 -5.64 16.22 -35.77
C TYR D 188 -6.82 16.97 -36.40
N GLY D 189 -6.51 18.10 -37.05
CA GLY D 189 -7.53 19.05 -37.44
C GLY D 189 -8.07 18.90 -38.85
N GLY D 190 -8.74 19.94 -39.32
CA GLY D 190 -9.27 19.97 -40.68
C GLY D 190 -10.27 18.88 -41.01
N GLY D 191 -10.93 18.35 -39.98
CA GLY D 191 -11.91 17.29 -40.18
C GLY D 191 -11.32 15.90 -40.39
N MET D 192 -10.01 15.75 -40.19
CA MET D 192 -9.41 14.42 -40.31
C MET D 192 -10.00 13.43 -39.30
N ASN D 193 -10.43 13.92 -38.14
CA ASN D 193 -11.07 13.05 -37.14
C ASN D 193 -12.34 12.43 -37.72
N ALA D 194 -13.13 13.25 -38.41
CA ALA D 194 -14.39 12.82 -38.98
C ALA D 194 -14.12 11.90 -40.16
N ALA D 195 -13.09 12.23 -40.94
CA ALA D 195 -12.74 11.40 -42.10
C ALA D 195 -12.36 10.01 -41.64
N LYS D 196 -11.60 9.91 -40.55
CA LYS D 196 -11.26 8.58 -40.01
C LYS D 196 -12.44 7.86 -39.34
N ALA D 197 -13.31 8.60 -38.67
CA ALA D 197 -14.52 8.01 -38.11
C ALA D 197 -15.36 7.40 -39.22
N ALA D 198 -15.51 8.15 -40.31
CA ALA D 198 -16.28 7.70 -41.46
C ALA D 198 -15.64 6.47 -42.09
N LEU D 199 -14.32 6.48 -42.24
CA LEU D 199 -13.62 5.35 -42.83
C LEU D 199 -13.85 4.08 -42.01
N GLU D 200 -13.74 4.17 -40.68
CA GLU D 200 -13.97 3.00 -39.83
C GLU D 200 -15.41 2.56 -39.79
N SER D 201 -16.33 3.51 -39.87
CA SER D 201 -17.75 3.18 -39.87
C SER D 201 -18.06 2.50 -41.20
N ASP D 202 -17.52 3.09 -42.26
CA ASP D 202 -17.68 2.51 -43.59
C ASP D 202 -17.08 1.12 -43.67
N THR D 203 -15.96 0.89 -42.95
CA THR D 203 -15.35 -0.45 -42.95
C THR D 203 -16.34 -1.54 -42.51
N LYS D 204 -17.11 -1.26 -41.47
CA LYS D 204 -18.09 -2.21 -40.95
C LYS D 204 -19.28 -2.43 -41.92
N VAL D 205 -19.80 -1.32 -42.44
CA VAL D 205 -20.94 -1.37 -43.34
C VAL D 205 -20.55 -2.06 -44.65
N LEU D 206 -19.40 -1.69 -45.18
CA LEU D 206 -18.94 -2.29 -46.43
C LEU D 206 -18.56 -3.77 -46.25
N ALA D 207 -18.11 -4.16 -45.06
CA ALA D 207 -17.83 -5.59 -44.79
C ALA D 207 -19.10 -6.40 -45.00
N TRP D 208 -20.23 -5.89 -44.52
CA TRP D 208 -21.49 -6.56 -44.77
C TRP D 208 -21.89 -6.47 -46.23
N GLU D 209 -21.84 -5.27 -46.80
CA GLU D 209 -22.37 -5.08 -48.15
C GLU D 209 -21.52 -5.79 -49.19
N ALA D 210 -20.21 -5.70 -49.06
CA ALA D 210 -19.30 -6.30 -50.03
C ALA D 210 -19.18 -7.80 -49.77
N GLY D 211 -19.27 -8.16 -48.49
CA GLY D 211 -19.28 -9.57 -48.12
C GLY D 211 -20.45 -10.29 -48.76
N ARG D 212 -21.65 -9.72 -48.61
CA ARG D 212 -22.82 -10.35 -49.18
C ARG D 212 -22.89 -10.26 -50.70
N ARG D 213 -22.41 -9.15 -51.27
CA ARG D 213 -22.51 -8.96 -52.72
C ARG D 213 -21.47 -9.74 -53.53
N TRP D 214 -20.23 -9.75 -53.06
CA TRP D 214 -19.12 -10.38 -53.80
C TRP D 214 -18.29 -11.38 -52.98
N GLY D 215 -18.61 -11.55 -51.71
CA GLY D 215 -17.82 -12.39 -50.82
C GLY D 215 -16.48 -11.78 -50.45
N VAL D 216 -16.36 -10.47 -50.61
CA VAL D 216 -15.11 -9.76 -50.36
C VAL D 216 -15.00 -9.40 -48.87
N ARG D 217 -13.79 -9.50 -48.32
CA ARG D 217 -13.54 -9.07 -46.93
C ARG D 217 -13.01 -7.63 -46.89
N VAL D 218 -13.31 -6.90 -45.80
CA VAL D 218 -12.98 -5.48 -45.75
C VAL D 218 -12.44 -5.18 -44.36
N ASN D 219 -11.15 -4.87 -44.27
CA ASN D 219 -10.53 -4.58 -42.98
C ASN D 219 -9.73 -3.28 -42.92
N THR D 220 -9.52 -2.77 -41.72
CA THR D 220 -8.76 -1.54 -41.57
C THR D 220 -7.70 -1.72 -40.49
N ILE D 221 -6.55 -1.09 -40.69
CA ILE D 221 -5.45 -1.16 -39.75
C ILE D 221 -5.24 0.23 -39.17
N SER D 222 -5.26 0.31 -37.83
CA SER D 222 -5.00 1.55 -37.11
C SER D 222 -3.54 1.54 -36.66
N ALA D 223 -2.75 2.46 -37.22
CA ALA D 223 -1.30 2.41 -37.06
C ALA D 223 -0.77 3.46 -36.11
N GLY D 224 0.43 3.21 -35.60
CA GLY D 224 1.13 4.19 -34.78
C GLY D 224 1.74 5.26 -35.67
N PRO D 225 2.35 6.28 -35.06
CA PRO D 225 2.89 7.42 -35.83
C PRO D 225 4.09 7.03 -36.68
N LEU D 226 4.15 7.54 -37.90
CA LEU D 226 5.26 7.29 -38.80
C LEU D 226 5.66 8.59 -39.50
N ALA D 227 6.96 8.80 -39.67
CA ALA D 227 7.48 10.00 -40.34
C ALA D 227 7.44 9.89 -41.86
N SER D 228 6.24 9.73 -42.40
CA SER D 228 6.03 9.69 -43.84
C SER D 228 6.02 11.10 -44.41
N ARG D 229 5.62 11.20 -45.67
CA ARG D 229 5.40 12.52 -46.28
C ARG D 229 4.37 13.30 -45.48
N ALA D 230 3.17 12.73 -45.34
CA ALA D 230 2.08 13.36 -44.62
C ALA D 230 2.43 13.58 -43.15
N GLY D 231 3.11 12.59 -42.56
CA GLY D 231 3.53 12.66 -41.17
C GLY D 231 4.50 13.80 -40.87
N LYS D 232 5.46 14.04 -41.76
CA LYS D 232 6.45 15.08 -41.53
C LYS D 232 5.84 16.48 -41.71
N ALA D 233 4.79 16.56 -42.51
CA ALA D 233 4.19 17.85 -42.84
C ALA D 233 3.36 18.42 -41.68
N ILE D 234 2.87 17.54 -40.79
CA ILE D 234 2.04 18.01 -39.68
C ILE D 234 2.85 18.87 -38.70
N GLY D 235 4.16 18.64 -38.65
CA GLY D 235 5.07 19.56 -38.00
C GLY D 235 5.64 19.15 -36.64
N PHE D 236 5.11 18.07 -36.08
CA PHE D 236 5.60 17.60 -34.78
C PHE D 236 5.64 16.07 -34.70
N ILE D 237 5.87 15.39 -35.83
CA ILE D 237 5.79 13.94 -35.85
C ILE D 237 6.83 13.27 -34.94
N GLU D 238 8.02 13.87 -34.83
CA GLU D 238 9.08 13.27 -34.03
C GLU D 238 8.72 13.27 -32.54
N ARG D 239 8.06 14.34 -32.10
CA ARG D 239 7.56 14.40 -30.73
C ARG D 239 6.50 13.31 -30.51
N MET D 240 5.68 13.07 -31.51
CA MET D 240 4.66 12.03 -31.40
C MET D 240 5.28 10.63 -31.32
N VAL D 241 6.27 10.35 -32.17
CA VAL D 241 7.04 9.12 -32.08
C VAL D 241 7.63 8.91 -30.67
N ASP D 242 8.24 9.97 -30.12
CA ASP D 242 8.84 9.91 -28.79
C ASP D 242 7.77 9.66 -27.72
N TYR D 243 6.63 10.33 -27.86
CA TYR D 243 5.54 10.16 -26.91
C TYR D 243 5.06 8.73 -26.87
N TYR D 244 4.80 8.17 -28.05
CA TYR D 244 4.35 6.79 -28.15
C TYR D 244 5.33 5.81 -27.51
N GLN D 245 6.63 6.08 -27.65
CA GLN D 245 7.62 5.21 -27.04
C GLN D 245 7.55 5.23 -25.50
N ASP D 246 7.27 6.42 -24.95
CA ASP D 246 7.13 6.54 -23.50
C ASP D 246 5.80 5.98 -22.98
N TRP D 247 4.81 5.97 -23.86
CA TRP D 247 3.42 5.71 -23.51
C TRP D 247 3.02 4.23 -23.63
N ALA D 248 3.47 3.59 -24.71
CA ALA D 248 3.00 2.27 -25.12
C ALA D 248 3.58 1.10 -24.31
N PRO D 249 2.84 -0.03 -24.29
CA PRO D 249 3.34 -1.25 -23.66
C PRO D 249 4.72 -1.62 -24.17
N LEU D 250 4.95 -1.48 -25.49
CA LEU D 250 6.28 -1.73 -26.06
C LEU D 250 6.87 -0.46 -26.67
N PRO D 251 8.19 -0.26 -26.55
CA PRO D 251 8.89 0.96 -26.94
C PRO D 251 9.37 1.05 -28.38
N SER D 252 9.33 -0.04 -29.14
CA SER D 252 9.83 0.03 -30.51
C SER D 252 9.04 1.05 -31.34
N PRO D 253 9.75 1.86 -32.13
CA PRO D 253 9.10 2.82 -33.03
C PRO D 253 8.42 2.06 -34.16
N MET D 254 7.42 2.68 -34.80
CA MET D 254 6.76 2.09 -35.95
C MET D 254 7.70 1.91 -37.13
N GLU D 255 7.52 0.81 -37.85
CA GLU D 255 8.14 0.64 -39.14
C GLU D 255 7.04 0.32 -40.13
N ALA D 256 7.13 0.85 -41.35
CA ALA D 256 6.10 0.64 -42.37
C ALA D 256 5.82 -0.85 -42.61
N GLU D 257 6.86 -1.66 -42.61
CA GLU D 257 6.71 -3.10 -42.81
C GLU D 257 5.91 -3.83 -41.72
N GLN D 258 5.77 -3.23 -40.54
CA GLN D 258 4.96 -3.89 -39.51
C GLN D 258 3.49 -3.87 -39.92
N VAL D 259 3.06 -2.74 -40.45
CA VAL D 259 1.72 -2.60 -40.99
C VAL D 259 1.60 -3.41 -42.28
N GLY D 260 2.71 -3.48 -43.03
CA GLY D 260 2.74 -4.29 -44.24
C GLY D 260 2.51 -5.76 -43.93
N ALA D 261 3.19 -6.26 -42.91
CA ALA D 261 3.03 -7.65 -42.50
C ALA D 261 1.61 -7.95 -42.04
N ALA D 262 1.02 -7.04 -41.27
CA ALA D 262 -0.37 -7.17 -40.87
C ALA D 262 -1.30 -7.24 -42.09
N ALA D 263 -1.06 -6.34 -43.05
CA ALA D 263 -1.89 -6.30 -44.24
C ALA D 263 -1.77 -7.60 -45.01
N ALA D 264 -0.54 -8.10 -45.14
CA ALA D 264 -0.29 -9.30 -45.89
C ALA D 264 -1.08 -10.47 -45.27
N PHE D 265 -1.06 -10.57 -43.95
CA PHE D 265 -1.86 -11.62 -43.28
C PHE D 265 -3.35 -11.42 -43.52
N LEU D 266 -3.83 -10.19 -43.39
CA LEU D 266 -5.26 -9.92 -43.47
C LEU D 266 -5.82 -10.25 -44.85
N VAL D 267 -5.01 -10.10 -45.89
CA VAL D 267 -5.47 -10.38 -47.25
C VAL D 267 -5.21 -11.82 -47.68
N SER D 268 -4.57 -12.61 -46.83
CA SER D 268 -4.21 -13.98 -47.19
C SER D 268 -5.37 -14.91 -46.82
N PRO D 269 -5.37 -16.16 -47.35
CA PRO D 269 -6.41 -17.13 -47.00
C PRO D 269 -6.38 -17.51 -45.53
N LEU D 270 -5.31 -17.15 -44.82
CA LEU D 270 -5.21 -17.46 -43.40
C LEU D 270 -6.19 -16.65 -42.57
N ALA D 271 -6.75 -15.60 -43.18
CA ALA D 271 -7.64 -14.69 -42.49
C ALA D 271 -9.07 -14.69 -43.05
N SER D 272 -9.48 -15.81 -43.64
CA SER D 272 -10.81 -15.91 -44.25
C SER D 272 -11.97 -15.58 -43.30
N ALA D 273 -11.75 -15.73 -42.00
CA ALA D 273 -12.83 -15.46 -41.05
C ALA D 273 -12.76 -14.07 -40.44
N ILE D 274 -11.88 -13.23 -40.97
CA ILE D 274 -11.68 -11.89 -40.39
C ILE D 274 -12.21 -10.83 -41.34
N THR D 275 -13.27 -10.15 -40.93
CA THR D 275 -13.82 -9.07 -41.75
C THR D 275 -14.48 -7.98 -40.91
N GLY D 276 -14.42 -6.74 -41.39
CA GLY D 276 -14.99 -5.63 -40.65
C GLY D 276 -14.12 -5.22 -39.48
N GLU D 277 -12.90 -5.73 -39.43
CA GLU D 277 -12.06 -5.55 -38.25
C GLU D 277 -11.23 -4.26 -38.29
N THR D 278 -11.04 -3.63 -37.13
CA THR D 278 -10.02 -2.60 -36.97
C THR D 278 -8.87 -3.17 -36.17
N LEU D 279 -7.76 -3.45 -36.85
CA LEU D 279 -6.60 -4.09 -36.23
C LEU D 279 -5.57 -3.04 -35.79
N TYR D 280 -5.31 -2.95 -34.49
CA TYR D 280 -4.32 -1.98 -34.03
C TYR D 280 -2.90 -2.53 -34.15
N VAL D 281 -2.07 -1.80 -34.87
CA VAL D 281 -0.66 -2.12 -35.02
C VAL D 281 0.06 -0.84 -34.62
N ASP D 282 0.17 -0.64 -33.31
CA ASP D 282 0.70 0.60 -32.74
C ASP D 282 1.44 0.36 -31.42
N HIS D 283 1.94 -0.86 -31.25
CA HIS D 283 2.67 -1.24 -30.05
C HIS D 283 1.82 -1.13 -28.77
N GLY D 284 0.49 -1.19 -28.95
CA GLY D 284 -0.43 -1.19 -27.84
C GLY D 284 -0.79 0.16 -27.22
N ALA D 285 -0.34 1.27 -27.81
CA ALA D 285 -0.66 2.57 -27.23
C ALA D 285 -2.16 2.74 -27.03
N ASN D 286 -2.94 2.29 -28.02
CA ASN D 286 -4.39 2.47 -28.00
C ASN D 286 -5.13 1.89 -26.79
N VAL D 287 -4.53 0.90 -26.11
CA VAL D 287 -5.22 0.30 -24.97
C VAL D 287 -5.02 1.06 -23.65
N MET D 288 -4.10 2.02 -23.63
CA MET D 288 -3.80 2.74 -22.40
C MET D 288 -4.92 3.69 -21.99
N GLY D 289 -5.21 3.72 -20.69
CA GLY D 289 -6.25 4.60 -20.16
C GLY D 289 -5.73 5.90 -19.55
N ILE D 290 -4.42 6.08 -19.57
CA ILE D 290 -3.77 7.27 -19.03
C ILE D 290 -2.42 7.44 -19.73
N GLY D 291 -1.87 8.65 -19.67
CA GLY D 291 -0.59 8.95 -20.27
C GLY D 291 0.58 8.70 -19.33
N PRO D 292 1.82 8.82 -19.86
CA PRO D 292 3.05 8.43 -19.15
C PRO D 292 3.38 9.14 -17.83
N GLU D 293 2.91 10.36 -17.62
CA GLU D 293 3.25 11.09 -16.39
C GLU D 293 2.71 10.43 -15.12
N MET D 294 1.65 9.63 -15.26
CA MET D 294 0.97 9.01 -14.13
C MET D 294 1.29 7.53 -13.91
N PHE D 295 2.29 7.02 -14.61
CA PHE D 295 2.62 5.60 -14.57
C PHE D 295 3.15 5.12 -13.21
N MET E 1 42.27 -23.91 14.53
CA MET E 1 41.04 -24.27 15.23
C MET E 1 40.70 -23.19 16.24
N LEU E 2 39.43 -23.10 16.61
CA LEU E 2 39.01 -22.16 17.64
C LEU E 2 38.25 -22.88 18.75
N LYS E 3 38.97 -23.24 19.81
CA LYS E 3 38.35 -24.00 20.89
C LYS E 3 37.79 -23.10 21.98
N ILE E 4 36.62 -23.48 22.50
CA ILE E 4 36.18 -22.99 23.79
C ILE E 4 36.83 -23.95 24.77
N ASP E 5 37.94 -23.53 25.35
CA ASP E 5 38.82 -24.42 26.10
C ASP E 5 38.71 -24.22 27.61
N LEU E 6 38.06 -25.17 28.28
CA LEU E 6 37.88 -25.07 29.73
C LEU E 6 38.59 -26.21 30.44
N THR E 7 39.56 -26.82 29.74
CA THR E 7 40.35 -27.91 30.29
C THR E 7 40.95 -27.52 31.64
N GLY E 8 40.74 -28.38 32.64
CA GLY E 8 41.31 -28.16 33.96
C GLY E 8 40.57 -27.17 34.83
N LYS E 9 39.63 -26.44 34.26
CA LYS E 9 38.86 -25.46 35.03
C LYS E 9 37.80 -26.16 35.87
N ILE E 10 37.59 -25.67 37.09
CA ILE E 10 36.62 -26.26 37.99
C ILE E 10 35.34 -25.42 38.03
N ALA E 11 34.22 -26.06 37.71
CA ALA E 11 32.91 -25.43 37.69
C ALA E 11 32.06 -25.93 38.84
N PHE E 12 31.39 -25.01 39.54
CA PHE E 12 30.39 -25.39 40.53
C PHE E 12 29.03 -24.99 40.00
N ILE E 13 28.14 -25.96 39.83
CA ILE E 13 26.81 -25.68 39.31
C ILE E 13 25.71 -25.82 40.36
N ALA E 14 25.09 -24.70 40.69
CA ALA E 14 24.04 -24.68 41.70
C ALA E 14 22.68 -24.82 41.02
N GLY E 15 22.00 -25.94 41.26
CA GLY E 15 20.67 -26.14 40.74
C GLY E 15 20.57 -27.18 39.64
N ILE E 16 20.98 -28.41 39.95
CA ILE E 16 20.71 -29.54 39.08
C ILE E 16 19.99 -30.57 39.93
N GLY E 17 18.80 -30.97 39.49
CA GLY E 17 18.00 -31.95 40.22
C GLY E 17 17.61 -33.16 39.38
N ASP E 18 17.79 -33.02 38.07
CA ASP E 18 17.61 -34.11 37.12
C ASP E 18 18.26 -33.70 35.81
N ASP E 19 17.97 -34.43 34.73
CA ASP E 19 18.57 -34.15 33.43
C ASP E 19 17.68 -33.33 32.51
N ASN E 20 16.66 -32.70 33.07
CA ASN E 20 15.62 -32.08 32.27
C ASN E 20 15.64 -30.56 32.30
N GLY E 21 16.54 -29.99 33.09
CA GLY E 21 16.59 -28.55 33.21
C GLY E 21 17.80 -27.92 32.55
N TYR E 22 17.90 -26.60 32.70
CA TYR E 22 19.03 -25.90 32.08
C TYR E 22 20.36 -26.24 32.75
N GLY E 23 20.32 -26.48 34.05
CA GLY E 23 21.49 -26.88 34.82
C GLY E 23 22.25 -28.04 34.20
N TRP E 24 21.52 -29.10 33.87
CA TRP E 24 22.12 -30.29 33.23
C TRP E 24 22.74 -29.94 31.88
N GLY E 25 22.02 -29.15 31.09
CA GLY E 25 22.51 -28.76 29.78
C GLY E 25 23.81 -27.98 29.88
N ILE E 26 23.87 -27.06 30.85
CA ILE E 26 25.07 -26.30 31.10
C ILE E 26 26.22 -27.21 31.54
N ALA E 27 25.93 -28.16 32.43
CA ALA E 27 26.92 -29.14 32.88
C ALA E 27 27.51 -29.90 31.70
N LYS E 28 26.63 -30.43 30.84
CA LYS E 28 27.07 -31.16 29.66
C LYS E 28 28.03 -30.37 28.76
N MET E 29 27.70 -29.11 28.49
CA MET E 29 28.51 -28.30 27.58
C MET E 29 29.84 -27.88 28.20
N LEU E 30 29.84 -27.51 29.48
CA LEU E 30 31.11 -27.22 30.16
C LEU E 30 32.01 -28.46 30.20
N ALA E 31 31.39 -29.62 30.37
CA ALA E 31 32.12 -30.88 30.38
C ALA E 31 32.71 -31.16 29.00
N GLU E 32 31.96 -30.86 27.95
CA GLU E 32 32.46 -31.02 26.58
C GLU E 32 33.69 -30.14 26.39
N ALA E 33 33.63 -28.93 26.93
CA ALA E 33 34.75 -28.00 26.84
C ALA E 33 35.92 -28.39 27.74
N GLY E 34 35.72 -29.38 28.60
CA GLY E 34 36.82 -29.94 29.37
C GLY E 34 36.79 -29.62 30.86
N ALA E 35 35.76 -28.90 31.29
CA ALA E 35 35.64 -28.46 32.66
C ALA E 35 35.40 -29.65 33.59
N THR E 36 35.94 -29.55 34.81
CA THR E 36 35.58 -30.45 35.90
C THR E 36 34.28 -29.96 36.55
N ILE E 37 33.35 -30.88 36.82
CA ILE E 37 32.00 -30.50 37.23
C ILE E 37 31.66 -30.83 38.69
N LEU E 38 31.35 -29.79 39.46
CA LEU E 38 30.85 -29.93 40.83
C LEU E 38 29.40 -29.44 40.88
N VAL E 39 28.55 -30.17 41.59
CA VAL E 39 27.12 -29.91 41.58
C VAL E 39 26.58 -29.63 42.98
N GLY E 40 25.74 -28.61 43.08
CA GLY E 40 24.97 -28.36 44.28
C GLY E 40 23.56 -28.82 44.00
N THR E 41 23.09 -29.77 44.79
CA THR E 41 21.74 -30.30 44.64
C THR E 41 20.91 -30.03 45.89
N TRP E 42 19.71 -29.49 45.67
CA TRP E 42 18.79 -29.17 46.77
C TRP E 42 18.57 -30.37 47.69
N VAL E 43 18.78 -30.17 48.99
CA VAL E 43 18.70 -31.27 49.97
C VAL E 43 17.51 -32.23 49.82
N PRO E 44 16.28 -31.71 49.63
CA PRO E 44 15.13 -32.61 49.55
C PRO E 44 15.15 -33.60 48.40
N ILE E 45 15.99 -33.35 47.38
CA ILE E 45 16.02 -34.28 46.26
C ILE E 45 17.44 -34.76 45.98
N TYR E 46 18.36 -34.53 46.91
CA TYR E 46 19.74 -34.97 46.75
C TYR E 46 19.88 -36.49 46.72
N LYS E 47 19.17 -37.17 47.61
CA LYS E 47 19.24 -38.63 47.69
C LYS E 47 18.64 -39.28 46.45
N ILE E 48 17.47 -38.82 46.04
CA ILE E 48 16.83 -39.30 44.82
C ILE E 48 17.68 -39.03 43.57
N PHE E 49 18.30 -37.86 43.51
CA PHE E 49 19.15 -37.49 42.38
C PHE E 49 20.39 -38.40 42.29
N SER E 50 21.17 -38.49 43.36
CA SER E 50 22.41 -39.27 43.29
C SER E 50 22.15 -40.76 43.12
N GLN E 51 21.06 -41.26 43.71
CA GLN E 51 20.68 -42.66 43.51
C GLN E 51 20.27 -42.89 42.06
N SER E 52 19.50 -41.98 41.50
CA SER E 52 19.10 -42.09 40.09
C SER E 52 20.31 -42.07 39.18
N LEU E 53 21.28 -41.22 39.51
CA LEU E 53 22.53 -41.14 38.75
C LEU E 53 23.31 -42.45 38.83
N GLU E 54 23.56 -42.90 40.05
CA GLU E 54 24.29 -44.15 40.29
C GLU E 54 23.65 -45.37 39.60
N LEU E 55 22.34 -45.46 39.64
CA LEU E 55 21.63 -46.60 39.05
C LEU E 55 21.53 -46.49 37.52
N GLY E 56 22.06 -45.41 36.96
CA GLY E 56 22.16 -45.22 35.52
C GLY E 56 20.92 -44.67 34.82
N LYS E 57 20.02 -44.09 35.60
CA LYS E 57 18.77 -43.56 35.08
C LYS E 57 18.97 -42.41 34.08
N PHE E 58 20.09 -41.72 34.19
CA PHE E 58 20.36 -40.55 33.36
C PHE E 58 21.37 -40.79 32.23
N ASN E 59 21.71 -42.06 32.00
CA ASN E 59 22.79 -42.40 31.08
C ASN E 59 22.60 -41.95 29.63
N ALA E 60 21.36 -41.88 29.17
CA ALA E 60 21.09 -41.40 27.82
C ALA E 60 21.42 -39.92 27.68
N SER E 61 21.35 -39.19 28.79
CA SER E 61 21.59 -37.76 28.77
C SER E 61 23.03 -37.42 29.17
N ARG E 62 23.82 -38.45 29.46
CA ARG E 62 25.18 -38.26 29.96
C ARG E 62 26.22 -38.36 28.85
N GLU E 63 25.78 -38.80 27.66
CA GLU E 63 26.70 -39.06 26.56
C GLU E 63 27.33 -37.80 25.97
N LEU E 64 28.67 -37.75 26.00
CA LEU E 64 29.43 -36.65 25.44
C LEU E 64 29.91 -36.98 24.05
N SER E 65 30.40 -35.97 23.33
CA SER E 65 30.85 -36.18 21.95
C SER E 65 32.14 -36.98 21.89
N ASN E 66 32.98 -36.86 22.91
CA ASN E 66 34.24 -37.60 22.93
C ASN E 66 34.06 -39.08 23.23
N GLY E 67 32.80 -39.49 23.41
CA GLY E 67 32.47 -40.87 23.69
C GLY E 67 32.38 -41.19 25.17
N GLU E 68 32.81 -40.25 26.01
CA GLU E 68 32.78 -40.44 27.46
C GLU E 68 31.43 -40.05 28.03
N LEU E 69 31.24 -40.31 29.32
CA LEU E 69 30.01 -39.94 30.01
C LEU E 69 30.23 -38.71 30.87
N LEU E 70 29.18 -37.90 31.01
CA LEU E 70 29.21 -36.77 31.92
C LEU E 70 29.42 -37.30 33.33
N THR E 71 30.38 -36.72 34.03
CA THR E 71 30.77 -37.19 35.35
C THR E 71 30.87 -36.02 36.30
N PHE E 72 30.20 -36.15 37.44
CA PHE E 72 30.27 -35.11 38.45
C PHE E 72 31.36 -35.53 39.44
N ALA E 73 32.34 -34.67 39.65
CA ALA E 73 33.44 -34.99 40.56
C ALA E 73 32.98 -35.08 42.02
N LYS E 74 32.08 -34.19 42.41
CA LYS E 74 31.47 -34.21 43.74
C LYS E 74 30.05 -33.66 43.62
N ILE E 75 29.10 -34.31 44.29
CA ILE E 75 27.75 -33.77 44.41
C ILE E 75 27.55 -33.37 45.86
N TYR E 76 27.26 -32.10 46.09
CA TYR E 76 27.07 -31.55 47.44
C TYR E 76 25.59 -31.26 47.71
N PRO E 77 25.05 -31.86 48.77
CA PRO E 77 23.70 -31.49 49.19
C PRO E 77 23.73 -30.03 49.60
N MET E 78 22.72 -29.26 49.22
CA MET E 78 22.77 -27.83 49.48
C MET E 78 21.39 -27.21 49.59
N ASP E 79 21.24 -26.29 50.53
CA ASP E 79 20.07 -25.42 50.51
C ASP E 79 20.52 -23.98 50.51
N ALA E 80 20.38 -23.36 49.34
CA ALA E 80 20.82 -21.99 49.09
C ALA E 80 19.94 -20.95 49.78
N SER E 81 18.92 -21.40 50.52
CA SER E 81 18.13 -20.47 51.33
C SER E 81 18.90 -20.08 52.59
N PHE E 82 19.96 -20.83 52.87
CA PHE E 82 20.67 -20.70 54.15
C PHE E 82 22.14 -20.37 53.91
N ASP E 83 22.66 -19.41 54.67
CA ASP E 83 24.06 -19.02 54.53
C ASP E 83 25.00 -19.71 55.52
N THR E 84 24.65 -19.68 56.80
CA THR E 84 25.36 -20.40 57.89
C THR E 84 24.35 -21.24 58.68
N PRO E 85 24.82 -22.22 59.48
CA PRO E 85 23.89 -23.03 60.27
C PRO E 85 22.97 -22.21 61.18
N GLU E 86 23.45 -21.07 61.64
CA GLU E 86 22.63 -20.16 62.46
C GLU E 86 21.35 -19.74 61.74
N ASP E 87 21.34 -19.89 60.41
CA ASP E 87 20.22 -19.43 59.58
C ASP E 87 19.05 -20.42 59.50
N ILE E 88 19.30 -21.69 59.84
CA ILE E 88 18.32 -22.75 59.63
C ILE E 88 17.25 -22.82 60.72
N PRO E 89 15.97 -22.71 60.31
CA PRO E 89 14.84 -22.76 61.25
C PRO E 89 14.63 -24.16 61.80
N GLN E 90 13.94 -24.24 62.94
CA GLN E 90 13.76 -25.49 63.67
C GLN E 90 13.08 -26.58 62.84
N GLU E 91 12.02 -26.21 62.14
CA GLU E 91 11.26 -27.15 61.31
C GLU E 91 12.12 -27.82 60.24
N ILE E 92 13.07 -27.08 59.68
CA ILE E 92 14.00 -27.64 58.70
C ILE E 92 15.02 -28.55 59.39
N LEU E 93 15.46 -28.13 60.56
CA LEU E 93 16.48 -28.86 61.31
C LEU E 93 16.06 -30.27 61.69
N GLU E 94 14.78 -30.43 62.00
CA GLU E 94 14.27 -31.72 62.45
C GLU E 94 13.54 -32.41 61.30
N ASN E 95 13.65 -31.83 60.12
CA ASN E 95 13.00 -32.41 58.95
C ASN E 95 13.76 -33.65 58.48
N LYS E 96 12.99 -34.66 58.15
CA LYS E 96 13.47 -35.97 57.74
C LYS E 96 14.65 -35.94 56.76
N ARG E 97 14.55 -35.11 55.74
CA ARG E 97 15.53 -35.16 54.67
C ARG E 97 16.77 -34.34 54.98
N TYR E 98 16.69 -33.50 56.00
CA TYR E 98 17.82 -32.66 56.37
C TYR E 98 18.61 -33.20 57.56
N LYS E 99 17.89 -33.78 58.52
CA LYS E 99 18.44 -34.08 59.85
C LYS E 99 19.58 -35.10 59.87
N ASP E 100 19.63 -35.97 58.86
CA ASP E 100 20.73 -36.94 58.79
C ASP E 100 21.90 -36.37 57.99
N LEU E 101 21.68 -35.20 57.41
CA LEU E 101 22.69 -34.53 56.60
C LEU E 101 23.27 -33.32 57.31
N SER E 102 24.45 -32.89 56.88
CA SER E 102 25.06 -31.67 57.42
C SER E 102 26.03 -31.06 56.41
N GLY E 103 26.32 -29.78 56.58
CA GLY E 103 27.24 -29.09 55.70
C GLY E 103 26.56 -28.58 54.45
N TYR E 104 25.26 -28.32 54.55
CA TYR E 104 24.49 -27.92 53.36
C TYR E 104 24.19 -26.43 53.24
N THR E 105 24.62 -25.61 54.22
CA THR E 105 24.50 -24.16 54.05
C THR E 105 25.56 -23.72 53.06
N VAL E 106 25.34 -22.57 52.42
CA VAL E 106 26.25 -22.10 51.38
C VAL E 106 27.69 -22.01 51.88
N SER E 107 27.86 -21.46 53.07
CA SER E 107 29.19 -21.25 53.64
C SER E 107 29.90 -22.58 53.88
N GLU E 108 29.16 -23.56 54.36
CA GLU E 108 29.72 -24.89 54.63
C GLU E 108 30.11 -25.58 53.32
N VAL E 109 29.26 -25.46 52.31
CA VAL E 109 29.55 -26.07 51.01
C VAL E 109 30.82 -25.46 50.40
N VAL E 110 30.91 -24.13 50.44
CA VAL E 110 32.10 -23.45 49.95
C VAL E 110 33.37 -23.91 50.68
N GLU E 111 33.26 -24.14 51.98
CA GLU E 111 34.40 -24.62 52.77
C GLU E 111 34.83 -26.02 52.36
N GLN E 112 33.87 -26.89 52.06
CA GLN E 112 34.17 -28.23 51.59
C GLN E 112 34.87 -28.20 50.24
N VAL E 113 34.35 -27.38 49.34
CA VAL E 113 34.95 -27.23 48.01
C VAL E 113 36.39 -26.74 48.15
N LYS E 114 36.59 -25.77 49.04
CA LYS E 114 37.91 -25.22 49.27
C LYS E 114 38.89 -26.26 49.78
N LYS E 115 38.42 -27.16 50.64
CA LYS E 115 39.26 -28.21 51.16
C LYS E 115 39.61 -29.23 50.09
N HIS E 116 38.62 -29.65 49.32
CA HIS E 116 38.82 -30.64 48.26
C HIS E 116 39.66 -30.06 47.12
N PHE E 117 39.20 -28.91 46.59
CA PHE E 117 39.75 -28.40 45.33
C PHE E 117 40.59 -27.12 45.44
N GLY E 118 40.56 -26.47 46.60
CA GLY E 118 41.38 -25.28 46.79
C GLY E 118 40.79 -24.03 46.17
N HIS E 119 40.38 -24.12 44.91
CA HIS E 119 39.83 -22.98 44.17
C HIS E 119 38.81 -23.45 43.15
N ILE E 120 37.94 -22.53 42.71
CA ILE E 120 37.10 -22.82 41.56
C ILE E 120 37.31 -21.76 40.48
N ASP E 121 36.76 -22.01 39.31
CA ASP E 121 36.95 -21.13 38.16
C ASP E 121 35.61 -20.62 37.63
N ILE E 122 34.59 -21.43 37.78
CA ILE E 122 33.30 -21.11 37.18
C ILE E 122 32.16 -21.37 38.17
N LEU E 123 31.26 -20.40 38.29
CA LEU E 123 30.10 -20.58 39.13
C LEU E 123 28.85 -20.40 38.30
N VAL E 124 28.02 -21.45 38.30
CA VAL E 124 26.77 -21.42 37.56
C VAL E 124 25.62 -21.45 38.56
N HIS E 125 24.73 -20.48 38.42
CA HIS E 125 23.53 -20.39 39.24
C HIS E 125 22.32 -20.73 38.36
N SER E 126 21.76 -21.90 38.56
CA SER E 126 20.61 -22.32 37.78
C SER E 126 19.45 -22.73 38.68
N LEU E 127 19.02 -21.82 39.53
CA LEU E 127 17.99 -22.14 40.50
C LEU E 127 17.02 -20.99 40.75
N ALA E 128 15.79 -21.36 41.08
CA ALA E 128 14.72 -20.40 41.26
C ALA E 128 13.51 -21.09 41.85
N ASN E 129 12.79 -20.38 42.71
CA ASN E 129 11.55 -20.91 43.25
C ASN E 129 10.74 -19.83 43.91
N SER E 130 9.44 -19.92 43.71
CA SER E 130 8.50 -19.16 44.51
C SER E 130 7.40 -20.12 44.91
N PRO E 131 7.05 -20.14 46.20
CA PRO E 131 5.99 -21.00 46.72
C PRO E 131 4.61 -20.50 46.28
N GLU E 132 4.56 -19.38 45.57
CA GLU E 132 3.27 -18.82 45.15
C GLU E 132 3.26 -18.43 43.67
N ILE E 133 3.99 -19.19 42.85
CA ILE E 133 4.10 -18.82 41.44
C ILE E 133 2.75 -18.70 40.71
N ALA E 134 1.75 -19.44 41.19
CA ALA E 134 0.44 -19.45 40.57
C ALA E 134 -0.42 -18.24 40.92
N LYS E 135 0.01 -17.42 41.87
CA LYS E 135 -0.79 -16.30 42.33
C LYS E 135 -0.42 -15.01 41.61
N PRO E 136 -1.43 -14.19 41.26
CA PRO E 136 -1.13 -12.85 40.75
C PRO E 136 -0.26 -12.13 41.76
N LEU E 137 0.59 -11.23 41.31
CA LEU E 137 1.42 -10.45 42.21
C LEU E 137 0.57 -9.74 43.27
N LEU E 138 -0.59 -9.22 42.85
CA LEU E 138 -1.53 -8.58 43.77
C LEU E 138 -1.95 -9.48 44.92
N ASP E 139 -1.96 -10.78 44.69
CA ASP E 139 -2.45 -11.73 45.69
C ASP E 139 -1.31 -12.50 46.36
N THR E 140 -0.07 -12.11 46.06
CA THR E 140 1.11 -12.77 46.61
C THR E 140 1.41 -12.22 48.01
N SER E 141 1.70 -13.11 48.95
CA SER E 141 1.97 -12.68 50.33
C SER E 141 3.40 -12.15 50.49
N ARG E 142 3.64 -11.42 51.57
CA ARG E 142 4.99 -10.93 51.87
C ARG E 142 5.98 -12.09 52.00
N LYS E 143 5.59 -13.13 52.73
CA LYS E 143 6.47 -14.27 52.96
C LYS E 143 6.80 -14.98 51.64
N GLY E 144 5.81 -15.08 50.74
CA GLY E 144 6.04 -15.71 49.45
C GLY E 144 6.96 -14.93 48.53
N TYR E 145 6.73 -13.63 48.47
CA TYR E 145 7.51 -12.71 47.67
C TYR E 145 8.96 -12.74 48.13
N LEU E 146 9.18 -12.58 49.43
CA LEU E 146 10.53 -12.56 49.96
C LEU E 146 11.19 -13.94 49.80
N ALA E 147 10.38 -15.00 49.88
CA ALA E 147 10.92 -16.35 49.72
C ALA E 147 11.43 -16.51 48.29
N ALA E 148 10.74 -15.89 47.34
CA ALA E 148 11.16 -15.94 45.94
C ALA E 148 12.48 -15.21 45.75
N LEU E 149 12.56 -13.98 46.25
CA LEU E 149 13.81 -13.22 46.18
C LEU E 149 14.96 -13.92 46.90
N SER E 150 14.67 -14.47 48.08
CA SER E 150 15.68 -15.19 48.85
C SER E 150 16.26 -16.36 48.04
N THR E 151 15.38 -17.21 47.52
CA THR E 151 15.82 -18.41 46.83
C THR E 151 16.38 -18.11 45.45
N SER E 152 15.73 -17.20 44.73
CA SER E 152 16.02 -16.97 43.31
C SER E 152 17.04 -15.86 43.05
N SER E 153 17.21 -14.94 43.99
CA SER E 153 18.08 -13.80 43.73
C SER E 153 19.23 -13.69 44.71
N TYR E 154 18.91 -13.63 46.00
CA TYR E 154 19.97 -13.47 46.98
C TYR E 154 20.92 -14.68 46.99
N SER E 155 20.39 -15.85 46.71
CA SER E 155 21.22 -17.06 46.67
C SER E 155 22.44 -16.87 45.76
N PHE E 156 22.26 -16.15 44.66
CA PHE E 156 23.41 -15.86 43.80
C PHE E 156 24.45 -15.01 44.52
N ILE E 157 23.99 -13.95 45.19
CA ILE E 157 24.90 -13.08 45.94
C ILE E 157 25.67 -13.90 46.97
N SER E 158 24.95 -14.74 47.71
CA SER E 158 25.58 -15.56 48.73
C SER E 158 26.66 -16.45 48.13
N LEU E 159 26.34 -17.09 47.01
CA LEU E 159 27.29 -17.99 46.36
C LEU E 159 28.54 -17.23 45.87
N LEU E 160 28.34 -16.07 45.28
CA LEU E 160 29.47 -15.27 44.80
C LEU E 160 30.32 -14.73 45.95
N SER E 161 29.66 -14.17 46.95
CA SER E 161 30.36 -13.65 48.12
C SER E 161 31.24 -14.72 48.81
N HIS E 162 30.71 -15.92 48.98
CA HIS E 162 31.49 -16.99 49.59
C HIS E 162 32.56 -17.58 48.67
N PHE E 163 32.25 -17.76 47.38
CA PHE E 163 33.17 -18.40 46.43
C PHE E 163 34.24 -17.45 45.92
N GLY E 164 33.89 -16.17 45.81
CA GLY E 164 34.78 -15.13 45.33
C GLY E 164 36.24 -15.21 45.76
N PRO E 165 36.48 -15.24 47.08
CA PRO E 165 37.86 -15.27 47.59
C PRO E 165 38.68 -16.50 47.17
N ILE E 166 38.02 -17.58 46.76
CA ILE E 166 38.75 -18.76 46.31
C ILE E 166 38.62 -18.96 44.80
N MET E 167 38.18 -17.93 44.10
CA MET E 167 38.12 -18.00 42.64
C MET E 167 39.47 -17.64 42.03
N ASN E 168 39.89 -18.42 41.03
CA ASN E 168 41.15 -18.17 40.36
C ASN E 168 41.08 -16.98 39.43
N ALA E 169 42.25 -16.55 38.95
CA ALA E 169 42.32 -15.59 37.86
C ALA E 169 41.45 -16.10 36.72
N GLY E 170 40.74 -15.20 36.04
CA GLY E 170 39.98 -15.55 34.86
C GLY E 170 38.61 -16.12 35.15
N ALA E 171 38.21 -16.07 36.41
CA ALA E 171 36.97 -16.72 36.84
C ALA E 171 35.73 -15.93 36.40
N SER E 172 34.61 -16.62 36.25
CA SER E 172 33.37 -15.94 35.91
C SER E 172 32.15 -16.68 36.39
N THR E 173 31.01 -16.00 36.30
CA THR E 173 29.75 -16.57 36.74
C THR E 173 28.67 -16.47 35.67
N ILE E 174 27.74 -17.39 35.75
CA ILE E 174 26.54 -17.41 34.90
C ILE E 174 25.31 -17.59 35.77
N SER E 175 24.27 -16.82 35.50
CA SER E 175 22.96 -17.09 36.09
C SER E 175 21.92 -17.11 34.98
N LEU E 176 20.72 -17.56 35.30
CA LEU E 176 19.67 -17.67 34.30
C LEU E 176 18.48 -16.81 34.67
N THR E 177 17.94 -16.10 33.67
CA THR E 177 16.82 -15.20 33.89
C THR E 177 15.75 -15.37 32.79
N TYR E 178 14.67 -14.60 32.87
CA TYR E 178 13.59 -14.67 31.90
C TYR E 178 13.03 -13.25 31.65
N LEU E 179 12.46 -13.01 30.48
CA LEU E 179 12.15 -11.62 30.07
C LEU E 179 11.07 -10.94 30.91
N ALA E 180 10.38 -11.72 31.74
CA ALA E 180 9.34 -11.19 32.61
C ALA E 180 9.92 -10.30 33.71
N SER E 181 11.25 -10.23 33.78
CA SER E 181 11.94 -9.38 34.74
C SER E 181 11.57 -7.91 34.58
N MET E 182 11.51 -7.44 33.33
CA MET E 182 11.23 -6.02 33.09
C MET E 182 10.16 -5.79 32.01
N ARG E 183 9.38 -6.82 31.75
CA ARG E 183 8.16 -6.70 30.97
C ARG E 183 7.10 -7.57 31.62
N ALA E 184 5.88 -7.06 31.69
CA ALA E 184 4.78 -7.75 32.35
C ALA E 184 4.36 -9.03 31.63
N VAL E 185 4.54 -10.17 32.30
CA VAL E 185 4.04 -11.44 31.80
C VAL E 185 3.05 -12.01 32.82
N PRO E 186 1.75 -11.84 32.56
CA PRO E 186 0.73 -12.36 33.48
C PRO E 186 0.90 -13.85 33.67
N GLY E 187 0.87 -14.31 34.90
CA GLY E 187 1.04 -15.72 35.20
C GLY E 187 2.41 -16.07 35.73
N TYR E 188 3.38 -15.17 35.54
CA TYR E 188 4.67 -15.33 36.17
C TYR E 188 4.55 -14.76 37.57
N GLY E 189 3.85 -15.49 38.43
CA GLY E 189 3.41 -14.94 39.70
C GLY E 189 4.33 -15.16 40.88
N GLY E 190 3.80 -14.86 42.07
CA GLY E 190 4.51 -15.10 43.32
C GLY E 190 5.78 -14.31 43.49
N GLY E 191 5.86 -13.15 42.84
CA GLY E 191 7.05 -12.31 42.92
C GLY E 191 8.24 -12.76 42.09
N MET E 192 8.02 -13.73 41.20
CA MET E 192 9.11 -14.20 40.34
C MET E 192 9.56 -13.09 39.37
N ASN E 193 8.67 -12.20 38.99
CA ASN E 193 9.06 -11.05 38.18
C ASN E 193 10.09 -10.19 38.92
N ALA E 194 9.82 -9.89 40.19
CA ALA E 194 10.75 -9.11 41.00
C ALA E 194 12.05 -9.88 41.22
N ALA E 195 11.93 -11.19 41.43
CA ALA E 195 13.12 -12.01 41.64
C ALA E 195 14.06 -11.93 40.45
N LYS E 196 13.52 -12.02 39.25
CA LYS E 196 14.36 -11.91 38.07
C LYS E 196 14.83 -10.46 37.81
N ALA E 197 13.98 -9.48 38.09
CA ALA E 197 14.42 -8.09 38.00
C ALA E 197 15.64 -7.87 38.89
N ALA E 198 15.56 -8.39 40.12
CA ALA E 198 16.63 -8.24 41.09
C ALA E 198 17.88 -8.96 40.59
N LEU E 199 17.71 -10.19 40.12
CA LEU E 199 18.84 -10.96 39.61
C LEU E 199 19.60 -10.20 38.51
N GLU E 200 18.84 -9.62 37.57
CA GLU E 200 19.44 -8.85 36.48
C GLU E 200 20.10 -7.55 36.94
N SER E 201 19.49 -6.90 37.92
CA SER E 201 20.09 -5.67 38.45
C SER E 201 21.36 -6.02 39.21
N ASP E 202 21.29 -7.10 39.99
CA ASP E 202 22.44 -7.59 40.72
C ASP E 202 23.58 -7.97 39.76
N THR E 203 23.24 -8.52 38.60
CA THR E 203 24.26 -8.92 37.62
C THR E 203 25.14 -7.75 37.21
N LYS E 204 24.51 -6.61 36.96
CA LYS E 204 25.25 -5.39 36.63
C LYS E 204 26.12 -4.90 37.80
N VAL E 205 25.52 -4.77 38.98
CA VAL E 205 26.25 -4.26 40.14
C VAL E 205 27.42 -5.15 40.52
N LEU E 206 27.16 -6.46 40.55
CA LEU E 206 28.18 -7.44 40.90
C LEU E 206 29.26 -7.54 39.83
N ALA E 207 28.90 -7.31 38.57
CA ALA E 207 29.92 -7.24 37.54
C ALA E 207 30.95 -6.15 37.86
N TRP E 208 30.49 -5.02 38.40
CA TRP E 208 31.43 -3.98 38.83
C TRP E 208 32.14 -4.40 40.11
N GLU E 209 31.37 -4.78 41.13
CA GLU E 209 31.97 -5.11 42.42
C GLU E 209 32.94 -6.29 42.36
N ALA E 210 32.51 -7.41 41.80
CA ALA E 210 33.37 -8.58 41.68
C ALA E 210 34.47 -8.36 40.66
N GLY E 211 34.19 -7.54 39.65
CA GLY E 211 35.21 -7.17 38.68
C GLY E 211 36.37 -6.46 39.35
N ARG E 212 36.06 -5.41 40.10
CA ARG E 212 37.09 -4.66 40.79
C ARG E 212 37.71 -5.44 41.96
N ARG E 213 36.90 -6.24 42.65
CA ARG E 213 37.43 -6.96 43.82
C ARG E 213 38.35 -8.13 43.46
N TRP E 214 37.92 -8.97 42.52
CA TRP E 214 38.66 -10.20 42.19
C TRP E 214 38.99 -10.36 40.70
N GLY E 215 38.51 -9.45 39.86
CA GLY E 215 38.70 -9.62 38.43
C GLY E 215 37.76 -10.64 37.85
N VAL E 216 36.70 -10.95 38.59
CA VAL E 216 35.69 -11.91 38.17
C VAL E 216 34.68 -11.26 37.19
N ARG E 217 34.29 -12.00 36.15
CA ARG E 217 33.21 -11.56 35.25
C ARG E 217 31.86 -12.13 35.70
N VAL E 218 30.79 -11.37 35.47
CA VAL E 218 29.45 -11.75 35.92
C VAL E 218 28.43 -11.53 34.81
N ASN E 219 27.83 -12.62 34.34
CA ASN E 219 26.88 -12.57 33.23
C ASN E 219 25.60 -13.38 33.48
N THR E 220 24.53 -13.02 32.77
CA THR E 220 23.27 -13.74 32.91
C THR E 220 22.71 -14.07 31.52
N ILE E 221 22.00 -15.18 31.43
CA ILE E 221 21.39 -15.61 30.17
C ILE E 221 19.88 -15.64 30.32
N SER E 222 19.19 -14.98 29.40
CA SER E 222 17.73 -14.94 29.41
C SER E 222 17.23 -15.95 28.39
N ALA E 223 16.64 -17.06 28.84
CA ALA E 223 16.32 -18.18 27.97
C ALA E 223 14.85 -18.25 27.57
N GLY E 224 14.58 -18.95 26.47
CA GLY E 224 13.21 -19.23 26.09
C GLY E 224 12.64 -20.37 26.92
N PRO E 225 11.35 -20.68 26.75
CA PRO E 225 10.67 -21.70 27.56
C PRO E 225 11.20 -23.11 27.34
N LEU E 226 11.32 -23.84 28.45
CA LEU E 226 11.79 -25.22 28.44
C LEU E 226 10.94 -26.09 29.38
N ALA E 227 10.54 -27.27 28.90
CA ALA E 227 9.80 -28.24 29.70
C ALA E 227 10.66 -28.92 30.78
N SER E 228 11.09 -28.13 31.76
CA SER E 228 11.95 -28.63 32.82
C SER E 228 11.08 -29.08 33.99
N ARG E 229 11.71 -29.38 35.12
CA ARG E 229 10.97 -29.71 36.33
C ARG E 229 10.08 -28.52 36.69
N ALA E 230 10.71 -27.39 36.93
CA ALA E 230 10.03 -26.13 37.21
C ALA E 230 9.04 -25.76 36.11
N GLY E 231 9.49 -25.89 34.86
CA GLY E 231 8.67 -25.54 33.72
C GLY E 231 7.32 -26.22 33.67
N LYS E 232 7.28 -27.53 33.92
CA LYS E 232 6.05 -28.30 33.81
C LYS E 232 5.04 -28.06 34.95
N ALA E 233 5.54 -27.70 36.13
CA ALA E 233 4.67 -27.53 37.29
C ALA E 233 3.87 -26.23 37.17
N ILE E 234 4.31 -25.35 36.28
CA ILE E 234 3.63 -24.10 35.99
C ILE E 234 2.23 -24.34 35.41
N GLY E 235 2.10 -25.40 34.62
CA GLY E 235 0.79 -25.86 34.18
C GLY E 235 0.43 -25.55 32.74
N PHE E 236 1.31 -24.84 32.04
CA PHE E 236 1.05 -24.47 30.64
C PHE E 236 2.30 -24.33 29.78
N ILE E 237 3.38 -24.98 30.19
CA ILE E 237 4.66 -24.85 29.49
C ILE E 237 4.59 -25.22 28.00
N GLU E 238 3.79 -26.24 27.66
CA GLU E 238 3.62 -26.65 26.26
C GLU E 238 3.01 -25.54 25.40
N ARG E 239 2.03 -24.82 25.97
CA ARG E 239 1.45 -23.69 25.26
C ARG E 239 2.45 -22.53 25.10
N MET E 240 3.33 -22.36 26.07
CA MET E 240 4.34 -21.33 25.98
C MET E 240 5.36 -21.67 24.89
N VAL E 241 5.70 -22.95 24.81
CA VAL E 241 6.58 -23.44 23.75
C VAL E 241 5.97 -23.23 22.36
N ASP E 242 4.69 -23.53 22.21
CA ASP E 242 4.00 -23.31 20.95
C ASP E 242 3.91 -21.83 20.60
N TYR E 243 3.62 -21.00 21.60
CA TYR E 243 3.51 -19.55 21.40
C TYR E 243 4.83 -19.01 20.86
N TYR E 244 5.94 -19.40 21.49
CA TYR E 244 7.25 -18.90 21.07
C TYR E 244 7.60 -19.30 19.64
N GLN E 245 7.20 -20.51 19.25
CA GLN E 245 7.42 -20.98 17.88
C GLN E 245 6.66 -20.13 16.86
N ASP E 246 5.49 -19.66 17.24
CA ASP E 246 4.69 -18.79 16.37
C ASP E 246 5.19 -17.35 16.36
N TRP E 247 5.86 -16.95 17.44
CA TRP E 247 6.19 -15.55 17.71
C TRP E 247 7.57 -15.17 17.22
N ALA E 248 8.53 -16.05 17.46
CA ALA E 248 9.95 -15.70 17.34
C ALA E 248 10.42 -15.61 15.88
N PRO E 249 11.50 -14.83 15.65
CA PRO E 249 12.17 -14.83 14.33
C PRO E 249 12.45 -16.24 13.81
N LEU E 250 12.93 -17.14 14.67
CA LEU E 250 13.17 -18.53 14.28
C LEU E 250 12.34 -19.51 15.10
N PRO E 251 11.76 -20.52 14.45
CA PRO E 251 10.80 -21.43 15.11
C PRO E 251 11.35 -22.55 16.00
N SER E 252 12.65 -22.87 15.98
CA SER E 252 13.13 -24.04 16.71
C SER E 252 12.82 -23.94 18.22
N PRO E 253 12.48 -25.08 18.84
CA PRO E 253 12.28 -25.08 20.29
C PRO E 253 13.60 -24.94 21.03
N MET E 254 13.55 -24.47 22.28
CA MET E 254 14.73 -24.40 23.11
C MET E 254 15.25 -25.80 23.35
N GLU E 255 16.58 -25.94 23.36
CA GLU E 255 17.21 -27.15 23.87
C GLU E 255 18.16 -26.68 24.98
N ALA E 256 18.22 -27.44 26.06
CA ALA E 256 19.02 -27.07 27.23
C ALA E 256 20.46 -26.76 26.84
N GLU E 257 20.97 -27.49 25.85
CA GLU E 257 22.36 -27.38 25.45
C GLU E 257 22.64 -26.09 24.66
N GLN E 258 21.60 -25.43 24.16
CA GLN E 258 21.78 -24.12 23.54
C GLN E 258 22.22 -23.09 24.58
N VAL E 259 21.55 -23.10 25.71
CA VAL E 259 21.93 -22.23 26.83
C VAL E 259 23.29 -22.66 27.33
N GLY E 260 23.50 -23.98 27.37
CA GLY E 260 24.77 -24.52 27.81
C GLY E 260 25.93 -24.07 26.95
N ALA E 261 25.72 -24.00 25.64
CA ALA E 261 26.79 -23.64 24.72
C ALA E 261 27.11 -22.18 24.90
N ALA E 262 26.07 -21.38 25.16
CA ALA E 262 26.25 -19.95 25.38
C ALA E 262 27.00 -19.72 26.69
N ALA E 263 26.70 -20.54 27.70
CA ALA E 263 27.33 -20.35 29.00
C ALA E 263 28.82 -20.70 28.87
N ALA E 264 29.10 -21.77 28.14
CA ALA E 264 30.47 -22.22 27.91
C ALA E 264 31.30 -21.12 27.26
N PHE E 265 30.74 -20.49 26.24
CA PHE E 265 31.46 -19.39 25.60
C PHE E 265 31.71 -18.28 26.61
N LEU E 266 30.67 -17.88 27.33
CA LEU E 266 30.77 -16.75 28.25
C LEU E 266 31.78 -16.96 29.37
N VAL E 267 31.97 -18.21 29.81
CA VAL E 267 32.95 -18.48 30.86
C VAL E 267 34.37 -18.73 30.32
N SER E 268 34.48 -18.80 28.99
CA SER E 268 35.76 -19.12 28.33
C SER E 268 36.64 -17.87 28.19
N PRO E 269 37.94 -18.07 27.95
CA PRO E 269 38.84 -16.93 27.71
C PRO E 269 38.44 -16.12 26.47
N LEU E 270 37.60 -16.67 25.60
CA LEU E 270 37.17 -15.94 24.41
C LEU E 270 36.15 -14.83 24.73
N ALA E 271 35.77 -14.71 26.00
CA ALA E 271 34.78 -13.71 26.40
C ALA E 271 35.30 -12.77 27.50
N SER E 272 36.61 -12.55 27.54
CA SER E 272 37.25 -11.74 28.59
C SER E 272 36.77 -10.28 28.66
N ALA E 273 36.24 -9.76 27.56
CA ALA E 273 35.73 -8.39 27.52
C ALA E 273 34.23 -8.34 27.73
N ILE E 274 33.63 -9.46 28.11
CA ILE E 274 32.18 -9.51 28.28
C ILE E 274 31.80 -9.69 29.75
N THR E 275 31.21 -8.67 30.33
CA THR E 275 30.78 -8.74 31.72
C THR E 275 29.58 -7.84 31.96
N GLY E 276 28.73 -8.23 32.92
CA GLY E 276 27.51 -7.48 33.19
C GLY E 276 26.39 -7.69 32.18
N GLU E 277 26.64 -8.55 31.20
CA GLU E 277 25.74 -8.72 30.07
C GLU E 277 24.53 -9.60 30.37
N THR E 278 23.38 -9.24 29.80
CA THR E 278 22.24 -10.15 29.70
C THR E 278 22.14 -10.64 28.27
N LEU E 279 22.50 -11.92 28.06
CA LEU E 279 22.49 -12.51 26.72
C LEU E 279 21.18 -13.24 26.46
N TYR E 280 20.43 -12.80 25.47
CA TYR E 280 19.23 -13.56 25.10
C TYR E 280 19.53 -14.76 24.22
N VAL E 281 19.06 -15.90 24.69
CA VAL E 281 19.15 -17.14 23.94
C VAL E 281 17.72 -17.66 23.92
N ASP E 282 16.91 -17.11 23.02
CA ASP E 282 15.48 -17.41 22.98
C ASP E 282 14.89 -17.38 21.58
N HIS E 283 15.74 -17.60 20.58
CA HIS E 283 15.33 -17.59 19.16
C HIS E 283 14.82 -16.21 18.71
N GLY E 284 15.14 -15.20 19.51
CA GLY E 284 14.85 -13.81 19.17
C GLY E 284 13.48 -13.30 19.61
N ALA E 285 12.75 -14.11 20.37
CA ALA E 285 11.40 -13.71 20.77
C ALA E 285 11.38 -12.36 21.48
N ASN E 286 12.38 -12.12 22.31
CA ASN E 286 12.45 -10.90 23.12
C ASN E 286 12.48 -9.58 22.33
N VAL E 287 12.91 -9.63 21.06
CA VAL E 287 13.02 -8.42 20.26
C VAL E 287 11.70 -8.03 19.59
N MET E 288 10.69 -8.89 19.67
CA MET E 288 9.42 -8.62 18.98
C MET E 288 8.58 -7.56 19.69
N GLY E 289 7.95 -6.69 18.91
CA GLY E 289 7.14 -5.60 19.43
C GLY E 289 5.64 -5.82 19.48
N ILE E 290 5.17 -6.91 18.89
CA ILE E 290 3.77 -7.31 18.96
C ILE E 290 3.75 -8.84 18.96
N GLY E 291 2.58 -9.41 19.25
CA GLY E 291 2.42 -10.87 19.25
C GLY E 291 2.07 -11.41 17.88
N PRO E 292 2.02 -12.75 17.76
CA PRO E 292 1.79 -13.46 16.50
C PRO E 292 0.49 -13.10 15.78
N GLU E 293 -0.53 -12.65 16.50
CA GLU E 293 -1.84 -12.39 15.89
C GLU E 293 -1.85 -11.23 14.88
N MET E 294 -0.87 -10.33 14.97
CA MET E 294 -0.85 -9.15 14.11
C MET E 294 0.21 -9.20 13.01
N PHE E 295 0.88 -10.33 12.86
CA PHE E 295 1.90 -10.48 11.81
C PHE E 295 1.32 -10.32 10.41
N MET F 1 -9.10 27.30 29.79
CA MET F 1 -7.93 26.95 30.60
C MET F 1 -7.78 25.43 30.71
N LEU F 2 -6.58 24.98 31.05
CA LEU F 2 -6.32 23.56 31.28
C LEU F 2 -5.81 23.38 32.70
N LYS F 3 -6.58 22.70 33.53
CA LYS F 3 -6.20 22.50 34.91
C LYS F 3 -5.98 21.03 35.25
N ILE F 4 -5.01 20.78 36.10
CA ILE F 4 -4.86 19.50 36.76
C ILE F 4 -5.79 19.58 37.96
N ASP F 5 -6.99 19.04 37.81
CA ASP F 5 -8.02 19.20 38.83
C ASP F 5 -8.21 17.92 39.64
N LEU F 6 -7.86 17.98 40.92
CA LEU F 6 -8.02 16.85 41.84
C LEU F 6 -8.98 17.23 42.97
N THR F 7 -9.83 18.22 42.73
CA THR F 7 -10.76 18.67 43.76
C THR F 7 -11.66 17.52 44.20
N GLY F 8 -11.77 17.33 45.51
CA GLY F 8 -12.60 16.26 46.06
C GLY F 8 -11.92 14.91 46.11
N LYS F 9 -10.81 14.77 45.40
CA LYS F 9 -10.08 13.51 45.38
C LYS F 9 -9.35 13.33 46.69
N ILE F 10 -9.29 12.07 47.14
CA ILE F 10 -8.63 11.73 48.39
C ILE F 10 -7.34 10.99 48.11
N ALA F 11 -6.22 11.57 48.52
CA ALA F 11 -4.91 10.98 48.32
C ALA F 11 -4.32 10.45 49.63
N PHE F 12 -3.79 9.23 49.58
CA PHE F 12 -3.01 8.69 50.68
C PHE F 12 -1.54 8.66 50.31
N ILE F 13 -0.73 9.38 51.09
CA ILE F 13 0.69 9.46 50.86
C ILE F 13 1.48 8.72 51.92
N ALA F 14 2.02 7.57 51.54
CA ALA F 14 2.82 6.74 52.42
C ALA F 14 4.29 7.15 52.35
N GLY F 15 4.77 7.78 53.41
CA GLY F 15 6.17 8.17 53.46
C GLY F 15 6.43 9.66 53.57
N ILE F 16 5.85 10.30 54.58
CA ILE F 16 6.19 11.68 54.87
C ILE F 16 6.71 11.74 56.31
N GLY F 17 7.97 12.13 56.48
CA GLY F 17 8.56 12.19 57.81
C GLY F 17 9.01 13.58 58.21
N ASP F 18 9.05 14.48 57.23
CA ASP F 18 9.33 15.89 57.45
C ASP F 18 8.98 16.66 56.18
N ASP F 19 9.47 17.90 56.08
CA ASP F 19 9.16 18.75 54.94
C ASP F 19 10.26 18.75 53.87
N ASN F 20 11.20 17.82 53.96
CA ASN F 20 12.40 17.86 53.13
C ASN F 20 12.52 16.80 52.04
N GLY F 21 11.58 15.87 52.01
CA GLY F 21 11.64 14.80 51.02
C GLY F 21 10.63 14.94 49.89
N TYR F 22 10.61 13.95 49.00
CA TYR F 22 9.67 14.01 47.90
C TYR F 22 8.21 13.87 48.35
N GLY F 23 7.97 13.16 49.44
CA GLY F 23 6.60 12.95 49.92
C GLY F 23 5.89 14.25 50.23
N TRP F 24 6.60 15.15 50.91
CA TRP F 24 6.08 16.48 51.21
C TRP F 24 5.81 17.23 49.92
N GLY F 25 6.77 17.18 49.01
CA GLY F 25 6.67 17.86 47.73
C GLY F 25 5.45 17.41 46.93
N ILE F 26 5.19 16.11 46.94
CA ILE F 26 4.02 15.56 46.29
C ILE F 26 2.75 15.97 47.02
N ALA F 27 2.78 15.89 48.34
CA ALA F 27 1.66 16.36 49.16
C ALA F 27 1.27 17.79 48.80
N LYS F 28 2.26 18.67 48.69
CA LYS F 28 2.02 20.08 48.41
C LYS F 28 1.36 20.32 47.06
N MET F 29 1.84 19.61 46.04
CA MET F 29 1.32 19.80 44.69
C MET F 29 -0.06 19.16 44.53
N LEU F 30 -0.28 18.03 45.20
CA LEU F 30 -1.61 17.43 45.16
C LEU F 30 -2.64 18.35 45.81
N ALA F 31 -2.24 19.00 46.89
CA ALA F 31 -3.11 19.97 47.57
C ALA F 31 -3.40 21.16 46.66
N GLU F 32 -2.38 21.64 45.96
CA GLU F 32 -2.54 22.75 45.02
C GLU F 32 -3.59 22.43 43.97
N ALA F 33 -3.68 21.15 43.60
CA ALA F 33 -4.62 20.69 42.60
C ALA F 33 -5.99 20.38 43.21
N GLY F 34 -6.11 20.57 44.52
CA GLY F 34 -7.41 20.47 45.17
C GLY F 34 -7.68 19.19 45.96
N ALA F 35 -6.70 18.32 46.06
CA ALA F 35 -6.91 17.02 46.70
C ALA F 35 -6.90 17.11 48.22
N THR F 36 -7.64 16.22 48.87
CA THR F 36 -7.59 16.01 50.31
C THR F 36 -6.44 15.05 50.61
N ILE F 37 -5.65 15.36 51.63
CA ILE F 37 -4.41 14.63 51.87
C ILE F 37 -4.43 13.79 53.16
N LEU F 38 -4.23 12.49 53.02
CA LEU F 38 -4.03 11.60 54.16
C LEU F 38 -2.57 11.19 54.15
N VAL F 39 -1.97 11.07 55.32
CA VAL F 39 -0.54 10.77 55.40
C VAL F 39 -0.27 9.54 56.25
N GLY F 40 0.58 8.65 55.73
CA GLY F 40 1.15 7.58 56.52
C GLY F 40 2.58 7.92 56.92
N THR F 41 2.82 8.05 58.23
CA THR F 41 4.16 8.38 58.72
C THR F 41 4.71 7.21 59.51
N TRP F 42 5.97 6.85 59.24
CA TRP F 42 6.60 5.68 59.85
C TRP F 42 6.58 5.80 61.36
N VAL F 43 6.14 4.74 62.04
CA VAL F 43 5.94 4.76 63.49
C VAL F 43 7.03 5.42 64.36
N PRO F 44 8.32 5.05 64.16
CA PRO F 44 9.32 5.59 65.09
C PRO F 44 9.49 7.09 64.98
N ILE F 45 9.03 7.69 63.89
CA ILE F 45 9.13 9.15 63.75
C ILE F 45 7.80 9.87 63.75
N TYR F 46 6.71 9.13 63.97
CA TYR F 46 5.37 9.70 63.95
C TYR F 46 5.17 10.83 64.96
N LYS F 47 5.57 10.59 66.21
CA LYS F 47 5.39 11.56 67.30
C LYS F 47 6.10 12.87 66.99
N ILE F 48 7.36 12.76 66.57
CA ILE F 48 8.17 13.94 66.27
C ILE F 48 7.65 14.69 65.04
N PHE F 49 7.22 13.95 64.03
CA PHE F 49 6.67 14.59 62.84
C PHE F 49 5.38 15.34 63.17
N SER F 50 4.45 14.66 63.84
CA SER F 50 3.14 15.27 64.10
C SER F 50 3.25 16.43 65.09
N GLN F 51 4.13 16.28 66.08
CA GLN F 51 4.39 17.34 67.05
C GLN F 51 5.05 18.55 66.38
N SER F 52 6.09 18.30 65.58
CA SER F 52 6.74 19.37 64.81
C SER F 52 5.76 20.12 63.92
N LEU F 53 4.83 19.40 63.31
CA LEU F 53 3.81 20.03 62.48
C LEU F 53 2.92 20.94 63.33
N GLU F 54 2.45 20.42 64.46
CA GLU F 54 1.55 21.17 65.35
C GLU F 54 2.25 22.35 66.01
N LEU F 55 3.57 22.28 66.14
CA LEU F 55 4.31 23.36 66.78
C LEU F 55 4.77 24.37 65.73
N GLY F 56 4.30 24.20 64.50
CA GLY F 56 4.52 25.16 63.44
C GLY F 56 5.91 25.17 62.82
N LYS F 57 6.67 24.10 63.04
CA LYS F 57 8.06 24.05 62.63
C LYS F 57 8.24 23.85 61.12
N PHE F 58 7.16 23.47 60.45
CA PHE F 58 7.19 23.25 59.01
C PHE F 58 6.48 24.38 58.27
N ASN F 59 6.10 25.43 58.98
CA ASN F 59 5.23 26.45 58.39
C ASN F 59 5.79 27.14 57.14
N ALA F 60 7.10 27.31 57.08
CA ALA F 60 7.74 27.93 55.91
C ALA F 60 7.51 27.10 54.65
N SER F 61 7.28 25.80 54.83
CA SER F 61 7.10 24.87 53.72
C SER F 61 5.64 24.54 53.44
N ARG F 62 4.71 25.17 54.15
CA ARG F 62 3.29 24.85 54.01
C ARG F 62 2.52 25.85 53.17
N GLU F 63 3.16 26.93 52.71
CA GLU F 63 2.45 27.97 51.99
C GLU F 63 1.98 27.53 50.59
N LEU F 64 0.67 27.55 50.38
CA LEU F 64 0.09 27.22 49.09
C LEU F 64 -0.16 28.48 48.30
N SER F 65 -0.17 28.36 46.97
CA SER F 65 -0.32 29.52 46.09
C SER F 65 -1.62 30.29 46.29
N ASN F 66 -2.60 29.67 46.96
CA ASN F 66 -3.86 30.34 47.23
C ASN F 66 -3.92 31.04 48.59
N GLY F 67 -2.77 31.17 49.25
CA GLY F 67 -2.69 31.84 50.53
C GLY F 67 -2.95 30.95 51.74
N GLU F 68 -3.44 29.74 51.49
CA GLU F 68 -3.74 28.79 52.57
C GLU F 68 -2.50 28.00 52.97
N LEU F 69 -2.57 27.34 54.13
CA LEU F 69 -1.52 26.44 54.58
C LEU F 69 -1.85 25.00 54.23
N LEU F 70 -0.85 24.25 53.79
CA LEU F 70 -0.99 22.83 53.48
C LEU F 70 -1.50 22.13 54.73
N THR F 71 -2.59 21.38 54.58
CA THR F 71 -3.22 20.73 55.72
C THR F 71 -3.50 19.26 55.43
N PHE F 72 -3.25 18.41 56.42
CA PHE F 72 -3.52 16.98 56.31
C PHE F 72 -4.80 16.63 57.05
N ALA F 73 -5.69 15.92 56.38
CA ALA F 73 -6.97 15.56 56.97
C ALA F 73 -6.78 14.55 58.11
N LYS F 74 -5.73 13.75 58.03
CA LYS F 74 -5.41 12.77 59.06
C LYS F 74 -4.00 12.25 58.87
N ILE F 75 -3.28 12.03 59.96
CA ILE F 75 -1.97 11.41 59.84
C ILE F 75 -1.98 10.08 60.58
N TYR F 76 -1.68 9.00 59.87
CA TYR F 76 -1.73 7.66 60.43
C TYR F 76 -0.32 7.19 60.73
N PRO F 77 -0.06 6.81 61.99
CA PRO F 77 1.17 6.06 62.25
C PRO F 77 1.14 4.80 61.42
N MET F 78 2.25 4.44 60.79
CA MET F 78 2.27 3.29 59.91
C MET F 78 3.64 2.63 59.86
N ASP F 79 3.67 1.29 59.82
CA ASP F 79 4.89 0.58 59.46
C ASP F 79 4.55 -0.40 58.35
N ALA F 80 4.90 -0.03 57.12
CA ALA F 80 4.57 -0.84 55.96
C ALA F 80 5.44 -2.10 55.82
N SER F 81 6.20 -2.43 56.86
CA SER F 81 6.89 -3.71 56.93
C SER F 81 5.94 -4.81 57.38
N PHE F 82 4.76 -4.41 57.88
CA PHE F 82 3.85 -5.36 58.51
C PHE F 82 2.47 -5.23 57.91
N ASP F 83 1.90 -6.36 57.49
CA ASP F 83 0.56 -6.35 56.90
C ASP F 83 -0.57 -6.47 57.93
N THR F 84 -0.39 -7.32 58.94
CA THR F 84 -1.38 -7.49 59.99
C THR F 84 -0.64 -7.55 61.32
N PRO F 85 -1.35 -7.38 62.45
CA PRO F 85 -0.68 -7.47 63.76
C PRO F 85 0.18 -8.73 63.95
N GLU F 86 -0.25 -9.86 63.38
CA GLU F 86 0.50 -11.12 63.54
C GLU F 86 1.93 -11.04 62.99
N ASP F 87 2.16 -10.11 62.07
CA ASP F 87 3.47 -9.99 61.43
C ASP F 87 4.51 -9.30 62.33
N ILE F 88 4.03 -8.64 63.37
CA ILE F 88 4.91 -7.84 64.21
C ILE F 88 5.68 -8.69 65.21
N PRO F 89 7.02 -8.56 65.20
CA PRO F 89 7.86 -9.33 66.13
C PRO F 89 7.86 -8.70 67.52
N GLN F 90 8.25 -9.48 68.52
CA GLN F 90 8.29 -8.99 69.90
C GLN F 90 9.18 -7.76 70.07
N GLU F 91 10.31 -7.74 69.36
CA GLU F 91 11.27 -6.64 69.51
C GLU F 91 10.64 -5.31 69.12
N ILE F 92 9.77 -5.34 68.12
CA ILE F 92 9.03 -4.16 67.69
C ILE F 92 7.92 -3.80 68.67
N LEU F 93 7.11 -4.79 69.06
CA LEU F 93 6.05 -4.56 70.03
C LEU F 93 6.56 -3.92 71.32
N GLU F 94 7.70 -4.42 71.81
CA GLU F 94 8.29 -3.93 73.05
C GLU F 94 9.06 -2.63 72.89
N ASN F 95 9.23 -2.18 71.65
CA ASN F 95 9.91 -0.91 71.42
C ASN F 95 9.00 0.25 71.83
N LYS F 96 9.55 1.19 72.59
CA LYS F 96 8.76 2.28 73.17
C LYS F 96 7.99 3.14 72.16
N ARG F 97 8.52 3.32 70.95
CA ARG F 97 7.86 4.15 69.94
C ARG F 97 6.58 3.46 69.44
N TYR F 98 6.60 2.14 69.46
CA TYR F 98 5.48 1.34 68.98
C TYR F 98 4.49 0.99 70.10
N LYS F 99 5.01 0.73 71.30
CA LYS F 99 4.17 0.27 72.42
C LYS F 99 3.06 1.27 72.77
N ASP F 100 3.31 2.55 72.50
CA ASP F 100 2.33 3.58 72.81
C ASP F 100 1.36 3.86 71.67
N LEU F 101 1.48 3.08 70.61
CA LEU F 101 0.61 3.24 69.43
C LEU F 101 -0.06 1.93 69.06
N SER F 102 -1.00 2.00 68.15
CA SER F 102 -1.72 0.81 67.67
C SER F 102 -2.41 1.10 66.35
N GLY F 103 -2.80 0.04 65.64
CA GLY F 103 -3.48 0.17 64.38
C GLY F 103 -2.59 0.69 63.27
N TYR F 104 -1.32 0.32 63.30
CA TYR F 104 -0.33 0.87 62.37
C TYR F 104 0.12 -0.09 61.25
N THR F 105 -0.36 -1.33 61.24
CA THR F 105 -0.09 -2.21 60.11
C THR F 105 -0.95 -1.81 58.91
N VAL F 106 -0.55 -2.24 57.72
CA VAL F 106 -1.21 -1.81 56.49
C VAL F 106 -2.70 -2.12 56.50
N SER F 107 -3.07 -3.35 56.86
CA SER F 107 -4.48 -3.74 56.89
C SER F 107 -5.28 -2.85 57.84
N GLU F 108 -4.65 -2.44 58.94
CA GLU F 108 -5.33 -1.66 59.97
C GLU F 108 -5.52 -0.20 59.55
N VAL F 109 -4.47 0.38 58.99
CA VAL F 109 -4.55 1.74 58.46
C VAL F 109 -5.62 1.85 57.37
N VAL F 110 -5.62 0.90 56.44
CA VAL F 110 -6.61 0.85 55.37
C VAL F 110 -8.03 0.70 55.93
N GLU F 111 -8.21 -0.16 56.91
CA GLU F 111 -9.52 -0.26 57.57
C GLU F 111 -10.01 1.05 58.19
N GLN F 112 -9.10 1.83 58.76
CA GLN F 112 -9.46 3.14 59.33
C GLN F 112 -9.81 4.16 58.24
N VAL F 113 -9.00 4.21 57.20
CA VAL F 113 -9.31 5.04 56.04
C VAL F 113 -10.70 4.69 55.51
N LYS F 114 -10.97 3.39 55.39
CA LYS F 114 -12.26 2.94 54.88
C LYS F 114 -13.40 3.40 55.79
N LYS F 115 -13.18 3.30 57.11
CA LYS F 115 -14.18 3.71 58.08
C LYS F 115 -14.42 5.22 58.05
N HIS F 116 -13.33 5.99 57.97
CA HIS F 116 -13.42 7.44 58.04
C HIS F 116 -13.77 8.12 56.72
N PHE F 117 -13.25 7.58 55.61
CA PHE F 117 -13.38 8.23 54.29
C PHE F 117 -14.11 7.40 53.23
N GLY F 118 -14.24 6.10 53.45
CA GLY F 118 -14.98 5.25 52.54
C GLY F 118 -14.17 4.74 51.36
N HIS F 119 -13.45 5.64 50.70
CA HIS F 119 -12.69 5.31 49.50
C HIS F 119 -11.48 6.22 49.39
N ILE F 120 -10.48 5.83 48.59
CA ILE F 120 -9.46 6.79 48.16
C ILE F 120 -9.41 6.86 46.64
N ASP F 121 -8.69 7.87 46.14
CA ASP F 121 -8.54 8.08 44.71
C ASP F 121 -7.09 7.99 44.27
N ILE F 122 -6.20 8.33 45.18
CA ILE F 122 -4.79 8.45 44.82
C ILE F 122 -3.94 7.78 45.89
N LEU F 123 -3.06 6.90 45.46
CA LEU F 123 -2.13 6.26 46.39
C LEU F 123 -0.71 6.61 46.00
N VAL F 124 0.02 7.24 46.94
CA VAL F 124 1.40 7.64 46.69
C VAL F 124 2.32 6.89 47.63
N HIS F 125 3.34 6.27 47.06
CA HIS F 125 4.34 5.51 47.80
C HIS F 125 5.66 6.25 47.73
N SER F 126 6.09 6.81 48.86
CA SER F 126 7.32 7.61 48.87
C SER F 126 8.20 7.17 50.03
N LEU F 127 8.58 5.91 50.03
CA LEU F 127 9.32 5.36 51.16
C LEU F 127 10.28 4.28 50.71
N ALA F 128 11.39 4.16 51.42
CA ALA F 128 12.42 3.19 51.10
C ALA F 128 13.36 3.12 52.29
N ASN F 129 13.97 1.96 52.47
CA ASN F 129 15.00 1.80 53.48
C ASN F 129 15.77 0.50 53.30
N SER F 130 17.07 0.57 53.54
CA SER F 130 17.89 -0.62 53.73
C SER F 130 18.78 -0.34 54.91
N PRO F 131 18.92 -1.32 55.80
CA PRO F 131 19.76 -1.15 56.99
C PRO F 131 21.25 -1.25 56.65
N GLU F 132 21.56 -1.60 55.41
CA GLU F 132 22.95 -1.83 55.01
C GLU F 132 23.33 -1.07 53.74
N ILE F 133 22.69 0.08 53.50
CA ILE F 133 22.93 0.81 52.25
C ILE F 133 24.40 1.20 52.06
N ALA F 134 25.15 1.31 53.15
CA ALA F 134 26.56 1.66 53.04
C ALA F 134 27.44 0.50 52.55
N LYS F 135 26.90 -0.70 52.54
CA LYS F 135 27.70 -1.87 52.20
C LYS F 135 27.57 -2.17 50.72
N PRO F 136 28.69 -2.57 50.10
CA PRO F 136 28.70 -3.17 48.76
C PRO F 136 27.73 -4.33 48.74
N LEU F 137 27.12 -4.60 47.58
CA LEU F 137 26.14 -5.68 47.50
C LEU F 137 26.80 -6.99 47.93
N LEU F 138 28.06 -7.16 47.55
CA LEU F 138 28.84 -8.35 47.88
C LEU F 138 28.90 -8.60 49.38
N ASP F 139 28.80 -7.53 50.15
CA ASP F 139 28.97 -7.61 51.60
C ASP F 139 27.65 -7.48 52.36
N THR F 140 26.56 -7.43 51.60
CA THR F 140 25.22 -7.28 52.18
C THR F 140 24.70 -8.64 52.66
N SER F 141 24.12 -8.66 53.85
CA SER F 141 23.61 -9.89 54.42
C SER F 141 22.24 -10.23 53.81
N ARG F 142 21.82 -11.48 53.98
CA ARG F 142 20.52 -11.91 53.49
C ARG F 142 19.39 -11.15 54.17
N LYS F 143 19.47 -10.98 55.50
CA LYS F 143 18.43 -10.25 56.21
C LYS F 143 18.36 -8.80 55.75
N GLY F 144 19.52 -8.18 55.49
CA GLY F 144 19.54 -6.80 55.04
C GLY F 144 18.88 -6.61 53.69
N TYR F 145 19.27 -7.48 52.77
CA TYR F 145 18.79 -7.47 51.39
C TYR F 145 17.28 -7.64 51.41
N LEU F 146 16.79 -8.63 52.14
CA LEU F 146 15.36 -8.91 52.19
C LEU F 146 14.60 -7.81 52.91
N ALA F 147 15.26 -7.15 53.87
CA ALA F 147 14.66 -6.02 54.56
C ALA F 147 14.51 -4.85 53.60
N ALA F 148 15.53 -4.63 52.77
CA ALA F 148 15.46 -3.58 51.76
C ALA F 148 14.27 -3.80 50.83
N LEU F 149 14.13 -5.02 50.33
CA LEU F 149 13.00 -5.38 49.47
C LEU F 149 11.65 -5.31 50.16
N SER F 150 11.60 -5.81 51.40
CA SER F 150 10.34 -5.80 52.14
C SER F 150 9.84 -4.38 52.36
N THR F 151 10.73 -3.49 52.78
CA THR F 151 10.32 -2.12 53.12
C THR F 151 10.10 -1.27 51.88
N SER F 152 10.93 -1.48 50.87
CA SER F 152 10.99 -0.55 49.75
C SER F 152 10.17 -1.00 48.55
N SER F 153 9.88 -2.30 48.48
CA SER F 153 9.23 -2.86 47.29
C SER F 153 7.91 -3.55 47.62
N TYR F 154 7.95 -4.56 48.47
CA TYR F 154 6.73 -5.30 48.76
C TYR F 154 5.70 -4.38 49.41
N SER F 155 6.18 -3.40 50.17
CA SER F 155 5.31 -2.43 50.83
C SER F 155 4.32 -1.84 49.84
N PHE F 156 4.78 -1.60 48.61
CA PHE F 156 3.88 -1.07 47.59
C PHE F 156 2.76 -2.05 47.23
N ILE F 157 3.13 -3.31 46.99
CA ILE F 157 2.15 -4.38 46.74
C ILE F 157 1.15 -4.49 47.88
N SER F 158 1.62 -4.42 49.11
CA SER F 158 0.71 -4.47 50.26
C SER F 158 -0.25 -3.28 50.25
N LEU F 159 0.27 -2.09 50.00
CA LEU F 159 -0.58 -0.91 50.01
C LEU F 159 -1.65 -0.98 48.90
N LEU F 160 -1.23 -1.36 47.70
CA LEU F 160 -2.15 -1.48 46.59
C LEU F 160 -3.14 -2.63 46.77
N SER F 161 -2.65 -3.77 47.27
CA SER F 161 -3.52 -4.92 47.51
C SER F 161 -4.65 -4.59 48.46
N HIS F 162 -4.31 -3.91 49.56
CA HIS F 162 -5.29 -3.56 50.57
C HIS F 162 -6.18 -2.37 50.20
N PHE F 163 -5.60 -1.33 49.60
CA PHE F 163 -6.36 -0.16 49.17
C PHE F 163 -7.21 -0.37 47.93
N GLY F 164 -6.72 -1.20 47.01
CA GLY F 164 -7.41 -1.49 45.75
C GLY F 164 -8.93 -1.63 45.81
N PRO F 165 -9.44 -2.53 46.68
CA PRO F 165 -10.88 -2.72 46.80
C PRO F 165 -11.68 -1.48 47.24
N ILE F 166 -11.01 -0.43 47.73
CA ILE F 166 -11.75 0.76 48.12
C ILE F 166 -11.37 1.94 47.25
N MET F 167 -10.73 1.68 46.12
CA MET F 167 -10.40 2.75 45.18
C MET F 167 -11.55 3.05 44.23
N ASN F 168 -11.83 4.34 44.02
CA ASN F 168 -12.89 4.75 43.12
C ASN F 168 -12.47 4.59 41.68
N ALA F 169 -13.41 4.82 40.77
CA ALA F 169 -13.10 4.86 39.35
C ALA F 169 -12.09 5.97 39.11
N GLY F 170 -11.18 5.76 38.18
CA GLY F 170 -10.22 6.79 37.82
C GLY F 170 -9.04 6.88 38.77
N ALA F 171 -8.96 5.95 39.72
CA ALA F 171 -7.90 5.94 40.72
C ALA F 171 -6.56 5.54 40.13
N SER F 172 -5.47 5.99 40.75
CA SER F 172 -4.14 5.64 40.27
C SER F 172 -3.09 5.72 41.36
N THR F 173 -1.88 5.26 41.05
CA THR F 173 -0.82 5.20 42.04
C THR F 173 0.48 5.74 41.51
N ILE F 174 1.33 6.15 42.45
CA ILE F 174 2.64 6.71 42.16
C ILE F 174 3.61 6.05 43.13
N SER F 175 4.81 5.71 42.66
CA SER F 175 5.89 5.32 43.54
C SER F 175 7.15 6.00 43.04
N LEU F 176 8.19 6.05 43.86
CA LEU F 176 9.40 6.77 43.46
C LEU F 176 10.55 5.79 43.34
N THR F 177 11.40 5.97 42.33
CA THR F 177 12.51 5.06 42.06
C THR F 177 13.75 5.83 41.65
N TYR F 178 14.84 5.12 41.40
CA TYR F 178 16.09 5.78 41.04
C TYR F 178 16.82 4.95 39.99
N LEU F 179 17.62 5.59 39.15
CA LEU F 179 18.14 4.90 37.95
C LEU F 179 19.10 3.75 38.25
N ALA F 180 19.51 3.63 39.50
CA ALA F 180 20.39 2.56 39.93
C ALA F 180 19.69 1.20 39.91
N SER F 181 18.38 1.23 39.66
CA SER F 181 17.58 0.02 39.48
C SER F 181 18.17 -0.92 38.41
N MET F 182 18.48 -0.39 37.23
CA MET F 182 18.99 -1.26 36.18
C MET F 182 20.30 -0.78 35.52
N ARG F 183 21.02 0.09 36.22
CA ARG F 183 22.38 0.46 35.85
C ARG F 183 23.21 0.48 37.12
N ALA F 184 24.46 0.05 37.03
CA ALA F 184 25.30 -0.06 38.22
C ALA F 184 25.73 1.30 38.80
N VAL F 185 25.30 1.59 40.03
CA VAL F 185 25.76 2.80 40.73
C VAL F 185 26.44 2.41 42.04
N PRO F 186 27.79 2.40 42.03
CA PRO F 186 28.59 2.12 43.23
C PRO F 186 28.19 3.05 44.36
N GLY F 187 27.91 2.48 45.53
CA GLY F 187 27.48 3.28 46.66
C GLY F 187 26.00 3.15 46.93
N TYR F 188 25.23 2.66 45.95
CA TYR F 188 23.81 2.38 46.20
C TYR F 188 23.68 0.96 46.74
N GLY F 189 24.06 0.77 48.01
CA GLY F 189 24.28 -0.57 48.54
C GLY F 189 23.11 -1.18 49.28
N GLY F 190 23.41 -2.22 50.07
CA GLY F 190 22.41 -2.85 50.93
C GLY F 190 21.23 -3.44 50.20
N GLY F 191 21.41 -3.73 48.91
CA GLY F 191 20.34 -4.26 48.10
C GLY F 191 19.34 -3.22 47.60
N MET F 192 19.64 -1.94 47.79
CA MET F 192 18.73 -0.91 47.29
C MET F 192 18.57 -0.99 45.77
N ASN F 193 19.60 -1.45 45.06
CA ASN F 193 19.47 -1.63 43.61
C ASN F 193 18.38 -2.64 43.24
N ALA F 194 18.36 -3.77 43.93
CA ALA F 194 17.39 -4.81 43.67
C ALA F 194 16.01 -4.37 44.11
N ALA F 195 15.94 -3.64 45.21
CA ALA F 195 14.65 -3.12 45.68
C ALA F 195 14.04 -2.19 44.64
N LYS F 196 14.86 -1.35 44.00
CA LYS F 196 14.31 -0.47 42.96
C LYS F 196 14.01 -1.23 41.66
N ALA F 197 14.81 -2.24 41.36
CA ALA F 197 14.57 -3.06 40.18
C ALA F 197 13.20 -3.75 40.34
N ALA F 198 12.98 -4.25 41.55
CA ALA F 198 11.72 -4.92 41.91
C ALA F 198 10.54 -3.96 41.82
N LEU F 199 10.69 -2.79 42.41
CA LEU F 199 9.67 -1.75 42.35
C LEU F 199 9.27 -1.43 40.89
N GLU F 200 10.27 -1.26 40.03
CA GLU F 200 9.97 -0.97 38.62
C GLU F 200 9.32 -2.12 37.87
N SER F 201 9.81 -3.33 38.11
CA SER F 201 9.23 -4.52 37.49
C SER F 201 7.78 -4.66 37.96
N ASP F 202 7.57 -4.47 39.26
CA ASP F 202 6.25 -4.62 39.85
C ASP F 202 5.31 -3.56 39.28
N THR F 203 5.85 -2.39 38.97
CA THR F 203 5.06 -1.30 38.40
C THR F 203 4.38 -1.77 37.11
N LYS F 204 5.14 -2.49 36.29
CA LYS F 204 4.60 -3.02 35.05
C LYS F 204 3.55 -4.09 35.28
N VAL F 205 3.91 -5.11 36.05
CA VAL F 205 2.97 -6.19 36.36
C VAL F 205 1.69 -5.69 37.02
N LEU F 206 1.84 -4.85 38.04
CA LEU F 206 0.68 -4.29 38.74
C LEU F 206 -0.20 -3.37 37.86
N ALA F 207 0.41 -2.60 36.95
CA ALA F 207 -0.38 -1.83 35.97
C ALA F 207 -1.33 -2.76 35.23
N TRP F 208 -0.84 -3.93 34.82
CA TRP F 208 -1.72 -4.89 34.17
C TRP F 208 -2.75 -5.47 35.13
N GLU F 209 -2.29 -5.95 36.27
CA GLU F 209 -3.18 -6.65 37.20
C GLU F 209 -4.22 -5.71 37.79
N ALA F 210 -3.77 -4.57 38.33
CA ALA F 210 -4.68 -3.60 38.93
C ALA F 210 -5.55 -2.95 37.87
N GLY F 211 -5.01 -2.81 36.65
CA GLY F 211 -5.74 -2.29 35.53
C GLY F 211 -6.94 -3.14 35.14
N ARG F 212 -6.71 -4.45 35.04
CA ARG F 212 -7.79 -5.36 34.70
C ARG F 212 -8.73 -5.64 35.87
N ARG F 213 -8.22 -5.53 37.09
CA ARG F 213 -9.07 -5.79 38.27
C ARG F 213 -9.92 -4.59 38.70
N TRP F 214 -9.35 -3.40 38.74
CA TRP F 214 -10.08 -2.25 39.27
C TRP F 214 -10.09 -1.03 38.34
N GLY F 215 -9.39 -1.11 37.23
CA GLY F 215 -9.28 0.01 36.32
C GLY F 215 -8.28 1.04 36.82
N VAL F 216 -7.42 0.62 37.73
CA VAL F 216 -6.46 1.51 38.37
C VAL F 216 -5.18 1.64 37.56
N ARG F 217 -4.64 2.86 37.49
CA ARG F 217 -3.39 3.08 36.77
C ARG F 217 -2.23 3.06 37.76
N VAL F 218 -1.06 2.62 37.32
CA VAL F 218 0.06 2.42 38.23
C VAL F 218 1.32 2.93 37.53
N ASN F 219 1.93 3.98 38.10
CA ASN F 219 3.09 4.62 37.47
C ASN F 219 4.21 4.88 38.47
N THR F 220 5.45 4.96 37.99
CA THR F 220 6.57 5.26 38.88
C THR F 220 7.35 6.46 38.35
N ILE F 221 7.90 7.29 39.26
CA ILE F 221 8.71 8.43 38.84
C ILE F 221 10.15 8.17 39.28
N SER F 222 11.08 8.25 38.35
CA SER F 222 12.51 8.14 38.65
C SER F 222 13.11 9.54 38.78
N ALA F 223 13.50 9.90 40.00
CA ALA F 223 13.87 11.28 40.30
C ALA F 223 15.38 11.47 40.42
N GLY F 224 15.83 12.70 40.20
CA GLY F 224 17.23 13.01 40.46
C GLY F 224 17.49 13.16 41.95
N PRO F 225 18.76 13.41 42.32
CA PRO F 225 19.21 13.46 43.70
C PRO F 225 18.60 14.60 44.50
N LEU F 226 18.15 14.30 45.72
CA LEU F 226 17.60 15.31 46.62
C LEU F 226 18.14 15.18 48.03
N ALA F 227 18.56 16.31 48.60
CA ALA F 227 19.07 16.34 49.98
C ALA F 227 17.95 16.19 51.01
N SER F 228 17.28 15.04 50.97
CA SER F 228 16.21 14.73 51.91
C SER F 228 16.81 14.09 53.13
N ARG F 229 15.98 13.64 54.06
CA ARG F 229 16.49 12.95 55.24
C ARG F 229 17.26 11.71 54.79
N ALA F 230 16.62 10.87 53.98
CA ALA F 230 17.25 9.68 53.42
C ALA F 230 18.49 10.04 52.61
N GLY F 231 18.37 11.07 51.76
CA GLY F 231 19.48 11.54 50.96
C GLY F 231 20.66 11.97 51.82
N LYS F 232 20.41 12.91 52.73
CA LYS F 232 21.45 13.41 53.62
C LYS F 232 22.17 12.30 54.37
N ALA F 233 21.43 11.25 54.72
CA ALA F 233 21.98 10.14 55.49
C ALA F 233 22.99 9.26 54.74
N ILE F 234 22.96 9.28 53.41
CA ILE F 234 23.93 8.49 52.63
C ILE F 234 25.35 9.06 52.72
N GLY F 235 25.45 10.36 53.01
CA GLY F 235 26.72 10.97 53.37
C GLY F 235 27.42 11.77 52.30
N PHE F 236 26.90 11.73 51.07
CA PHE F 236 27.55 12.38 49.94
C PHE F 236 26.55 12.88 48.93
N ILE F 237 25.31 13.06 49.36
CA ILE F 237 24.23 13.48 48.48
C ILE F 237 24.61 14.81 47.81
N GLU F 238 25.42 15.62 48.49
CA GLU F 238 25.88 16.88 47.93
C GLU F 238 26.77 16.67 46.71
N ARG F 239 27.71 15.73 46.80
CA ARG F 239 28.56 15.39 45.66
C ARG F 239 27.69 14.95 44.47
N MET F 240 26.63 14.20 44.78
CA MET F 240 25.76 13.67 43.73
C MET F 240 24.94 14.78 43.07
N VAL F 241 24.50 15.74 43.88
CA VAL F 241 23.77 16.89 43.38
C VAL F 241 24.64 17.71 42.43
N ASP F 242 25.88 17.96 42.85
CA ASP F 242 26.82 18.71 42.01
C ASP F 242 27.16 17.91 40.74
N TYR F 243 27.28 16.59 40.86
CA TYR F 243 27.63 15.77 39.70
C TYR F 243 26.53 15.82 38.64
N TYR F 244 25.28 15.76 39.08
CA TYR F 244 24.15 15.82 38.15
C TYR F 244 24.10 17.19 37.46
N GLN F 245 24.48 18.24 38.18
CA GLN F 245 24.49 19.58 37.58
C GLN F 245 25.51 19.71 36.44
N ASP F 246 26.63 19.00 36.55
CA ASP F 246 27.64 19.01 35.50
C ASP F 246 27.29 18.06 34.36
N TRP F 247 26.48 17.05 34.67
CA TRP F 247 26.23 15.91 33.80
C TRP F 247 25.04 16.08 32.88
N ALA F 248 23.96 16.62 33.44
CA ALA F 248 22.65 16.56 32.80
C ALA F 248 22.52 17.57 31.66
N PRO F 249 21.61 17.30 30.71
CA PRO F 249 21.20 18.29 29.72
C PRO F 249 20.89 19.68 30.31
N LEU F 250 20.16 19.73 31.42
CA LEU F 250 19.90 20.99 32.12
C LEU F 250 20.53 21.00 33.52
N PRO F 251 21.08 22.15 33.94
CA PRO F 251 21.86 22.26 35.17
C PRO F 251 21.07 22.52 36.45
N SER F 252 19.77 22.74 36.38
CA SER F 252 19.02 23.08 37.58
C SER F 252 18.95 21.90 38.57
N PRO F 253 19.10 22.20 39.87
CA PRO F 253 18.99 21.16 40.91
C PRO F 253 17.54 20.66 41.07
N MET F 254 17.38 19.45 41.61
CA MET F 254 16.06 18.94 41.87
C MET F 254 15.38 19.75 42.95
N GLU F 255 14.06 19.88 42.84
CA GLU F 255 13.26 20.40 43.93
C GLU F 255 12.11 19.43 44.08
N ALA F 256 11.69 19.14 45.32
CA ALA F 256 10.67 18.13 45.55
C ALA F 256 9.37 18.44 44.81
N GLU F 257 9.12 19.72 44.56
CA GLU F 257 7.87 20.10 43.90
C GLU F 257 7.87 19.78 42.41
N GLN F 258 9.06 19.57 41.84
CA GLN F 258 9.14 19.11 40.46
C GLN F 258 8.54 17.71 40.30
N VAL F 259 8.93 16.81 41.21
CA VAL F 259 8.37 15.48 41.23
C VAL F 259 6.89 15.57 41.60
N GLY F 260 6.56 16.46 42.53
CA GLY F 260 5.17 16.68 42.90
C GLY F 260 4.27 17.04 41.73
N ALA F 261 4.77 17.87 40.80
CA ALA F 261 3.94 18.34 39.71
C ALA F 261 3.74 17.21 38.71
N ALA F 262 4.80 16.43 38.52
CA ALA F 262 4.71 15.25 37.66
C ALA F 262 3.71 14.24 38.23
N ALA F 263 3.72 14.04 39.55
CA ALA F 263 2.76 13.13 40.19
C ALA F 263 1.32 13.66 40.01
N ALA F 264 1.16 14.96 40.18
CA ALA F 264 -0.15 15.57 40.04
C ALA F 264 -0.69 15.31 38.65
N PHE F 265 0.15 15.51 37.63
CA PHE F 265 -0.28 15.24 36.27
C PHE F 265 -0.66 13.76 36.07
N LEU F 266 0.20 12.86 36.57
CA LEU F 266 -0.03 11.43 36.35
C LEU F 266 -1.30 10.88 37.00
N VAL F 267 -1.71 11.44 38.13
CA VAL F 267 -2.89 10.92 38.83
C VAL F 267 -4.16 11.67 38.40
N SER F 268 -3.99 12.66 37.52
CA SER F 268 -5.11 13.46 37.05
C SER F 268 -5.78 12.79 35.84
N PRO F 269 -7.02 13.20 35.51
CA PRO F 269 -7.71 12.62 34.35
C PRO F 269 -7.02 12.94 33.01
N LEU F 270 -6.07 13.86 33.02
CA LEU F 270 -5.33 14.20 31.82
C LEU F 270 -4.34 13.09 31.42
N ALA F 271 -4.14 12.13 32.33
CA ALA F 271 -3.18 11.05 32.07
C ALA F 271 -3.84 9.67 31.99
N SER F 272 -5.13 9.63 31.64
CA SER F 272 -5.89 8.39 31.65
C SER F 272 -5.31 7.28 30.74
N ALA F 273 -4.52 7.67 29.74
CA ALA F 273 -3.90 6.67 28.88
C ALA F 273 -2.46 6.37 29.28
N ILE F 274 -2.04 6.81 30.45
CA ILE F 274 -0.66 6.57 30.90
C ILE F 274 -0.65 5.59 32.07
N THR F 275 -0.08 4.41 31.84
CA THR F 275 -0.02 3.41 32.90
C THR F 275 1.19 2.49 32.72
N GLY F 276 1.76 2.03 33.82
CA GLY F 276 2.96 1.22 33.77
C GLY F 276 4.23 1.99 33.48
N GLU F 277 4.14 3.32 33.43
CA GLU F 277 5.28 4.11 32.96
C GLU F 277 6.32 4.36 34.04
N THR F 278 7.58 4.45 33.64
CA THR F 278 8.62 5.01 34.48
C THR F 278 8.97 6.39 33.89
N LEU F 279 8.59 7.45 34.58
CA LEU F 279 8.83 8.81 34.08
C LEU F 279 10.03 9.39 34.76
N TYR F 280 11.03 9.79 33.98
CA TYR F 280 12.23 10.38 34.56
C TYR F 280 12.04 11.87 34.79
N VAL F 281 12.21 12.29 36.04
CA VAL F 281 12.20 13.69 36.39
C VAL F 281 13.55 13.96 37.02
N ASP F 282 14.56 14.09 36.17
CA ASP F 282 15.93 14.19 36.65
C ASP F 282 16.78 15.09 35.79
N HIS F 283 16.13 16.04 35.13
CA HIS F 283 16.81 16.99 34.24
C HIS F 283 17.54 16.34 33.06
N GLY F 284 17.19 15.07 32.78
CA GLY F 284 17.69 14.38 31.60
C GLY F 284 18.98 13.60 31.82
N ALA F 285 19.47 13.58 33.06
CA ALA F 285 20.73 12.88 33.35
C ALA F 285 20.74 11.43 32.85
N ASN F 286 19.59 10.77 32.95
CA ASN F 286 19.47 9.34 32.64
C ASN F 286 19.71 9.02 31.16
N VAL F 287 19.59 10.02 30.28
CA VAL F 287 19.78 9.74 28.85
C VAL F 287 21.25 9.76 28.46
N MET F 288 22.11 10.26 29.35
CA MET F 288 23.53 10.42 28.98
C MET F 288 24.25 9.08 28.88
N GLY F 289 25.09 8.94 27.85
CA GLY F 289 25.81 7.70 27.62
C GLY F 289 27.26 7.80 28.04
N ILE F 290 27.60 8.90 28.69
CA ILE F 290 28.95 9.13 29.17
C ILE F 290 28.93 10.23 30.22
N GLY F 291 29.99 10.31 31.03
CA GLY F 291 30.08 11.31 32.08
C GLY F 291 30.72 12.60 31.60
N PRO F 292 30.60 13.66 32.42
CA PRO F 292 31.03 15.03 32.11
C PRO F 292 32.49 15.21 31.66
N GLU F 293 33.39 14.31 32.05
CA GLU F 293 34.80 14.47 31.71
C GLU F 293 35.08 14.34 30.20
N MET F 294 34.17 13.70 29.48
CA MET F 294 34.37 13.46 28.06
C MET F 294 33.57 14.43 27.19
N PHE F 295 32.88 15.37 27.83
CA PHE F 295 32.16 16.42 27.12
C PHE F 295 33.12 17.34 26.39
N MET G 1 -5.26 26.38 42.92
CA MET G 1 -5.47 25.58 41.72
C MET G 1 -4.14 25.21 41.09
N LEU G 2 -4.16 24.20 40.22
CA LEU G 2 -2.96 23.81 39.48
C LEU G 2 -3.27 23.78 38.00
N LYS G 3 -2.85 24.81 37.28
CA LYS G 3 -3.16 24.88 35.87
C LYS G 3 -1.93 24.67 35.00
N ILE G 4 -2.16 24.13 33.81
CA ILE G 4 -1.16 24.10 32.77
C ILE G 4 -1.43 25.36 31.96
N ASP G 5 -0.63 26.40 32.21
CA ASP G 5 -0.91 27.74 31.68
C ASP G 5 0.08 28.11 30.60
N LEU G 6 -0.40 28.22 29.37
CA LEU G 6 0.45 28.56 28.23
C LEU G 6 0.01 29.89 27.62
N THR G 7 -0.76 30.68 28.38
CA THR G 7 -1.25 31.95 27.87
C THR G 7 -0.06 32.85 27.56
N GLY G 8 -0.08 33.43 26.37
CA GLY G 8 1.00 34.27 25.89
C GLY G 8 2.07 33.52 25.12
N LYS G 9 1.99 32.19 25.10
CA LYS G 9 3.03 31.38 24.47
C LYS G 9 2.64 31.07 23.03
N ILE G 10 3.63 31.01 22.14
CA ILE G 10 3.43 30.65 20.74
C ILE G 10 3.93 29.22 20.46
N ALA G 11 3.07 28.38 19.91
CA ALA G 11 3.47 27.03 19.51
C ALA G 11 3.40 26.88 18.00
N PHE G 12 4.49 26.39 17.40
CA PHE G 12 4.47 26.03 15.98
C PHE G 12 4.29 24.53 15.87
N ILE G 13 3.23 24.09 15.20
CA ILE G 13 2.99 22.66 15.07
C ILE G 13 3.20 22.26 13.61
N ALA G 14 4.17 21.39 13.38
CA ALA G 14 4.46 20.91 12.04
C ALA G 14 3.74 19.59 11.82
N GLY G 15 2.72 19.60 10.97
CA GLY G 15 2.04 18.36 10.62
C GLY G 15 0.59 18.25 11.02
N ILE G 16 -0.21 19.25 10.66
CA ILE G 16 -1.67 19.16 10.76
C ILE G 16 -2.26 19.23 9.34
N GLY G 17 -2.90 18.15 8.90
CA GLY G 17 -3.47 18.10 7.56
C GLY G 17 -4.98 17.99 7.56
N ASP G 18 -5.53 17.64 8.72
CA ASP G 18 -6.98 17.53 8.92
C ASP G 18 -7.23 17.45 10.42
N ASP G 19 -8.47 17.21 10.82
CA ASP G 19 -8.79 17.15 12.25
C ASP G 19 -8.74 15.75 12.86
N ASN G 20 -8.15 14.79 12.15
CA ASN G 20 -8.21 13.39 12.54
C ASN G 20 -6.91 12.80 13.09
N GLY G 21 -5.89 13.63 13.17
CA GLY G 21 -4.59 13.13 13.58
C GLY G 21 -4.17 13.64 14.95
N TYR G 22 -2.97 13.26 15.35
CA TYR G 22 -2.40 13.71 16.62
C TYR G 22 -2.04 15.19 16.61
N GLY G 23 -1.61 15.72 15.46
CA GLY G 23 -1.33 17.14 15.35
C GLY G 23 -2.51 18.00 15.78
N TRP G 24 -3.70 17.66 15.31
CA TRP G 24 -4.91 18.40 15.67
C TRP G 24 -5.20 18.32 17.17
N GLY G 25 -5.11 17.10 17.73
CA GLY G 25 -5.34 16.89 19.14
C GLY G 25 -4.38 17.69 20.01
N ILE G 26 -3.11 17.72 19.61
CA ILE G 26 -2.14 18.54 20.33
C ILE G 26 -2.47 20.03 20.19
N ALA G 27 -2.91 20.44 19.00
CA ALA G 27 -3.29 21.83 18.78
C ALA G 27 -4.36 22.25 19.77
N LYS G 28 -5.38 21.41 19.88
CA LYS G 28 -6.56 21.73 20.67
C LYS G 28 -6.23 21.83 22.16
N MET G 29 -5.36 20.94 22.65
CA MET G 29 -5.00 20.94 24.07
C MET G 29 -4.07 22.10 24.42
N LEU G 30 -3.16 22.44 23.50
CA LEU G 30 -2.31 23.60 23.71
C LEU G 30 -3.15 24.87 23.73
N ALA G 31 -4.14 24.93 22.83
CA ALA G 31 -5.07 26.05 22.80
C ALA G 31 -5.97 26.11 24.04
N GLU G 32 -6.37 24.94 24.56
CA GLU G 32 -7.09 24.89 25.83
C GLU G 32 -6.27 25.53 26.94
N ALA G 33 -4.95 25.35 26.88
CA ALA G 33 -4.05 25.89 27.88
C ALA G 33 -3.76 27.38 27.67
N GLY G 34 -4.17 27.90 26.52
CA GLY G 34 -4.04 29.32 26.23
C GLY G 34 -2.94 29.67 25.24
N ALA G 35 -2.34 28.66 24.62
CA ALA G 35 -1.26 28.93 23.67
C ALA G 35 -1.79 29.44 22.33
N THR G 36 -1.03 30.32 21.70
CA THR G 36 -1.29 30.74 20.34
C THR G 36 -0.68 29.74 19.38
N ILE G 37 -1.41 29.36 18.33
CA ILE G 37 -0.99 28.25 17.47
C ILE G 37 -0.60 28.71 16.08
N LEU G 38 0.61 28.35 15.69
CA LEU G 38 1.09 28.46 14.32
C LEU G 38 1.16 27.06 13.74
N VAL G 39 0.76 26.90 12.49
CA VAL G 39 0.66 25.57 11.90
C VAL G 39 1.49 25.48 10.64
N GLY G 40 2.18 24.35 10.45
CA GLY G 40 2.79 24.05 9.17
C GLY G 40 2.05 22.88 8.54
N THR G 41 1.57 23.09 7.32
CA THR G 41 0.75 22.10 6.64
C THR G 41 1.42 21.75 5.31
N TRP G 42 1.55 20.45 5.06
CA TRP G 42 2.17 19.92 3.84
C TRP G 42 1.60 20.57 2.58
N VAL G 43 2.49 21.06 1.73
CA VAL G 43 2.12 21.83 0.55
C VAL G 43 0.92 21.33 -0.27
N PRO G 44 0.90 20.02 -0.66
CA PRO G 44 -0.17 19.52 -1.53
C PRO G 44 -1.56 19.42 -0.89
N ILE G 45 -1.64 19.54 0.43
CA ILE G 45 -2.94 19.52 1.09
C ILE G 45 -3.25 20.84 1.79
N TYR G 46 -2.37 21.82 1.65
CA TYR G 46 -2.55 23.11 2.32
C TYR G 46 -3.82 23.85 1.89
N LYS G 47 -4.04 23.94 0.57
CA LYS G 47 -5.19 24.67 0.05
C LYS G 47 -6.51 24.06 0.52
N ILE G 48 -6.61 22.74 0.49
CA ILE G 48 -7.83 22.06 0.93
C ILE G 48 -8.04 22.12 2.46
N PHE G 49 -6.96 21.98 3.23
CA PHE G 49 -7.04 22.10 4.69
C PHE G 49 -7.53 23.49 5.06
N SER G 50 -6.89 24.50 4.49
CA SER G 50 -7.23 25.87 4.83
C SER G 50 -8.65 26.23 4.37
N GLN G 51 -9.02 25.78 3.17
CA GLN G 51 -10.36 26.04 2.65
C GLN G 51 -11.43 25.33 3.48
N SER G 52 -11.15 24.08 3.86
CA SER G 52 -12.10 23.31 4.67
C SER G 52 -12.32 24.00 6.01
N LEU G 53 -11.25 24.49 6.61
CA LEU G 53 -11.33 25.17 7.89
C LEU G 53 -12.23 26.40 7.76
N GLU G 54 -11.99 27.18 6.70
CA GLU G 54 -12.74 28.41 6.47
C GLU G 54 -14.23 28.15 6.20
N LEU G 55 -14.53 27.03 5.57
CA LEU G 55 -15.92 26.68 5.26
C LEU G 55 -16.67 26.23 6.51
N GLY G 56 -15.93 25.87 7.55
CA GLY G 56 -16.53 25.38 8.78
C GLY G 56 -16.63 23.86 8.82
N LYS G 57 -15.90 23.19 7.93
CA LYS G 57 -15.94 21.74 7.84
C LYS G 57 -15.46 21.05 9.12
N PHE G 58 -14.52 21.67 9.82
CA PHE G 58 -13.95 21.08 11.02
C PHE G 58 -14.53 21.67 12.31
N ASN G 59 -15.65 22.38 12.19
CA ASN G 59 -16.18 23.12 13.34
C ASN G 59 -16.52 22.26 14.57
N ALA G 60 -17.13 21.10 14.35
CA ALA G 60 -17.39 20.18 15.45
C ALA G 60 -16.12 19.84 16.23
N SER G 61 -15.01 19.67 15.51
CA SER G 61 -13.73 19.35 16.14
C SER G 61 -12.98 20.57 16.71
N ARG G 62 -13.50 21.77 16.48
CA ARG G 62 -12.84 22.99 16.93
C ARG G 62 -13.28 23.50 18.30
N GLU G 63 -14.29 22.87 18.88
CA GLU G 63 -14.90 23.37 20.12
C GLU G 63 -13.95 23.29 21.33
N LEU G 64 -13.75 24.42 22.01
CA LEU G 64 -12.94 24.47 23.21
C LEU G 64 -13.82 24.61 24.46
N SER G 65 -13.29 24.25 25.63
CA SER G 65 -14.06 24.24 26.86
C SER G 65 -14.56 25.63 27.28
N ASN G 66 -13.84 26.66 26.87
CA ASN G 66 -14.22 28.03 27.22
C ASN G 66 -15.27 28.59 26.27
N GLY G 67 -15.68 27.79 25.30
CA GLY G 67 -16.74 28.19 24.39
C GLY G 67 -16.24 28.66 23.06
N GLU G 68 -14.94 28.96 22.98
CA GLU G 68 -14.34 29.46 21.75
C GLU G 68 -14.05 28.32 20.79
N LEU G 69 -13.67 28.68 19.57
CA LEU G 69 -13.24 27.72 18.57
C LEU G 69 -11.73 27.76 18.41
N LEU G 70 -11.10 26.59 18.34
CA LEU G 70 -9.68 26.49 18.00
C LEU G 70 -9.34 27.35 16.79
N THR G 71 -8.37 28.25 16.96
CA THR G 71 -7.98 29.18 15.91
C THR G 71 -6.48 29.12 15.67
N PHE G 72 -6.07 29.18 14.41
CA PHE G 72 -4.66 29.26 14.09
C PHE G 72 -4.31 30.70 13.71
N ALA G 73 -3.23 31.21 14.28
CA ALA G 73 -2.79 32.58 14.02
C ALA G 73 -2.28 32.66 12.57
N LYS G 74 -1.66 31.58 12.12
CA LYS G 74 -1.16 31.49 10.76
C LYS G 74 -0.99 30.02 10.36
N ILE G 75 -1.33 29.70 9.11
CA ILE G 75 -1.03 28.39 8.56
C ILE G 75 -0.01 28.60 7.46
N TYR G 76 1.16 27.98 7.61
CA TYR G 76 2.19 28.07 6.57
C TYR G 76 2.23 26.81 5.72
N PRO G 77 2.17 26.98 4.40
CA PRO G 77 2.47 25.83 3.54
C PRO G 77 3.91 25.46 3.79
N MET G 78 4.17 24.17 3.98
CA MET G 78 5.52 23.74 4.28
C MET G 78 5.80 22.36 3.71
N ASP G 79 7.04 22.15 3.29
CA ASP G 79 7.52 20.80 3.02
C ASP G 79 8.85 20.59 3.72
N ALA G 80 8.83 19.79 4.78
CA ALA G 80 10.00 19.63 5.65
C ALA G 80 11.08 18.71 5.05
N SER G 81 10.85 18.26 3.82
CA SER G 81 11.87 17.58 3.03
C SER G 81 12.99 18.54 2.65
N PHE G 82 12.66 19.82 2.59
CA PHE G 82 13.56 20.86 2.10
C PHE G 82 13.92 21.91 3.16
N ASP G 83 15.21 22.18 3.30
CA ASP G 83 15.69 23.20 4.20
C ASP G 83 15.76 24.57 3.51
N THR G 84 16.25 24.58 2.27
CA THR G 84 16.34 25.80 1.46
C THR G 84 15.83 25.50 0.05
N PRO G 85 15.50 26.55 -0.74
CA PRO G 85 14.95 26.31 -2.09
C PRO G 85 15.86 25.49 -3.01
N GLU G 86 17.16 25.52 -2.73
CA GLU G 86 18.15 24.84 -3.55
C GLU G 86 18.02 23.33 -3.41
N ASP G 87 17.31 22.90 -2.38
CA ASP G 87 17.09 21.47 -2.11
C ASP G 87 15.97 20.89 -2.95
N ILE G 88 15.15 21.76 -3.55
CA ILE G 88 13.91 21.31 -4.18
C ILE G 88 14.21 20.79 -5.57
N PRO G 89 13.90 19.51 -5.83
CA PRO G 89 14.17 18.91 -7.14
C PRO G 89 13.27 19.52 -8.21
N GLN G 90 13.67 19.37 -9.47
CA GLN G 90 12.98 20.01 -10.59
C GLN G 90 11.50 19.63 -10.67
N GLU G 91 11.21 18.35 -10.48
CA GLU G 91 9.84 17.83 -10.59
C GLU G 91 8.90 18.51 -9.61
N ILE G 92 9.39 18.79 -8.40
CA ILE G 92 8.58 19.42 -7.37
C ILE G 92 8.35 20.88 -7.73
N LEU G 93 9.41 21.55 -8.17
CA LEU G 93 9.30 22.93 -8.64
C LEU G 93 8.26 23.11 -9.76
N GLU G 94 8.09 22.09 -10.60
CA GLU G 94 7.13 22.16 -11.69
C GLU G 94 5.77 21.53 -11.36
N ASN G 95 5.63 21.02 -10.14
CA ASN G 95 4.36 20.46 -9.67
C ASN G 95 3.32 21.57 -9.48
N LYS G 96 2.08 21.29 -9.87
CA LYS G 96 1.00 22.29 -9.83
C LYS G 96 0.84 22.95 -8.45
N ARG G 97 0.88 22.13 -7.41
CA ARG G 97 0.56 22.61 -6.08
C ARG G 97 1.74 23.30 -5.43
N TYR G 98 2.93 23.13 -6.01
CA TYR G 98 4.11 23.83 -5.49
C TYR G 98 4.41 25.10 -6.28
N LYS G 99 4.19 25.07 -7.59
CA LYS G 99 4.58 26.17 -8.47
C LYS G 99 3.77 27.45 -8.24
N ASP G 100 2.61 27.32 -7.59
CA ASP G 100 1.81 28.49 -7.26
C ASP G 100 2.06 28.96 -5.83
N LEU G 101 3.05 28.35 -5.18
CA LEU G 101 3.42 28.75 -3.82
C LEU G 101 4.89 29.09 -3.72
N SER G 102 5.25 29.78 -2.64
CA SER G 102 6.62 30.21 -2.41
C SER G 102 6.87 30.13 -0.91
N GLY G 103 8.14 30.14 -0.51
CA GLY G 103 8.50 30.26 0.89
C GLY G 103 8.08 29.06 1.72
N TYR G 104 8.15 27.85 1.16
CA TYR G 104 7.68 26.67 1.89
C TYR G 104 8.79 25.75 2.42
N THR G 105 10.04 26.14 2.25
CA THR G 105 11.12 25.35 2.83
C THR G 105 11.22 25.70 4.32
N VAL G 106 11.88 24.87 5.10
CA VAL G 106 12.02 25.13 6.54
C VAL G 106 12.64 26.51 6.84
N SER G 107 13.75 26.83 6.17
CA SER G 107 14.42 28.11 6.42
C SER G 107 13.47 29.29 6.16
N GLU G 108 12.70 29.21 5.10
CA GLU G 108 11.81 30.30 4.70
C GLU G 108 10.62 30.42 5.64
N VAL G 109 10.12 29.29 6.15
CA VAL G 109 9.01 29.36 7.09
C VAL G 109 9.45 30.00 8.41
N VAL G 110 10.64 29.63 8.87
CA VAL G 110 11.18 30.20 10.10
C VAL G 110 11.47 31.69 9.94
N GLU G 111 12.01 32.10 8.80
CA GLU G 111 12.28 33.51 8.60
C GLU G 111 10.99 34.32 8.62
N GLN G 112 9.89 33.74 8.13
CA GLN G 112 8.60 34.42 8.17
C GLN G 112 8.10 34.55 9.61
N VAL G 113 8.20 33.47 10.37
CA VAL G 113 7.78 33.49 11.77
C VAL G 113 8.59 34.52 12.54
N LYS G 114 9.89 34.56 12.28
CA LYS G 114 10.77 35.50 12.97
C LYS G 114 10.37 36.92 12.67
N LYS G 115 9.97 37.19 11.43
CA LYS G 115 9.59 38.54 11.06
C LYS G 115 8.31 38.97 11.75
N HIS G 116 7.28 38.14 11.66
CA HIS G 116 5.97 38.55 12.14
C HIS G 116 5.71 38.32 13.64
N PHE G 117 6.39 37.34 14.24
CA PHE G 117 6.19 37.01 15.65
C PHE G 117 7.45 37.10 16.50
N GLY G 118 8.61 37.10 15.86
CA GLY G 118 9.87 37.35 16.56
C GLY G 118 10.47 36.14 17.26
N HIS G 119 9.61 35.37 17.93
CA HIS G 119 10.05 34.22 18.73
C HIS G 119 8.95 33.17 18.80
N ILE G 120 9.32 31.97 19.24
CA ILE G 120 8.32 30.95 19.56
C ILE G 120 8.71 30.32 20.88
N ASP G 121 7.79 29.57 21.47
CA ASP G 121 7.99 28.96 22.78
C ASP G 121 7.91 27.45 22.72
N ILE G 122 7.21 26.90 21.72
CA ILE G 122 6.97 25.46 21.69
C ILE G 122 7.04 25.00 20.24
N LEU G 123 7.81 23.94 20.02
CA LEU G 123 7.86 23.29 18.71
C LEU G 123 7.25 21.90 18.80
N VAL G 124 6.22 21.63 18.00
CA VAL G 124 5.61 20.31 17.98
C VAL G 124 5.83 19.69 16.60
N HIS G 125 6.34 18.47 16.58
CA HIS G 125 6.64 17.75 15.35
C HIS G 125 5.71 16.56 15.33
N SER G 126 4.73 16.60 14.43
CA SER G 126 3.75 15.53 14.33
C SER G 126 3.66 15.07 12.88
N LEU G 127 4.78 14.65 12.34
CA LEU G 127 4.80 14.27 10.94
C LEU G 127 5.73 13.09 10.62
N ALA G 128 5.36 12.33 9.62
CA ALA G 128 6.09 11.15 9.24
C ALA G 128 5.62 10.75 7.86
N ASN G 129 6.54 10.18 7.09
CA ASN G 129 6.16 9.49 5.87
C ASN G 129 7.28 8.59 5.41
N SER G 130 6.90 7.44 4.87
CA SER G 130 7.77 6.66 4.02
C SER G 130 7.00 6.34 2.75
N PRO G 131 7.65 6.50 1.60
CA PRO G 131 7.01 6.13 0.33
C PRO G 131 6.92 4.60 0.16
N GLU G 132 7.46 3.85 1.11
CA GLU G 132 7.52 2.39 0.98
C GLU G 132 7.05 1.62 2.22
N ILE G 133 6.11 2.20 2.98
CA ILE G 133 5.73 1.61 4.26
C ILE G 133 5.15 0.19 4.12
N ALA G 134 4.60 -0.12 2.95
CA ALA G 134 4.00 -1.45 2.74
C ALA G 134 5.04 -2.53 2.49
N LYS G 135 6.28 -2.14 2.28
CA LYS G 135 7.33 -3.09 1.94
C LYS G 135 8.10 -3.57 3.16
N PRO G 136 8.39 -4.89 3.23
CA PRO G 136 9.33 -5.38 4.25
C PRO G 136 10.64 -4.57 4.19
N LEU G 137 11.28 -4.36 5.33
CA LEU G 137 12.54 -3.61 5.36
C LEU G 137 13.57 -4.19 4.37
N LEU G 138 13.62 -5.52 4.30
CA LEU G 138 14.50 -6.24 3.38
C LEU G 138 14.29 -5.85 1.91
N ASP G 139 13.07 -5.41 1.57
CA ASP G 139 12.75 -5.07 0.18
C ASP G 139 12.60 -3.56 -0.02
N THR G 140 12.96 -2.78 1.00
CA THR G 140 12.89 -1.33 0.88
C THR G 140 14.13 -0.82 0.18
N SER G 141 13.96 0.18 -0.70
CA SER G 141 15.07 0.70 -1.50
C SER G 141 15.84 1.78 -0.75
N ARG G 142 17.07 2.05 -1.17
CA ARG G 142 17.87 3.09 -0.53
C ARG G 142 17.13 4.44 -0.53
N LYS G 143 16.57 4.81 -1.68
CA LYS G 143 15.88 6.10 -1.79
C LYS G 143 14.67 6.16 -0.87
N GLY G 144 13.93 5.06 -0.81
CA GLY G 144 12.80 4.96 0.08
C GLY G 144 13.14 5.04 1.56
N TYR G 145 14.17 4.30 1.98
CA TYR G 145 14.67 4.32 3.36
C TYR G 145 15.15 5.72 3.74
N LEU G 146 15.93 6.34 2.87
CA LEU G 146 16.42 7.69 3.19
C LEU G 146 15.31 8.76 3.13
N ALA G 147 14.31 8.55 2.29
CA ALA G 147 13.14 9.44 2.31
C ALA G 147 12.38 9.33 3.64
N ALA G 148 12.26 8.12 4.18
CA ALA G 148 11.60 7.97 5.46
C ALA G 148 12.39 8.73 6.51
N LEU G 149 13.72 8.63 6.45
CA LEU G 149 14.56 9.27 7.44
C LEU G 149 14.54 10.78 7.28
N SER G 150 14.53 11.22 6.03
CA SER G 150 14.56 12.65 5.73
C SER G 150 13.27 13.31 6.24
N THR G 151 12.14 12.79 5.80
CA THR G 151 10.85 13.35 6.18
C THR G 151 10.51 13.18 7.65
N SER G 152 10.81 12.01 8.21
CA SER G 152 10.31 11.66 9.53
C SER G 152 11.24 11.97 10.68
N SER G 153 12.55 12.01 10.43
CA SER G 153 13.49 12.23 11.52
C SER G 153 14.34 13.48 11.32
N TYR G 154 15.00 13.60 10.17
CA TYR G 154 15.82 14.80 9.94
C TYR G 154 15.02 16.11 10.03
N SER G 155 13.78 16.09 9.55
CA SER G 155 12.92 17.28 9.58
C SER G 155 12.84 17.87 11.00
N PHE G 156 12.84 17.01 12.01
CA PHE G 156 12.85 17.55 13.37
C PHE G 156 14.12 18.32 13.69
N ILE G 157 15.27 17.75 13.35
CA ILE G 157 16.55 18.44 13.51
C ILE G 157 16.54 19.77 12.76
N SER G 158 16.00 19.78 11.55
CA SER G 158 15.96 21.01 10.77
C SER G 158 15.08 22.05 11.46
N LEU G 159 13.92 21.64 11.92
CA LEU G 159 13.01 22.57 12.58
C LEU G 159 13.62 23.12 13.88
N LEU G 160 14.27 22.27 14.66
CA LEU G 160 14.89 22.75 15.90
C LEU G 160 16.12 23.64 15.65
N SER G 161 16.90 23.27 14.65
CA SER G 161 18.13 24.00 14.35
C SER G 161 17.76 25.41 13.88
N HIS G 162 16.73 25.49 13.05
CA HIS G 162 16.30 26.78 12.53
C HIS G 162 15.54 27.61 13.56
N PHE G 163 14.62 27.00 14.32
CA PHE G 163 13.87 27.75 15.33
C PHE G 163 14.64 28.05 16.61
N GLY G 164 15.61 27.21 16.95
CA GLY G 164 16.34 27.34 18.22
C GLY G 164 16.81 28.75 18.58
N PRO G 165 17.47 29.42 17.64
CA PRO G 165 17.96 30.80 17.90
C PRO G 165 16.85 31.81 18.21
N ILE G 166 15.61 31.51 17.84
CA ILE G 166 14.53 32.42 18.21
C ILE G 166 13.58 31.90 19.29
N MET G 167 13.89 30.77 19.93
CA MET G 167 13.03 30.31 21.00
C MET G 167 13.29 31.08 22.28
N ASN G 168 12.22 31.40 23.01
CA ASN G 168 12.33 32.08 24.29
C ASN G 168 12.90 31.20 25.40
N ALA G 169 13.21 31.79 26.54
CA ALA G 169 13.54 31.02 27.73
C ALA G 169 12.34 30.15 28.08
N GLY G 170 12.60 28.94 28.57
CA GLY G 170 11.54 28.01 28.93
C GLY G 170 10.97 27.25 27.76
N ALA G 171 11.59 27.39 26.60
CA ALA G 171 11.06 26.77 25.38
C ALA G 171 11.24 25.25 25.43
N SER G 172 10.39 24.53 24.72
CA SER G 172 10.52 23.08 24.66
C SER G 172 9.96 22.52 23.35
N THR G 173 10.23 21.25 23.10
CA THR G 173 9.81 20.61 21.86
C THR G 173 9.13 19.28 22.16
N ILE G 174 8.25 18.86 21.26
CA ILE G 174 7.57 17.57 21.34
C ILE G 174 7.60 16.95 19.95
N SER G 175 7.93 15.65 19.86
CA SER G 175 7.81 14.91 18.60
C SER G 175 7.08 13.59 18.93
N LEU G 176 6.56 12.91 17.92
CA LEU G 176 5.79 11.69 18.14
C LEU G 176 6.49 10.46 17.59
N THR G 177 6.42 9.36 18.33
CA THR G 177 7.09 8.15 17.92
C THR G 177 6.20 6.94 18.20
N TYR G 178 6.70 5.74 17.89
CA TYR G 178 5.94 4.51 18.02
C TYR G 178 6.90 3.39 18.42
N LEU G 179 6.39 2.38 19.11
CA LEU G 179 7.27 1.40 19.76
C LEU G 179 8.07 0.51 18.80
N ALA G 180 7.71 0.54 17.53
CA ALA G 180 8.44 -0.22 16.51
C ALA G 180 9.84 0.35 16.26
N SER G 181 10.13 1.48 16.89
CA SER G 181 11.47 2.06 16.89
C SER G 181 12.56 1.08 17.31
N MET G 182 12.38 0.41 18.45
CA MET G 182 13.38 -0.52 18.95
C MET G 182 12.85 -1.93 19.32
N ARG G 183 11.64 -2.25 18.85
CA ARG G 183 11.15 -3.64 18.88
C ARG G 183 10.58 -3.94 17.51
N ALA G 184 10.81 -5.15 17.02
CA ALA G 184 10.42 -5.48 15.64
C ALA G 184 8.92 -5.67 15.48
N VAL G 185 8.31 -4.82 14.65
CA VAL G 185 6.88 -4.94 14.37
C VAL G 185 6.68 -5.16 12.87
N PRO G 186 6.38 -6.39 12.48
CA PRO G 186 6.20 -6.74 11.06
C PRO G 186 5.09 -5.88 10.45
N GLY G 187 5.38 -5.25 9.32
CA GLY G 187 4.41 -4.38 8.67
C GLY G 187 4.66 -2.89 8.86
N TYR G 188 5.57 -2.54 9.77
CA TYR G 188 5.99 -1.15 9.90
C TYR G 188 7.20 -0.96 8.98
N GLY G 189 6.95 -0.99 7.67
CA GLY G 189 8.02 -1.10 6.70
C GLY G 189 8.58 0.20 6.14
N GLY G 190 9.28 0.08 5.01
CA GLY G 190 9.83 1.23 4.30
C GLY G 190 10.79 2.07 5.13
N GLY G 191 11.44 1.43 6.10
CA GLY G 191 12.40 2.10 6.95
C GLY G 191 11.77 2.93 8.05
N MET G 192 10.46 2.85 8.24
CA MET G 192 9.84 3.60 9.33
C MET G 192 10.39 3.21 10.70
N ASN G 193 10.82 1.97 10.85
CA ASN G 193 11.40 1.55 12.13
C ASN G 193 12.68 2.35 12.40
N ALA G 194 13.49 2.49 11.36
CA ALA G 194 14.76 3.20 11.48
C ALA G 194 14.52 4.69 11.69
N ALA G 195 13.48 5.22 11.02
CA ALA G 195 13.13 6.63 11.16
C ALA G 195 12.77 6.94 12.60
N LYS G 196 12.00 6.05 13.25
CA LYS G 196 11.62 6.28 14.66
C LYS G 196 12.75 6.01 15.63
N ALA G 197 13.60 5.02 15.34
CA ALA G 197 14.81 4.81 16.14
C ALA G 197 15.66 6.06 16.11
N ALA G 198 15.84 6.61 14.91
CA ALA G 198 16.61 7.85 14.74
C ALA G 198 15.97 9.01 15.50
N LEU G 199 14.66 9.16 15.37
CA LEU G 199 13.96 10.22 16.08
C LEU G 199 14.16 10.13 17.59
N GLU G 200 14.05 8.92 18.15
CA GLU G 200 14.20 8.76 19.59
C GLU G 200 15.63 8.97 20.03
N SER G 201 16.58 8.58 19.19
CA SER G 201 17.98 8.70 19.56
C SER G 201 18.34 10.18 19.50
N ASP G 202 17.85 10.84 18.46
CA ASP G 202 18.07 12.27 18.27
C ASP G 202 17.45 13.04 19.45
N THR G 203 16.32 12.57 19.97
CA THR G 203 15.68 13.21 21.13
C THR G 203 16.65 13.34 22.32
N LYS G 204 17.40 12.28 22.59
CA LYS G 204 18.35 12.29 23.70
C LYS G 204 19.53 13.21 23.42
N VAL G 205 20.07 13.10 22.20
CA VAL G 205 21.23 13.88 21.82
C VAL G 205 20.85 15.37 21.78
N LEU G 206 19.71 15.67 21.18
CA LEU G 206 19.29 17.07 21.07
C LEU G 206 18.89 17.66 22.43
N ALA G 207 18.40 16.83 23.33
CA ALA G 207 18.11 17.30 24.69
C ALA G 207 19.37 17.85 25.32
N TRP G 208 20.49 17.18 25.09
CA TRP G 208 21.76 17.69 25.62
C TRP G 208 22.23 18.93 24.85
N GLU G 209 22.26 18.82 23.52
CA GLU G 209 22.75 19.91 22.68
C GLU G 209 21.92 21.18 22.82
N ALA G 210 20.59 21.06 22.71
CA ALA G 210 19.70 22.20 22.78
C ALA G 210 19.56 22.71 24.21
N GLY G 211 19.61 21.79 25.17
CA GLY G 211 19.61 22.17 26.57
C GLY G 211 20.79 23.04 26.93
N ARG G 212 21.98 22.65 26.50
CA ARG G 212 23.17 23.44 26.81
C ARG G 212 23.26 24.70 25.96
N ARG G 213 22.77 24.65 24.73
CA ARG G 213 22.92 25.80 23.84
C ARG G 213 21.89 26.90 24.12
N TRP G 214 20.63 26.50 24.29
CA TRP G 214 19.53 27.45 24.43
C TRP G 214 18.66 27.25 25.68
N GLY G 215 18.95 26.23 26.48
CA GLY G 215 18.13 25.89 27.62
C GLY G 215 16.81 25.24 27.25
N VAL G 216 16.73 24.75 26.01
CA VAL G 216 15.50 24.17 25.51
C VAL G 216 15.34 22.72 25.98
N ARG G 217 14.10 22.33 26.30
CA ARG G 217 13.82 20.92 26.63
C ARG G 217 13.29 20.19 25.40
N VAL G 218 13.58 18.89 25.30
CA VAL G 218 13.28 18.13 24.08
C VAL G 218 12.72 16.78 24.47
N ASN G 219 11.43 16.55 24.23
CA ASN G 219 10.79 15.27 24.60
C ASN G 219 10.01 14.63 23.47
N THR G 220 9.78 13.33 23.58
CA THR G 220 9.03 12.61 22.56
C THR G 220 7.94 11.78 23.23
N ILE G 221 6.82 11.62 22.54
CA ILE G 221 5.69 10.87 23.05
C ILE G 221 5.45 9.71 22.10
N SER G 222 5.51 8.51 22.66
CA SER G 222 5.22 7.26 21.98
C SER G 222 3.76 6.89 22.20
N ALA G 223 2.97 6.92 21.13
CA ALA G 223 1.51 6.82 21.22
C ALA G 223 0.97 5.48 20.75
N GLY G 224 -0.24 5.15 21.19
CA GLY G 224 -0.93 3.96 20.71
C GLY G 224 -1.52 4.22 19.34
N PRO G 225 -2.13 3.18 18.72
CA PRO G 225 -2.67 3.29 17.36
C PRO G 225 -3.83 4.26 17.27
N LEU G 226 -3.87 5.06 16.19
CA LEU G 226 -4.95 6.03 15.95
C LEU G 226 -5.37 6.02 14.46
N ALA G 227 -6.68 6.07 14.22
CA ALA G 227 -7.22 6.10 12.86
C ALA G 227 -7.08 7.48 12.22
N SER G 228 -5.84 7.95 12.10
CA SER G 228 -5.54 9.21 11.46
C SER G 228 -5.49 9.03 9.95
N ARG G 229 -5.11 10.08 9.25
CA ARG G 229 -4.85 10.00 7.81
C ARG G 229 -3.82 8.89 7.53
N ALA G 230 -2.63 9.05 8.09
CA ALA G 230 -1.55 8.09 7.92
C ALA G 230 -1.93 6.72 8.48
N GLY G 231 -2.60 6.71 9.64
CA GLY G 231 -3.06 5.48 10.25
C GLY G 231 -3.98 4.66 9.34
N LYS G 232 -4.95 5.32 8.71
CA LYS G 232 -5.92 4.63 7.88
C LYS G 232 -5.32 4.11 6.57
N ALA G 233 -4.31 4.81 6.06
CA ALA G 233 -3.75 4.44 4.75
C ALA G 233 -2.96 3.13 4.87
N ILE G 234 -2.57 2.81 6.10
CA ILE G 234 -1.83 1.60 6.42
C ILE G 234 -2.56 0.32 5.96
N GLY G 235 -3.85 0.25 6.25
CA GLY G 235 -4.68 -0.81 5.70
C GLY G 235 -5.20 -1.78 6.73
N PHE G 236 -4.74 -1.64 7.97
CA PHE G 236 -5.19 -2.52 9.05
C PHE G 236 -5.27 -1.81 10.39
N ILE G 237 -5.50 -0.50 10.40
CA ILE G 237 -5.46 0.24 11.67
C ILE G 237 -6.52 -0.21 12.68
N GLU G 238 -7.68 -0.65 12.19
CA GLU G 238 -8.75 -1.01 13.10
C GLU G 238 -8.45 -2.33 13.83
N ARG G 239 -7.76 -3.24 13.14
CA ARG G 239 -7.29 -4.47 13.76
C ARG G 239 -6.26 -4.15 14.84
N MET G 240 -5.37 -3.20 14.55
CA MET G 240 -4.39 -2.77 15.53
C MET G 240 -5.05 -2.14 16.76
N VAL G 241 -6.08 -1.33 16.54
CA VAL G 241 -6.85 -0.75 17.64
C VAL G 241 -7.48 -1.85 18.50
N ASP G 242 -8.11 -2.82 17.86
CA ASP G 242 -8.72 -3.95 18.56
C ASP G 242 -7.67 -4.77 19.32
N TYR G 243 -6.52 -4.99 18.70
CA TYR G 243 -5.45 -5.75 19.32
C TYR G 243 -4.97 -5.06 20.60
N TYR G 244 -4.71 -3.75 20.51
CA TYR G 244 -4.30 -2.98 21.68
C TYR G 244 -5.31 -3.04 22.82
N GLN G 245 -6.60 -3.07 22.50
CA GLN G 245 -7.63 -3.16 23.54
C GLN G 245 -7.57 -4.50 24.26
N ASP G 246 -7.26 -5.56 23.53
CA ASP G 246 -7.13 -6.89 24.14
C ASP G 246 -5.82 -7.07 24.90
N TRP G 247 -4.81 -6.33 24.51
CA TRP G 247 -3.42 -6.52 24.95
C TRP G 247 -3.06 -5.68 26.18
N ALA G 248 -3.48 -4.42 26.17
CA ALA G 248 -2.97 -3.43 27.13
C ALA G 248 -3.59 -3.57 28.51
N PRO G 249 -2.89 -3.07 29.54
CA PRO G 249 -3.43 -2.96 30.89
C PRO G 249 -4.84 -2.33 30.90
N LEU G 250 -5.03 -1.23 30.17
CA LEU G 250 -6.36 -0.61 30.08
C LEU G 250 -6.92 -0.69 28.65
N PRO G 251 -8.25 -0.83 28.52
CA PRO G 251 -8.89 -1.11 27.23
C PRO G 251 -9.36 0.09 26.41
N SER G 252 -9.30 1.30 26.96
CA SER G 252 -9.79 2.46 26.21
C SER G 252 -8.97 2.70 24.94
N PRO G 253 -9.67 2.97 23.82
CA PRO G 253 -8.96 3.29 22.58
C PRO G 253 -8.26 4.64 22.70
N MET G 254 -7.22 4.85 21.90
CA MET G 254 -6.54 6.15 21.85
C MET G 254 -7.47 7.27 21.41
N GLU G 255 -7.29 8.44 21.98
CA GLU G 255 -7.89 9.68 21.50
C GLU G 255 -6.76 10.67 21.30
N ALA G 256 -6.85 11.48 20.26
CA ALA G 256 -5.76 12.42 19.98
C ALA G 256 -5.52 13.38 21.15
N GLU G 257 -6.59 13.72 21.85
CA GLU G 257 -6.52 14.62 23.00
C GLU G 257 -5.72 14.04 24.18
N GLN G 258 -5.58 12.72 24.27
CA GLN G 258 -4.78 12.13 25.34
C GLN G 258 -3.31 12.48 25.17
N VAL G 259 -2.83 12.34 23.94
CA VAL G 259 -1.48 12.75 23.56
C VAL G 259 -1.34 14.27 23.66
N GLY G 260 -2.40 14.99 23.30
CA GLY G 260 -2.41 16.44 23.39
C GLY G 260 -2.20 16.90 24.82
N ALA G 261 -2.89 16.25 25.75
CA ALA G 261 -2.80 16.60 27.16
C ALA G 261 -1.39 16.34 27.69
N ALA G 262 -0.78 15.23 27.26
CA ALA G 262 0.59 14.91 27.64
C ALA G 262 1.54 15.98 27.10
N ALA G 263 1.36 16.36 25.84
CA ALA G 263 2.15 17.41 25.23
C ALA G 263 2.05 18.70 26.03
N ALA G 264 0.83 19.05 26.40
CA ALA G 264 0.57 20.31 27.08
C ALA G 264 1.31 20.32 28.41
N PHE G 265 1.27 19.21 29.13
CA PHE G 265 2.00 19.13 30.41
C PHE G 265 3.50 19.24 30.17
N LEU G 266 4.01 18.50 29.19
CA LEU G 266 5.46 18.44 28.95
C LEU G 266 6.04 19.80 28.53
N VAL G 267 5.24 20.65 27.89
CA VAL G 267 5.75 21.94 27.45
C VAL G 267 5.50 23.05 28.47
N SER G 268 4.84 22.72 29.58
CA SER G 268 4.51 23.71 30.59
C SER G 268 5.64 23.86 31.60
N PRO G 269 5.60 24.91 32.44
CA PRO G 269 6.62 25.07 33.49
C PRO G 269 6.58 23.94 34.52
N LEU G 270 5.49 23.20 34.56
CA LEU G 270 5.38 22.07 35.47
C LEU G 270 6.32 20.93 35.12
N ALA G 271 6.89 20.97 33.91
CA ALA G 271 7.76 19.89 33.46
C ALA G 271 9.21 20.35 33.25
N SER G 272 9.63 21.39 33.97
CA SER G 272 10.97 21.98 33.80
C SER G 272 12.13 21.01 34.04
N ALA G 273 11.89 19.94 34.79
CA ALA G 273 12.95 18.98 35.07
C ALA G 273 12.89 17.76 34.16
N ILE G 274 12.03 17.82 33.16
CA ILE G 274 11.84 16.68 32.27
C ILE G 274 12.40 17.00 30.89
N THR G 275 13.45 16.28 30.51
CA THR G 275 14.03 16.47 29.16
C THR G 275 14.66 15.17 28.65
N GLY G 276 14.58 14.97 27.34
CA GLY G 276 15.13 13.78 26.70
C GLY G 276 14.25 12.56 26.91
N GLU G 277 13.07 12.76 27.45
CA GLU G 277 12.18 11.65 27.82
C GLU G 277 11.40 11.08 26.64
N THR G 278 11.22 9.76 26.63
CA THR G 278 10.21 9.12 25.80
C THR G 278 9.03 8.72 26.70
N LEU G 279 7.92 9.42 26.55
CA LEU G 279 6.76 9.20 27.39
C LEU G 279 5.72 8.35 26.67
N TYR G 280 5.45 7.14 27.19
CA TYR G 280 4.46 6.29 26.55
C TYR G 280 3.04 6.74 26.93
N VAL G 281 2.23 6.96 25.90
CA VAL G 281 0.82 7.30 26.05
C VAL G 281 0.09 6.31 25.17
N ASP G 282 -0.10 5.08 25.69
CA ASP G 282 -0.61 3.98 24.89
C ASP G 282 -1.37 2.96 25.73
N HIS G 283 -1.89 3.42 26.87
CA HIS G 283 -2.63 2.55 27.79
C HIS G 283 -1.80 1.38 28.35
N GLY G 284 -0.47 1.55 28.31
CA GLY G 284 0.43 0.56 28.88
C GLY G 284 0.79 -0.63 28.03
N ALA G 285 0.37 -0.65 26.76
CA ALA G 285 0.67 -1.80 25.91
C ALA G 285 2.17 -2.08 25.87
N ASN G 286 2.96 -1.02 25.76
CA ASN G 286 4.41 -1.12 25.65
C ASN G 286 5.11 -1.90 26.78
N VAL G 287 4.51 -1.97 27.97
CA VAL G 287 5.17 -2.67 29.06
C VAL G 287 4.92 -4.18 29.06
N MET G 288 4.04 -4.64 28.18
CA MET G 288 3.67 -6.07 28.16
C MET G 288 4.79 -6.95 27.61
N GLY G 289 4.94 -8.14 28.18
CA GLY G 289 6.02 -9.03 27.80
C GLY G 289 5.56 -10.17 26.92
N ILE G 290 4.26 -10.23 26.69
CA ILE G 290 3.66 -11.27 25.87
C ILE G 290 2.31 -10.75 25.33
N GLY G 291 1.80 -11.38 24.27
CA GLY G 291 0.51 -11.01 23.72
C GLY G 291 -0.67 -11.68 24.41
N PRO G 292 -1.90 -11.26 24.04
CA PRO G 292 -3.11 -11.68 24.75
C PRO G 292 -3.45 -13.18 24.76
N GLU G 293 -2.95 -13.96 23.81
CA GLU G 293 -3.29 -15.39 23.77
C GLU G 293 -2.73 -16.17 24.96
N MET G 294 -1.70 -15.62 25.61
CA MET G 294 -1.05 -16.30 26.73
C MET G 294 -1.45 -15.79 28.13
N PHE G 295 -2.40 -14.87 28.17
CA PHE G 295 -2.85 -14.29 29.44
C PHE G 295 -3.50 -15.34 30.35
N MET H 1 35.93 -32.21 23.35
CA MET H 1 36.30 -30.83 23.08
C MET H 1 35.08 -30.02 22.64
N LEU H 2 35.17 -28.70 22.76
CA LEU H 2 34.10 -27.82 22.28
C LEU H 2 34.71 -26.80 21.34
N LYS H 3 34.49 -26.98 20.04
CA LYS H 3 35.05 -26.09 19.03
C LYS H 3 34.00 -25.16 18.45
N ILE H 4 34.44 -23.94 18.15
CA ILE H 4 33.71 -23.04 17.27
C ILE H 4 34.24 -23.37 15.88
N ASP H 5 33.45 -24.13 15.11
CA ASP H 5 33.95 -24.76 13.88
C ASP H 5 33.27 -24.16 12.65
N LEU H 6 34.00 -23.34 11.91
CA LEU H 6 33.50 -22.72 10.69
C LEU H 6 34.18 -23.28 9.44
N THR H 7 34.71 -24.50 9.56
CA THR H 7 35.39 -25.17 8.44
C THR H 7 34.49 -25.20 7.20
N GLY H 8 35.06 -24.76 6.09
CA GLY H 8 34.34 -24.76 4.84
C GLY H 8 33.27 -23.68 4.71
N LYS H 9 33.02 -22.91 5.77
CA LYS H 9 32.07 -21.82 5.65
C LYS H 9 32.70 -20.64 4.91
N ILE H 10 31.89 -19.90 4.18
CA ILE H 10 32.40 -18.76 3.41
C ILE H 10 31.87 -17.49 4.01
N ALA H 11 32.79 -16.62 4.42
CA ALA H 11 32.44 -15.38 5.06
C ALA H 11 32.80 -14.20 4.17
N PHE H 12 31.85 -13.31 3.99
CA PHE H 12 32.12 -12.03 3.35
C PHE H 12 32.22 -10.93 4.42
N ILE H 13 33.38 -10.29 4.51
CA ILE H 13 33.58 -9.22 5.48
C ILE H 13 33.68 -7.88 4.78
N ALA H 14 32.66 -7.05 4.99
CA ALA H 14 32.60 -5.72 4.39
C ALA H 14 33.21 -4.70 5.34
N GLY H 15 34.42 -4.25 5.03
CA GLY H 15 35.05 -3.20 5.78
C GLY H 15 36.39 -3.56 6.42
N ILE H 16 37.32 -4.06 5.62
CA ILE H 16 38.69 -4.20 6.08
C ILE H 16 39.62 -3.29 5.28
N GLY H 17 40.14 -2.27 5.94
CA GLY H 17 40.97 -1.29 5.28
C GLY H 17 42.43 -1.32 5.68
N ASP H 18 42.71 -2.04 6.76
CA ASP H 18 44.08 -2.33 7.18
C ASP H 18 43.99 -3.36 8.30
N ASP H 19 45.08 -3.52 9.06
CA ASP H 19 45.09 -4.49 10.15
C ASP H 19 44.72 -3.89 11.51
N ASN H 20 44.22 -2.65 11.52
CA ASN H 20 43.97 -1.95 12.79
C ASN H 20 42.53 -1.87 13.29
N GLY H 21 41.57 -2.37 12.51
CA GLY H 21 40.17 -2.21 12.88
C GLY H 21 39.54 -3.52 13.32
N TYR H 22 38.22 -3.48 13.53
CA TYR H 22 37.50 -4.65 14.00
C TYR H 22 37.31 -5.65 12.86
N GLY H 23 37.28 -5.13 11.63
CA GLY H 23 37.12 -5.99 10.46
C GLY H 23 38.22 -7.02 10.36
N TRP H 24 39.46 -6.57 10.53
CA TRP H 24 40.62 -7.45 10.52
C TRP H 24 40.58 -8.45 11.69
N GLY H 25 40.19 -7.97 12.87
CA GLY H 25 40.14 -8.83 14.04
C GLY H 25 39.13 -9.95 13.87
N ILE H 26 38.00 -9.61 13.26
CA ILE H 26 36.94 -10.57 12.97
C ILE H 26 37.39 -11.57 11.90
N ALA H 27 38.06 -11.07 10.85
CA ALA H 27 38.62 -11.95 9.82
C ALA H 27 39.57 -12.97 10.46
N LYS H 28 40.42 -12.47 11.34
CA LYS H 28 41.43 -13.27 12.03
C LYS H 28 40.80 -14.42 12.82
N MET H 29 39.73 -14.13 13.55
CA MET H 29 39.09 -15.13 14.40
C MET H 29 38.23 -16.11 13.60
N LEU H 30 37.56 -15.60 12.56
CA LEU H 30 36.81 -16.49 11.68
C LEU H 30 37.78 -17.45 10.98
N ALA H 31 38.94 -16.94 10.58
CA ALA H 31 39.98 -17.77 9.98
C ALA H 31 40.49 -18.84 10.94
N GLU H 32 40.65 -18.49 12.21
CA GLU H 32 41.03 -19.46 13.23
C GLU H 32 40.02 -20.61 13.30
N ALA H 33 38.74 -20.28 13.14
CA ALA H 33 37.67 -21.26 13.27
C ALA H 33 37.47 -22.09 12.00
N GLY H 34 38.21 -21.74 10.95
CA GLY H 34 38.22 -22.53 9.72
C GLY H 34 37.57 -21.92 8.50
N ALA H 35 37.09 -20.68 8.64
CA ALA H 35 36.36 -19.99 7.56
C ALA H 35 37.23 -19.55 6.40
N THR H 36 36.68 -19.63 5.19
CA THR H 36 37.28 -18.99 4.03
C THR H 36 36.83 -17.53 4.06
N ILE H 37 37.77 -16.61 3.86
CA ILE H 37 37.49 -15.18 3.99
C ILE H 37 37.45 -14.42 2.65
N LEU H 38 36.32 -13.77 2.38
CA LEU H 38 36.22 -12.79 1.29
C LEU H 38 36.12 -11.39 1.89
N VAL H 39 36.75 -10.41 1.25
CA VAL H 39 36.83 -9.08 1.83
C VAL H 39 36.32 -8.04 0.86
N GLY H 40 35.51 -7.10 1.37
CA GLY H 40 35.12 -5.92 0.63
C GLY H 40 35.89 -4.74 1.20
N THR H 41 36.59 -4.02 0.33
CA THR H 41 37.43 -2.93 0.76
C THR H 41 37.04 -1.64 0.05
N TRP H 42 36.85 -0.58 0.82
CA TRP H 42 36.37 0.70 0.28
C TRP H 42 37.24 1.19 -0.87
N VAL H 43 36.59 1.58 -1.97
CA VAL H 43 37.27 1.94 -3.21
C VAL H 43 38.49 2.85 -3.03
N PRO H 44 38.35 3.99 -2.32
CA PRO H 44 39.47 4.93 -2.23
C PRO H 44 40.72 4.37 -1.57
N ILE H 45 40.60 3.28 -0.80
CA ILE H 45 41.76 2.72 -0.12
C ILE H 45 42.05 1.28 -0.54
N TYR H 46 41.31 0.82 -1.53
CA TYR H 46 41.47 -0.55 -2.03
C TYR H 46 42.88 -0.86 -2.53
N LYS H 47 43.43 -0.01 -3.39
CA LYS H 47 44.76 -0.24 -3.94
C LYS H 47 45.82 -0.18 -2.85
N ILE H 48 45.70 0.80 -1.96
CA ILE H 48 46.62 0.94 -0.83
C ILE H 48 46.63 -0.33 0.03
N PHE H 49 45.44 -0.77 0.44
CA PHE H 49 45.30 -1.99 1.25
C PHE H 49 45.93 -3.22 0.59
N SER H 50 45.58 -3.44 -0.68
CA SER H 50 46.09 -4.54 -1.47
C SER H 50 47.62 -4.51 -1.60
N GLN H 51 48.16 -3.32 -1.83
CA GLN H 51 49.59 -3.18 -2.03
C GLN H 51 50.35 -3.36 -0.72
N SER H 52 49.74 -2.91 0.37
CA SER H 52 50.35 -3.09 1.69
C SER H 52 50.37 -4.58 2.02
N LEU H 53 49.30 -5.27 1.64
CA LEU H 53 49.15 -6.69 1.92
C LEU H 53 50.20 -7.50 1.16
N GLU H 54 50.38 -7.15 -0.12
CA GLU H 54 51.30 -7.87 -1.01
C GLU H 54 52.76 -7.62 -0.66
N LEU H 55 53.05 -6.54 0.05
CA LEU H 55 54.42 -6.21 0.40
C LEU H 55 54.78 -6.80 1.75
N GLY H 56 53.81 -7.45 2.39
CA GLY H 56 54.03 -8.13 3.66
C GLY H 56 53.95 -7.23 4.88
N LYS H 57 53.44 -6.01 4.68
CA LYS H 57 53.38 -5.02 5.75
C LYS H 57 52.51 -5.45 6.92
N PHE H 58 51.54 -6.33 6.66
CA PHE H 58 50.61 -6.79 7.68
C PHE H 58 50.94 -8.18 8.18
N ASN H 59 52.11 -8.70 7.79
CA ASN H 59 52.42 -10.11 8.05
C ASN H 59 52.46 -10.50 9.52
N ALA H 60 52.95 -9.58 10.36
CA ALA H 60 52.92 -9.80 11.80
C ALA H 60 51.48 -9.96 12.29
N SER H 61 50.57 -9.21 11.69
CA SER H 61 49.17 -9.26 12.05
C SER H 61 48.42 -10.44 11.46
N ARG H 62 49.07 -11.20 10.58
CA ARG H 62 48.40 -12.31 9.90
C ARG H 62 48.57 -13.67 10.58
N GLU H 63 49.47 -13.76 11.55
CA GLU H 63 49.81 -15.04 12.17
C GLU H 63 48.64 -15.69 12.90
N LEU H 64 48.24 -16.87 12.44
CA LEU H 64 47.21 -17.65 13.12
C LEU H 64 47.83 -18.68 14.06
N SER H 65 47.07 -19.07 15.07
CA SER H 65 47.55 -19.99 16.11
C SER H 65 48.08 -21.31 15.55
N ASN H 66 47.53 -21.73 14.41
CA ASN H 66 47.95 -22.99 13.79
C ASN H 66 49.25 -22.89 13.00
N GLY H 67 49.87 -21.71 13.01
CA GLY H 67 51.12 -21.51 12.31
C GLY H 67 50.97 -21.09 10.86
N GLU H 68 49.73 -20.79 10.45
CA GLU H 68 49.50 -20.28 9.10
C GLU H 68 49.23 -18.79 9.11
N LEU H 69 49.06 -18.21 7.93
CA LEU H 69 48.75 -16.80 7.82
C LEU H 69 47.32 -16.54 7.36
N LEU H 70 46.69 -15.55 7.97
CA LEU H 70 45.40 -15.07 7.51
C LEU H 70 45.48 -14.84 6.01
N THR H 71 44.62 -15.51 5.26
CA THR H 71 44.64 -15.39 3.81
C THR H 71 43.24 -15.11 3.29
N PHE H 72 43.15 -14.10 2.44
CA PHE H 72 41.89 -13.73 1.82
C PHE H 72 41.80 -14.42 0.47
N ALA H 73 40.66 -15.07 0.22
CA ALA H 73 40.49 -15.81 -1.03
C ALA H 73 40.23 -14.84 -2.15
N LYS H 74 39.70 -13.67 -1.80
CA LYS H 74 39.43 -12.62 -2.77
C LYS H 74 39.17 -11.28 -2.08
N ILE H 75 39.80 -10.22 -2.56
CA ILE H 75 39.53 -8.89 -2.07
C ILE H 75 38.82 -8.11 -3.18
N TYR H 76 37.63 -7.59 -2.87
CA TYR H 76 36.83 -6.83 -3.81
C TYR H 76 36.83 -5.35 -3.43
N PRO H 77 37.21 -4.48 -4.37
CA PRO H 77 36.93 -3.08 -4.11
C PRO H 77 35.41 -2.91 -4.04
N MET H 78 34.92 -2.13 -3.09
CA MET H 78 33.49 -1.94 -2.93
C MET H 78 33.20 -0.53 -2.44
N ASP H 79 32.02 -0.02 -2.78
CA ASP H 79 31.52 1.16 -2.13
C ASP H 79 30.06 0.93 -1.83
N ALA H 80 29.75 0.79 -0.55
CA ALA H 80 28.44 0.31 -0.14
C ALA H 80 27.38 1.41 -0.11
N SER H 81 27.75 2.60 -0.60
CA SER H 81 26.81 3.68 -0.81
C SER H 81 26.01 3.46 -2.10
N PHE H 82 26.51 2.57 -2.94
CA PHE H 82 25.94 2.35 -4.28
C PHE H 82 25.47 0.91 -4.52
N ASP H 83 24.19 0.75 -4.85
CA ASP H 83 23.61 -0.57 -5.08
C ASP H 83 23.88 -1.06 -6.50
N THR H 84 23.81 -0.14 -7.46
CA THR H 84 24.03 -0.44 -8.89
C THR H 84 24.83 0.68 -9.54
N PRO H 85 25.45 0.41 -10.71
CA PRO H 85 26.26 1.47 -11.34
C PRO H 85 25.48 2.75 -11.68
N GLU H 86 24.15 2.65 -11.83
CA GLU H 86 23.33 3.81 -12.15
C GLU H 86 23.29 4.80 -10.99
N ASP H 87 23.60 4.31 -9.79
CA ASP H 87 23.56 5.13 -8.58
C ASP H 87 24.79 6.03 -8.43
N ILE H 88 25.83 5.77 -9.21
CA ILE H 88 27.11 6.45 -9.01
C ILE H 88 27.13 7.77 -9.77
N PRO H 89 27.24 8.89 -9.03
CA PRO H 89 27.28 10.23 -9.63
C PRO H 89 28.50 10.41 -10.51
N GLN H 90 28.37 11.19 -11.57
CA GLN H 90 29.45 11.33 -12.54
C GLN H 90 30.72 11.88 -11.90
N GLU H 91 30.55 12.72 -10.86
CA GLU H 91 31.69 13.30 -10.15
C GLU H 91 32.54 12.22 -9.50
N ILE H 92 31.89 11.22 -8.92
CA ILE H 92 32.58 10.09 -8.30
C ILE H 92 33.26 9.22 -9.37
N LEU H 93 32.54 8.93 -10.45
CA LEU H 93 33.11 8.19 -11.57
C LEU H 93 34.40 8.80 -12.10
N GLU H 94 34.49 10.14 -12.06
CA GLU H 94 35.65 10.84 -12.57
C GLU H 94 36.74 11.02 -11.52
N ASN H 95 36.45 10.62 -10.29
CA ASN H 95 37.48 10.58 -9.28
C ASN H 95 38.47 9.47 -9.62
N LYS H 96 39.75 9.77 -9.50
CA LYS H 96 40.85 8.90 -9.91
C LYS H 96 40.79 7.48 -9.29
N ARG H 97 40.40 7.41 -8.02
CA ARG H 97 40.31 6.12 -7.33
C ARG H 97 39.25 5.23 -7.94
N TYR H 98 38.14 5.84 -8.33
CA TYR H 98 37.02 5.10 -8.89
C TYR H 98 37.21 4.78 -10.38
N LYS H 99 37.83 5.69 -11.13
CA LYS H 99 38.01 5.50 -12.56
C LYS H 99 38.99 4.37 -12.88
N ASP H 100 39.94 4.13 -11.98
CA ASP H 100 40.92 3.08 -12.20
C ASP H 100 40.36 1.69 -11.91
N LEU H 101 39.10 1.63 -11.48
CA LEU H 101 38.48 0.38 -11.04
C LEU H 101 37.08 0.20 -11.62
N SER H 102 36.46 -0.94 -11.30
CA SER H 102 35.15 -1.29 -11.84
C SER H 102 34.51 -2.42 -11.04
N GLY H 103 33.19 -2.52 -11.13
CA GLY H 103 32.45 -3.60 -10.50
C GLY H 103 32.42 -3.52 -8.97
N TYR H 104 32.31 -2.31 -8.44
CA TYR H 104 32.40 -2.11 -6.99
C TYR H 104 31.08 -1.80 -6.29
N THR H 105 29.99 -1.73 -7.04
CA THR H 105 28.69 -1.54 -6.40
C THR H 105 28.26 -2.83 -5.72
N VAL H 106 27.30 -2.74 -4.81
CA VAL H 106 26.87 -3.93 -4.05
C VAL H 106 26.39 -5.08 -4.93
N SER H 107 25.50 -4.76 -5.87
CA SER H 107 25.00 -5.76 -6.82
C SER H 107 26.15 -6.46 -7.58
N GLU H 108 27.09 -5.68 -8.09
CA GLU H 108 28.21 -6.21 -8.87
C GLU H 108 29.10 -7.13 -8.06
N VAL H 109 29.37 -6.74 -6.82
CA VAL H 109 30.19 -7.56 -5.95
C VAL H 109 29.50 -8.90 -5.65
N VAL H 110 28.21 -8.85 -5.37
CA VAL H 110 27.45 -10.04 -5.05
C VAL H 110 27.44 -10.99 -6.26
N GLU H 111 27.34 -10.41 -7.45
CA GLU H 111 27.36 -11.20 -8.68
C GLU H 111 28.67 -11.94 -8.88
N GLN H 112 29.78 -11.28 -8.56
CA GLN H 112 31.08 -11.92 -8.66
C GLN H 112 31.22 -13.04 -7.62
N VAL H 113 30.76 -12.78 -6.40
CA VAL H 113 30.81 -13.80 -5.37
C VAL H 113 29.97 -15.02 -5.76
N LYS H 114 28.80 -14.76 -6.34
CA LYS H 114 27.92 -15.84 -6.78
C LYS H 114 28.56 -16.63 -7.92
N LYS H 115 29.21 -15.94 -8.84
CA LYS H 115 29.87 -16.59 -9.96
C LYS H 115 31.03 -17.50 -9.51
N HIS H 116 31.86 -17.02 -8.60
CA HIS H 116 33.07 -17.77 -8.26
C HIS H 116 33.03 -18.60 -6.98
N PHE H 117 32.11 -18.28 -6.08
CA PHE H 117 31.99 -19.02 -4.82
C PHE H 117 30.63 -19.69 -4.61
N GLY H 118 29.63 -19.26 -5.38
CA GLY H 118 28.33 -19.91 -5.39
C GLY H 118 27.38 -19.48 -4.28
N HIS H 119 27.89 -19.46 -3.06
CA HIS H 119 27.10 -19.10 -1.89
C HIS H 119 28.02 -18.53 -0.81
N ILE H 120 27.45 -17.79 0.14
CA ILE H 120 28.18 -17.48 1.37
C ILE H 120 27.44 -17.99 2.59
N ASP H 121 28.11 -18.00 3.72
CA ASP H 121 27.51 -18.53 4.95
C ASP H 121 27.47 -17.49 6.04
N ILE H 122 28.33 -16.47 5.91
CA ILE H 122 28.51 -15.49 6.97
C ILE H 122 28.69 -14.13 6.32
N LEU H 123 27.98 -13.13 6.84
CA LEU H 123 28.13 -11.76 6.34
C LEU H 123 28.51 -10.86 7.51
N VAL H 124 29.64 -10.19 7.40
CA VAL H 124 30.08 -9.27 8.45
C VAL H 124 30.09 -7.82 7.94
N HIS H 125 29.47 -6.93 8.70
CA HIS H 125 29.41 -5.51 8.35
C HIS H 125 30.27 -4.78 9.37
N SER H 126 31.41 -4.28 8.93
CA SER H 126 32.30 -3.53 9.81
C SER H 126 32.68 -2.20 9.17
N LEU H 127 31.68 -1.41 8.79
CA LEU H 127 31.94 -0.16 8.11
C LEU H 127 31.00 0.94 8.59
N ALA H 128 31.51 2.16 8.60
CA ALA H 128 30.72 3.30 9.03
C ALA H 128 31.41 4.55 8.55
N ASN H 129 30.62 5.58 8.27
CA ASN H 129 31.18 6.88 7.97
C ASN H 129 30.12 7.96 8.03
N SER H 130 30.53 9.12 8.52
CA SER H 130 29.75 10.32 8.38
C SER H 130 30.70 11.41 7.95
N PRO H 131 30.28 12.25 7.00
CA PRO H 131 31.17 13.34 6.60
C PRO H 131 31.19 14.48 7.62
N GLU H 132 30.31 14.44 8.62
CA GLU H 132 30.20 15.56 9.56
C GLU H 132 30.28 15.16 11.02
N ILE H 133 31.07 14.14 11.33
CA ILE H 133 31.14 13.61 12.70
C ILE H 133 31.63 14.66 13.71
N ALA H 134 32.41 15.63 13.24
CA ALA H 134 32.95 16.69 14.10
C ALA H 134 31.90 17.73 14.45
N LYS H 135 30.74 17.63 13.84
CA LYS H 135 29.65 18.57 14.06
C LYS H 135 28.66 18.06 15.09
N PRO H 136 28.18 18.96 15.96
CA PRO H 136 27.00 18.66 16.78
C PRO H 136 25.85 18.27 15.86
N LEU H 137 24.98 17.39 16.34
CA LEU H 137 23.82 16.98 15.58
C LEU H 137 22.99 18.20 15.18
N LEU H 138 22.86 19.14 16.10
CA LEU H 138 22.15 20.40 15.83
C LEU H 138 22.69 21.12 14.60
N ASP H 139 23.97 20.92 14.29
CA ASP H 139 24.63 21.67 13.22
C ASP H 139 24.89 20.80 12.00
N THR H 140 24.44 19.54 12.06
CA THR H 140 24.62 18.60 10.97
C THR H 140 23.64 18.84 9.83
N SER H 141 24.12 18.80 8.59
CA SER H 141 23.27 19.10 7.43
C SER H 141 22.41 17.90 7.04
N ARG H 142 21.37 18.14 6.26
CA ARG H 142 20.53 17.04 5.81
C ARG H 142 21.36 16.06 4.97
N LYS H 143 22.23 16.61 4.12
CA LYS H 143 23.07 15.76 3.28
C LYS H 143 24.05 14.95 4.12
N GLY H 144 24.62 15.58 5.15
CA GLY H 144 25.52 14.86 6.04
C GLY H 144 24.85 13.71 6.77
N TYR H 145 23.73 14.01 7.42
CA TYR H 145 22.95 13.03 8.19
C TYR H 145 22.54 11.88 7.30
N LEU H 146 21.99 12.19 6.13
CA LEU H 146 21.52 11.11 5.25
C LEU H 146 22.67 10.25 4.71
N ALA H 147 23.83 10.85 4.52
CA ALA H 147 25.01 10.11 4.09
C ALA H 147 25.52 9.17 5.18
N ALA H 148 25.46 9.60 6.44
CA ALA H 148 25.82 8.71 7.54
C ALA H 148 24.91 7.50 7.55
N LEU H 149 23.61 7.74 7.42
CA LEU H 149 22.64 6.66 7.41
C LEU H 149 22.83 5.76 6.18
N SER H 150 23.06 6.36 5.03
CA SER H 150 23.25 5.58 3.80
C SER H 150 24.49 4.70 3.88
N THR H 151 25.62 5.28 4.30
CA THR H 151 26.84 4.49 4.40
C THR H 151 26.86 3.52 5.59
N SER H 152 26.35 3.96 6.73
CA SER H 152 26.51 3.20 7.98
C SER H 152 25.37 2.26 8.33
N SER H 153 24.17 2.55 7.81
CA SER H 153 22.99 1.76 8.15
C SER H 153 22.38 1.06 6.95
N TYR H 154 21.99 1.82 5.93
CA TYR H 154 21.36 1.19 4.77
C TYR H 154 22.30 0.20 4.08
N SER H 155 23.60 0.46 4.10
CA SER H 155 24.58 -0.45 3.52
C SER H 155 24.37 -1.89 3.99
N PHE H 156 23.91 -2.03 5.23
CA PHE H 156 23.71 -3.38 5.76
C PHE H 156 22.49 -4.05 5.13
N ILE H 157 21.39 -3.30 5.04
CA ILE H 157 20.19 -3.80 4.38
C ILE H 157 20.48 -4.22 2.94
N SER H 158 21.21 -3.39 2.20
CA SER H 158 21.59 -3.74 0.82
C SER H 158 22.43 -5.00 0.72
N LEU H 159 23.43 -5.12 1.59
CA LEU H 159 24.27 -6.31 1.59
C LEU H 159 23.46 -7.56 1.92
N LEU H 160 22.62 -7.50 2.94
CA LEU H 160 21.78 -8.66 3.30
C LEU H 160 20.72 -8.97 2.23
N SER H 161 20.14 -7.94 1.63
CA SER H 161 19.12 -8.14 0.62
C SER H 161 19.70 -8.78 -0.65
N HIS H 162 20.92 -8.40 -1.01
CA HIS H 162 21.56 -8.98 -2.18
C HIS H 162 22.19 -10.36 -1.91
N PHE H 163 22.81 -10.52 -0.74
CA PHE H 163 23.48 -11.78 -0.42
C PHE H 163 22.49 -12.84 0.05
N GLY H 164 21.39 -12.40 0.65
CA GLY H 164 20.38 -13.30 1.21
C GLY H 164 20.01 -14.50 0.35
N PRO H 165 19.60 -14.24 -0.91
CA PRO H 165 19.26 -15.33 -1.83
C PRO H 165 20.38 -16.31 -2.14
N ILE H 166 21.64 -15.95 -1.90
CA ILE H 166 22.73 -16.93 -2.06
C ILE H 166 23.33 -17.41 -0.72
N MET H 167 22.63 -17.20 0.38
CA MET H 167 23.10 -17.73 1.64
C MET H 167 22.69 -19.19 1.82
N ASN H 168 23.61 -19.98 2.35
CA ASN H 168 23.34 -21.38 2.67
C ASN H 168 22.52 -21.51 3.94
N ALA H 169 22.02 -22.72 4.20
CA ALA H 169 21.35 -23.01 5.46
C ALA H 169 22.30 -22.70 6.64
N GLY H 170 21.75 -22.18 7.72
CA GLY H 170 22.53 -21.91 8.93
C GLY H 170 23.34 -20.63 8.87
N ALA H 171 23.06 -19.81 7.87
CA ALA H 171 23.80 -18.55 7.66
C ALA H 171 23.42 -17.50 8.70
N SER H 172 24.38 -16.63 9.01
CA SER H 172 24.10 -15.53 9.93
C SER H 172 24.90 -14.27 9.56
N THR H 173 24.59 -13.18 10.25
CA THR H 173 25.23 -11.91 9.97
C THR H 173 25.71 -11.25 11.27
N ILE H 174 26.68 -10.34 11.14
CA ILE H 174 27.20 -9.57 12.27
C ILE H 174 27.39 -8.14 11.77
N SER H 175 26.98 -7.17 12.58
CA SER H 175 27.30 -5.76 12.30
C SER H 175 27.83 -5.17 13.60
N LEU H 176 28.47 -4.01 13.52
CA LEU H 176 29.08 -3.42 14.70
C LEU H 176 28.42 -2.10 15.06
N THR H 177 28.14 -1.91 16.35
CA THR H 177 27.49 -0.68 16.77
C THR H 177 28.20 -0.13 18.01
N TYR H 178 27.69 0.98 18.50
CA TYR H 178 28.27 1.66 19.65
C TYR H 178 27.13 2.20 20.53
N LEU H 179 27.38 2.36 21.84
CA LEU H 179 26.28 2.68 22.77
C LEU H 179 25.65 4.06 22.58
N ALA H 180 26.34 4.92 21.83
CA ALA H 180 25.81 6.23 21.50
C ALA H 180 24.52 6.16 20.67
N SER H 181 24.20 4.98 20.16
CA SER H 181 22.94 4.76 19.45
C SER H 181 21.71 5.20 20.23
N MET H 182 21.65 4.86 21.51
CA MET H 182 20.45 5.18 22.29
C MET H 182 20.74 5.80 23.66
N ARG H 183 21.96 6.27 23.84
CA ARG H 183 22.31 7.12 24.98
C ARG H 183 23.13 8.27 24.42
N ALA H 184 22.94 9.48 24.93
CA ALA H 184 23.57 10.66 24.35
C ALA H 184 25.06 10.76 24.65
N VAL H 185 25.87 10.64 23.60
CA VAL H 185 27.31 10.85 23.74
C VAL H 185 27.75 12.07 22.92
N PRO H 186 27.94 13.20 23.61
CA PRO H 186 28.42 14.40 22.93
C PRO H 186 29.74 14.13 22.22
N GLY H 187 29.85 14.51 20.95
CA GLY H 187 31.05 14.25 20.18
C GLY H 187 30.83 13.21 19.09
N TYR H 188 29.81 12.39 19.26
CA TYR H 188 29.48 11.37 18.26
C TYR H 188 28.50 12.01 17.29
N GLY H 189 29.02 12.91 16.45
CA GLY H 189 28.17 13.79 15.67
C GLY H 189 27.93 13.33 14.26
N GLY H 190 27.48 14.26 13.42
CA GLY H 190 27.24 13.98 12.01
C GLY H 190 26.10 13.01 11.79
N GLY H 191 25.24 12.86 12.80
CA GLY H 191 24.16 11.90 12.72
C GLY H 191 24.60 10.45 12.94
N MET H 192 25.83 10.23 13.39
CA MET H 192 26.27 8.87 13.70
C MET H 192 25.41 8.22 14.78
N ASN H 193 24.88 9.00 15.72
CA ASN H 193 24.00 8.43 16.75
C ASN H 193 22.78 7.81 16.10
N ALA H 194 22.21 8.54 15.14
CA ALA H 194 21.04 8.10 14.40
C ALA H 194 21.36 6.90 13.51
N ALA H 195 22.55 6.90 12.91
CA ALA H 195 22.96 5.78 12.05
C ALA H 195 23.04 4.50 12.88
N LYS H 196 23.56 4.60 14.10
CA LYS H 196 23.67 3.40 14.92
C LYS H 196 22.33 2.96 15.51
N ALA H 197 21.47 3.91 15.84
CA ALA H 197 20.13 3.57 16.32
C ALA H 197 19.38 2.83 15.22
N ALA H 198 19.52 3.34 14.00
CA ALA H 198 18.94 2.69 12.82
C ALA H 198 19.50 1.27 12.66
N LEU H 199 20.82 1.14 12.77
CA LEU H 199 21.47 -0.16 12.66
C LEU H 199 20.92 -1.16 13.67
N GLU H 200 20.75 -0.74 14.91
CA GLU H 200 20.25 -1.64 15.94
C GLU H 200 18.78 -1.93 15.78
N SER H 201 18.00 -0.96 15.32
CA SER H 201 16.58 -1.21 15.07
C SER H 201 16.42 -2.20 13.92
N ASP H 202 17.21 -1.98 12.87
CA ASP H 202 17.15 -2.83 11.67
C ASP H 202 17.57 -4.26 12.04
N THR H 203 18.55 -4.40 12.91
CA THR H 203 18.99 -5.72 13.40
C THR H 203 17.81 -6.54 13.92
N LYS H 204 16.94 -5.91 14.71
CA LYS H 204 15.80 -6.63 15.25
C LYS H 204 14.78 -6.99 14.17
N VAL H 205 14.47 -6.02 13.31
CA VAL H 205 13.49 -6.21 12.25
C VAL H 205 13.99 -7.21 11.21
N LEU H 206 15.26 -7.10 10.85
CA LEU H 206 15.84 -8.00 9.87
C LEU H 206 15.99 -9.40 10.46
N ALA H 207 16.15 -9.50 11.77
CA ALA H 207 16.21 -10.82 12.40
C ALA H 207 14.91 -11.56 12.12
N TRP H 208 13.79 -10.85 12.24
CA TRP H 208 12.51 -11.46 11.96
C TRP H 208 12.33 -11.71 10.46
N GLU H 209 12.61 -10.71 9.63
CA GLU H 209 12.36 -10.86 8.21
C GLU H 209 13.27 -11.89 7.53
N ALA H 210 14.58 -11.82 7.81
CA ALA H 210 15.53 -12.77 7.24
C ALA H 210 15.45 -14.13 7.91
N GLY H 211 15.03 -14.15 9.18
CA GLY H 211 14.79 -15.41 9.85
C GLY H 211 13.65 -16.19 9.20
N ARG H 212 12.57 -15.49 8.87
CA ARG H 212 11.41 -16.13 8.30
C ARG H 212 11.57 -16.40 6.80
N ARG H 213 12.36 -15.58 6.10
CA ARG H 213 12.50 -15.77 4.66
C ARG H 213 13.56 -16.79 4.29
N TRP H 214 14.67 -16.77 5.02
CA TRP H 214 15.82 -17.62 4.70
C TRP H 214 16.34 -18.49 5.85
N GLY H 215 15.85 -18.28 7.08
CA GLY H 215 16.36 -19.00 8.23
C GLY H 215 17.65 -18.39 8.77
N VAL H 216 17.95 -17.18 8.31
CA VAL H 216 19.19 -16.49 8.62
C VAL H 216 19.12 -15.81 9.99
N ARG H 217 20.23 -15.77 10.71
CA ARG H 217 20.27 -15.08 12.00
C ARG H 217 20.96 -13.73 11.81
N VAL H 218 20.55 -12.75 12.60
CA VAL H 218 21.05 -11.39 12.44
C VAL H 218 21.41 -10.84 13.82
N ASN H 219 22.69 -10.59 14.05
CA ASN H 219 23.15 -10.10 15.35
C ASN H 219 24.06 -8.87 15.24
N THR H 220 24.16 -8.10 16.31
CA THR H 220 25.04 -6.95 16.30
C THR H 220 25.84 -6.92 17.59
N ILE H 221 27.06 -6.41 17.50
CA ILE H 221 27.96 -6.32 18.66
C ILE H 221 28.28 -4.87 18.95
N SER H 222 28.04 -4.44 20.19
CA SER H 222 28.39 -3.10 20.61
C SER H 222 29.75 -3.16 21.31
N ALA H 223 30.74 -2.51 20.69
CA ALA H 223 32.12 -2.60 21.13
C ALA H 223 32.61 -1.39 21.89
N GLY H 224 33.64 -1.61 22.70
CA GLY H 224 34.32 -0.53 23.39
C GLY H 224 35.19 0.22 22.40
N PRO H 225 35.85 1.29 22.84
CA PRO H 225 36.66 2.16 21.96
C PRO H 225 37.91 1.45 21.45
N LEU H 226 38.24 1.69 20.18
CA LEU H 226 39.41 1.11 19.54
C LEU H 226 40.13 2.15 18.68
N ALA H 227 41.46 2.17 18.77
CA ALA H 227 42.27 3.08 17.96
C ALA H 227 42.46 2.59 16.51
N SER H 228 41.34 2.37 15.82
CA SER H 228 41.36 2.01 14.42
C SER H 228 41.59 3.24 13.56
N ARG H 229 41.54 3.05 12.24
CA ARG H 229 41.64 4.18 11.33
C ARG H 229 40.54 5.19 11.64
N ALA H 230 39.30 4.72 11.71
CA ALA H 230 38.17 5.62 12.01
C ALA H 230 38.25 6.14 13.44
N GLY H 231 38.69 5.28 14.35
CA GLY H 231 38.84 5.66 15.75
C GLY H 231 39.82 6.79 15.94
N LYS H 232 41.04 6.62 15.43
CA LYS H 232 42.09 7.64 15.54
C LYS H 232 41.68 8.94 14.86
N ALA H 233 40.81 8.83 13.86
CA ALA H 233 40.40 10.00 13.10
C ALA H 233 39.44 10.95 13.83
N ILE H 234 38.80 10.46 14.90
CA ILE H 234 37.91 11.34 15.68
C ILE H 234 38.70 12.36 16.49
N GLY H 235 39.97 12.07 16.73
CA GLY H 235 40.89 13.03 17.32
C GLY H 235 41.15 12.89 18.81
N PHE H 236 40.37 12.05 19.48
CA PHE H 236 40.50 11.88 20.93
C PHE H 236 40.21 10.44 21.35
N ILE H 237 40.52 9.48 20.48
CA ILE H 237 40.23 8.09 20.82
C ILE H 237 41.01 7.63 22.04
N GLU H 238 42.23 8.12 22.19
CA GLU H 238 43.09 7.69 23.30
C GLU H 238 42.50 8.09 24.65
N ARG H 239 41.88 9.27 24.71
CA ARG H 239 41.21 9.71 25.93
C ARG H 239 39.97 8.89 26.20
N MET H 240 39.31 8.42 25.14
CA MET H 240 38.16 7.55 25.32
C MET H 240 38.61 6.20 25.83
N VAL H 241 39.74 5.73 25.32
CA VAL H 241 40.31 4.47 25.75
C VAL H 241 40.66 4.55 27.24
N ASP H 242 41.26 5.66 27.66
CA ASP H 242 41.65 5.84 29.06
C ASP H 242 40.44 5.97 29.97
N TYR H 243 39.42 6.70 29.52
CA TYR H 243 38.17 6.84 30.27
C TYR H 243 37.52 5.48 30.53
N TYR H 244 37.38 4.68 29.48
CA TYR H 244 36.82 3.33 29.62
C TYR H 244 37.57 2.45 30.63
N GLN H 245 38.90 2.57 30.66
CA GLN H 245 39.69 1.86 31.66
C GLN H 245 39.30 2.21 33.10
N ASP H 246 39.02 3.49 33.33
CA ASP H 246 38.68 3.96 34.67
C ASP H 246 37.24 3.64 35.05
N TRP H 247 36.40 3.57 34.03
CA TRP H 247 34.95 3.52 34.16
C TRP H 247 34.43 2.08 34.34
N ALA H 248 34.94 1.17 33.50
CA ALA H 248 34.34 -0.14 33.33
C ALA H 248 34.57 -1.09 34.51
N PRO H 249 33.68 -2.08 34.65
CA PRO H 249 33.92 -3.17 35.61
C PRO H 249 35.31 -3.80 35.46
N LEU H 250 35.75 -4.07 34.23
CA LEU H 250 37.11 -4.56 34.02
C LEU H 250 37.97 -3.53 33.28
N PRO H 251 39.24 -3.38 33.69
CA PRO H 251 40.09 -2.31 33.14
C PRO H 251 40.76 -2.58 31.79
N SER H 252 40.82 -3.83 31.34
CA SER H 252 41.57 -4.15 30.12
C SER H 252 41.05 -3.41 28.88
N PRO H 253 41.99 -2.92 28.04
CA PRO H 253 41.61 -2.22 26.80
C PRO H 253 41.03 -3.18 25.77
N MET H 254 40.22 -2.64 24.86
CA MET H 254 39.71 -3.43 23.73
C MET H 254 40.86 -3.96 22.89
N GLU H 255 40.69 -5.18 22.39
CA GLU H 255 41.51 -5.67 21.28
C GLU H 255 40.52 -6.11 20.22
N ALA H 256 40.88 -5.97 18.94
CA ALA H 256 39.96 -6.29 17.86
C ALA H 256 39.52 -7.75 17.94
N GLU H 257 40.43 -8.63 18.33
CA GLU H 257 40.15 -10.07 18.42
C GLU H 257 39.12 -10.46 19.49
N GLN H 258 38.88 -9.59 20.47
CA GLN H 258 37.82 -9.85 21.46
C GLN H 258 36.47 -9.82 20.76
N VAL H 259 36.27 -8.81 19.94
CA VAL H 259 35.06 -8.70 19.16
C VAL H 259 35.05 -9.78 18.09
N GLY H 260 36.22 -10.09 17.57
CA GLY H 260 36.36 -11.15 16.60
C GLY H 260 35.89 -12.48 17.19
N ALA H 261 36.23 -12.75 18.45
CA ALA H 261 35.87 -14.03 19.05
C ALA H 261 34.37 -14.13 19.29
N ALA H 262 33.76 -13.01 19.70
CA ALA H 262 32.31 -12.98 19.89
C ALA H 262 31.60 -13.18 18.55
N ALA H 263 32.11 -12.54 17.50
CA ALA H 263 31.56 -12.71 16.16
C ALA H 263 31.60 -14.19 15.74
N ALA H 264 32.76 -14.81 15.89
CA ALA H 264 32.94 -16.23 15.57
C ALA H 264 31.94 -17.13 16.30
N PHE H 265 31.73 -16.92 17.59
CA PHE H 265 30.74 -17.69 18.32
C PHE H 265 29.33 -17.44 17.77
N LEU H 266 28.98 -16.18 17.52
CA LEU H 266 27.61 -15.87 17.12
C LEU H 266 27.27 -16.46 15.75
N VAL H 267 28.27 -16.59 14.89
CA VAL H 267 28.04 -17.09 13.54
C VAL H 267 28.21 -18.61 13.49
N SER H 268 28.55 -19.20 14.63
CA SER H 268 28.77 -20.64 14.71
C SER H 268 27.46 -21.39 14.98
N PRO H 269 27.45 -22.72 14.78
CA PRO H 269 26.27 -23.52 15.10
C PRO H 269 25.94 -23.51 16.60
N LEU H 270 26.91 -23.14 17.42
CA LEU H 270 26.69 -23.07 18.87
C LEU H 270 25.72 -21.95 19.27
N ALA H 271 25.44 -21.05 18.34
CA ALA H 271 24.58 -19.89 18.60
C ALA H 271 23.25 -19.91 17.82
N SER H 272 22.79 -21.08 17.40
CA SER H 272 21.59 -21.17 16.56
C SER H 272 20.32 -20.61 17.21
N ALA H 273 20.34 -20.45 18.54
CA ALA H 273 19.19 -19.90 19.24
C ALA H 273 19.29 -18.40 19.48
N ILE H 274 20.35 -17.77 18.95
CA ILE H 274 20.60 -16.35 19.20
C ILE H 274 20.41 -15.53 17.94
N THR H 275 19.42 -14.64 17.95
CA THR H 275 19.17 -13.79 16.80
C THR H 275 18.52 -12.48 17.24
N GLY H 276 18.78 -11.40 16.50
CA GLY H 276 18.30 -10.08 16.87
C GLY H 276 19.01 -9.46 18.07
N GLU H 277 20.09 -10.10 18.51
CA GLU H 277 20.76 -9.71 19.75
C GLU H 277 21.70 -8.52 19.55
N THR H 278 21.79 -7.67 20.57
CA THR H 278 22.86 -6.69 20.67
C THR H 278 23.79 -7.13 21.78
N LEU H 279 24.95 -7.66 21.42
CA LEU H 279 25.88 -8.20 22.41
C LEU H 279 26.97 -7.18 22.70
N TYR H 280 27.06 -6.77 23.97
CA TYR H 280 28.08 -5.82 24.38
C TYR H 280 29.41 -6.48 24.65
N VAL H 281 30.44 -5.98 23.97
CA VAL H 281 31.81 -6.45 24.16
C VAL H 281 32.62 -5.19 24.45
N ASP H 282 32.49 -4.68 25.69
CA ASP H 282 33.08 -3.40 26.05
C ASP H 282 33.57 -3.37 27.50
N HIS H 283 33.85 -4.56 28.04
CA HIS H 283 34.31 -4.69 29.42
C HIS H 283 33.28 -4.21 30.44
N GLY H 284 32.02 -4.22 30.02
CA GLY H 284 30.88 -3.90 30.87
C GLY H 284 30.65 -2.41 31.14
N ALA H 285 31.28 -1.54 30.35
CA ALA H 285 31.12 -0.12 30.60
C ALA H 285 29.67 0.31 30.46
N ASN H 286 29.00 -0.27 29.47
CA ASN H 286 27.61 0.09 29.16
C ASN H 286 26.59 -0.12 30.29
N VAL H 287 26.93 -0.95 31.28
CA VAL H 287 25.99 -1.21 32.38
C VAL H 287 26.11 -0.21 33.53
N MET H 288 27.15 0.63 33.49
CA MET H 288 27.34 1.63 34.56
C MET H 288 26.29 2.74 34.55
N GLY H 289 25.87 3.18 35.74
CA GLY H 289 24.86 4.21 35.88
C GLY H 289 25.39 5.60 36.15
N ILE H 290 26.69 5.68 36.42
CA ILE H 290 27.41 6.95 36.57
C ILE H 290 28.82 6.78 36.05
N GLY H 291 29.48 7.90 35.80
CA GLY H 291 30.88 7.90 35.41
C GLY H 291 31.83 7.83 36.58
N PRO H 292 33.12 7.62 36.28
CA PRO H 292 34.20 7.33 37.23
C PRO H 292 34.70 8.52 38.03
N GLU H 293 33.87 9.09 38.89
CA GLU H 293 34.28 10.16 39.78
C GLU H 293 33.46 10.10 41.06
N MET H 294 32.30 9.44 40.97
CA MET H 294 31.41 9.26 42.11
C MET H 294 31.49 7.81 42.62
N PHE H 295 32.56 7.11 42.24
CA PHE H 295 32.77 5.74 42.67
C PHE H 295 33.04 5.65 44.17
PA NAI I . -12.95 -26.97 -24.81
O1A NAI I . -13.86 -27.67 -23.88
O2A NAI I . -12.47 -27.96 -25.81
O5B NAI I . -11.72 -26.34 -24.02
C5B NAI I . -11.85 -25.75 -22.72
C4B NAI I . -10.92 -26.55 -21.82
O4B NAI I . -10.79 -25.97 -20.53
C3B NAI I . -11.39 -27.97 -21.63
O3B NAI I . -10.59 -28.84 -22.31
C2B NAI I . -11.20 -28.15 -20.20
O2B NAI I . -10.63 -29.45 -19.94
C1B NAI I . -10.35 -27.04 -19.72
N9A NAI I . -10.58 -26.73 -18.31
C8A NAI I . -11.75 -26.55 -17.76
N7A NAI I . -11.47 -26.24 -16.35
C5A NAI I . -10.02 -26.31 -16.33
C6A NAI I . -9.11 -26.08 -15.16
N6A NAI I . -9.64 -25.75 -13.86
N1A NAI I . -7.80 -26.18 -15.31
C2A NAI I . -7.26 -26.52 -16.64
N3A NAI I . -8.20 -26.73 -17.75
C4A NAI I . -9.61 -26.60 -17.53
O3 NAI I . -13.81 -25.86 -25.48
PN NAI I . -13.40 -24.64 -26.40
O1N NAI I . -14.66 -24.32 -27.11
O2N NAI I . -12.35 -24.95 -27.40
O5D NAI I . -12.99 -23.43 -25.41
C5D NAI I . -11.72 -22.84 -25.45
C4D NAI I . -11.80 -21.34 -25.24
O4D NAI I . -12.51 -20.75 -26.29
C3D NAI I . -12.56 -20.95 -24.00
O3D NAI I . -11.97 -19.86 -23.39
C2D NAI I . -13.86 -20.50 -24.54
O2D NAI I . -14.51 -19.64 -23.65
C1D NAI I . -13.40 -19.79 -25.75
N1N NAI I . -14.38 -19.58 -26.78
C2N NAI I . -15.17 -20.71 -27.17
C3N NAI I . -16.28 -20.56 -28.31
C7N NAI I . -17.06 -21.72 -28.65
O7N NAI I . -18.17 -21.34 -29.27
N7N NAI I . -16.56 -22.90 -28.26
C4N NAI I . -16.33 -19.15 -28.85
C5N NAI I . -15.48 -18.31 -28.32
C6N NAI I . -14.66 -18.51 -27.43
O2 0WE J . -17.08 -19.69 -23.41
C1 0WE J . -17.88 -20.43 -23.95
C17 0WE J . -18.27 -21.71 -23.22
C18 0WE J . -17.85 -21.75 -21.92
C19 0WE J . -18.36 -22.76 -20.93
C24 0WE J . -19.12 -23.91 -21.33
C23 0WE J . -19.57 -24.78 -20.33
C26 0WE J . -20.38 -26.05 -20.60
C25 0WE J . -20.19 -27.10 -19.55
C20 0WE J . -18.07 -22.51 -19.52
N21 0WE J . -18.52 -23.40 -18.58
C22 0WE J . -19.23 -24.48 -18.92
N36 0WE J . -19.67 -25.35 -17.90
C37 0WE J . -20.19 -26.60 -18.15
O28 0WE J . -20.23 -27.40 -17.21
N3 0WE J . -18.44 -20.05 -25.28
C4 0WE J . -18.05 -18.82 -25.92
C5 0WE J . -19.42 -20.93 -25.94
C6 0WE J . -20.80 -20.26 -25.90
O10 0WE J . -21.62 -20.29 -24.86
C9 0WE J . -22.77 -19.57 -25.12
C8 0WE J . -22.69 -19.05 -26.40
C7 0WE J . -21.39 -19.48 -26.91
C38 0WE J . -20.82 -19.17 -28.28
C14 0WE J . -23.94 -19.34 -24.31
C13 0WE J . -24.99 -18.56 -24.82
C12 0WE J . -24.89 -18.02 -26.13
C11 0WE J . -23.75 -18.25 -26.92
PA NAI K . -15.43 5.03 -0.13
O1A NAI K . -14.31 4.40 0.62
O2A NAI K . -15.86 6.25 0.60
O5B NAI K . -16.60 3.99 -0.33
C5B NAI K . -16.32 2.59 -0.49
C4B NAI K . -17.09 1.89 0.61
O4B NAI K . -17.03 0.50 0.46
C3B NAI K . -16.50 2.21 1.95
O3B NAI K . -17.42 2.85 2.74
C2B NAI K . -16.27 0.88 2.48
O2B NAI K . -16.48 0.88 3.91
C1B NAI K . -17.18 0.00 1.75
N9A NAI K . -16.78 -1.41 1.84
C8A NAI K . -15.58 -1.86 1.62
N7A NAI K . -15.66 -3.31 1.80
C5A NAI K . -17.08 -3.48 2.12
C6A NAI K . -17.81 -4.74 2.42
N6A NAI K . -17.15 -6.03 2.42
N1A NAI K . -19.11 -4.69 2.70
C2A NAI K . -19.81 -3.38 2.70
N3A NAI K . -19.01 -2.19 2.40
C4A NAI K . -17.62 -2.29 2.11
O3 NAI K . -14.77 5.36 -1.49
PN NAI K . -15.45 5.93 -2.81
O1N NAI K . -14.37 6.67 -3.51
O2N NAI K . -16.60 6.85 -2.52
O5D NAI K . -15.88 4.69 -3.70
C5D NAI K . -17.21 4.44 -4.00
C4D NAI K . -17.26 3.86 -5.40
O4D NAI K . -16.80 4.82 -6.31
C3D NAI K . -16.36 2.68 -5.59
O3D NAI K . -17.00 1.76 -6.40
C2D NAI K . -15.22 3.23 -6.34
O2D NAI K . -14.52 2.24 -7.07
C1D NAI K . -15.90 4.20 -7.21
N1N NAI K . -15.08 5.26 -7.78
C2N NAI K . -14.23 5.99 -6.88
C3N NAI K . -13.32 7.17 -7.49
C7N NAI K . -12.47 7.90 -6.58
O7N NAI K . -11.51 8.53 -7.22
N7N NAI K . -12.84 7.75 -5.29
C4N NAI K . -13.49 7.34 -8.98
C5N NAI K . -14.34 6.54 -9.55
C6N NAI K . -15.00 5.65 -9.00
O2 0WE L . -11.94 2.38 -7.38
C1 0WE L . -11.15 3.19 -6.91
C17 0WE L . -10.53 2.91 -5.54
C18 0WE L . -10.77 1.64 -5.05
C19 0WE L . -9.96 1.01 -3.94
C24 0WE L . -9.30 1.79 -2.93
C23 0WE L . -8.58 1.10 -1.93
C26 0WE L . -7.82 1.80 -0.80
C25 0WE L . -7.77 0.97 0.45
C20 0WE L . -9.89 -0.45 -3.92
N21 0WE L . -9.18 -1.07 -2.93
C22 0WE L . -8.55 -0.37 -1.97
N36 0WE L . -7.83 -1.08 -0.98
C37 0WE L . -7.55 -0.49 0.25
O28 0WE L . -7.46 -1.23 1.22
N3 0WE L . -10.85 4.40 -7.68
C4 0WE L . -11.46 4.61 -8.98
C5 0WE L . -9.88 5.39 -7.15
C6 0WE L . -8.56 5.24 -7.93
O10 0WE L . -7.62 4.34 -7.69
C9 0WE L . -6.58 4.46 -8.60
C8 0WE L . -6.89 5.49 -9.49
C7 0WE L . -8.19 5.99 -9.06
C38 0WE L . -8.98 7.12 -9.67
C14 0WE L . -5.35 3.74 -8.74
C13 0WE L . -4.47 4.07 -9.77
C12 0WE L . -4.78 5.10 -10.67
C11 0WE L . -5.99 5.83 -10.54
PA NAI M . -37.38 15.10 -38.20
O1A NAI M . -37.67 14.86 -39.64
O2A NAI M . -38.63 15.62 -37.56
O5B NAI M . -36.15 16.10 -38.04
C5B NAI M . -35.17 16.26 -39.07
C4B NAI M . -35.19 17.72 -39.48
O4B NAI M . -34.05 18.08 -40.22
C3B NAI M . -36.38 18.01 -40.34
O3B NAI M . -37.28 18.82 -39.68
C2B NAI M . -35.78 18.75 -41.43
O2B NAI M . -36.66 19.82 -41.82
C1B NAI M . -34.43 19.18 -40.99
N9A NAI M . -33.51 19.40 -42.11
C8A NAI M . -33.28 18.53 -43.07
N7A NAI M . -32.29 19.14 -43.96
C5A NAI M . -32.08 20.42 -43.30
C6A NAI M . -31.17 21.52 -43.74
N6A NAI M . -30.36 21.42 -44.93
N1A NAI M . -31.10 22.63 -43.01
C2A NAI M . -31.91 22.76 -41.78
N3A NAI M . -32.79 21.64 -41.42
C4A NAI M . -32.85 20.45 -42.23
O3 NAI M . -36.99 13.69 -37.67
PN NAI M . -36.23 13.37 -36.32
O1N NAI M . -36.50 11.92 -36.09
O2N NAI M . -36.79 14.12 -35.15
O5D NAI M . -34.67 13.57 -36.53
C5D NAI M . -33.94 14.38 -35.67
C4D NAI M . -32.60 13.75 -35.37
O4D NAI M . -32.76 12.53 -34.68
C3D NAI M . -31.84 13.43 -36.61
O3D NAI M . -30.52 13.81 -36.45
C2D NAI M . -31.96 11.95 -36.70
O2D NAI M . -30.89 11.36 -37.40
C1D NAI M . -31.90 11.58 -35.29
N1N NAI M . -32.45 10.28 -34.90
C2N NAI M . -33.76 9.95 -35.37
C3N NAI M . -34.36 8.54 -34.93
C7N NAI M . -35.66 8.17 -35.42
O7N NAI M . -35.81 6.86 -35.31
N7N NAI M . -36.38 9.19 -35.89
C4N NAI M . -33.42 7.74 -34.05
C5N NAI M . -32.28 8.31 -33.78
C6N NAI M . -31.90 9.41 -34.16
O2 0WE N . -31.31 9.24 -38.82
C1 0WE N . -32.37 8.69 -39.12
C17 0WE N . -33.12 9.14 -40.36
C18 0WE N . -32.39 9.97 -41.19
C19 0WE N . -32.86 10.30 -42.59
C24 0WE N . -34.15 9.89 -43.07
C23 0WE N . -34.47 10.26 -44.41
C26 0WE N . -35.80 9.92 -45.09
C25 0WE N . -36.20 10.99 -46.07
C20 0WE N . -31.93 11.05 -43.42
N21 0WE N . -32.29 11.39 -44.69
C22 0WE N . -33.49 11.03 -45.19
N36 0WE N . -33.80 11.40 -46.52
C37 0WE N . -35.11 11.42 -46.98
O28 0WE N . -35.37 12.09 -47.96
N3 0WE N . -32.84 7.60 -38.25
C4 0WE N . -32.07 7.21 -37.11
C5 0WE N . -34.09 6.91 -38.61
C6 0WE N . -33.71 5.50 -39.07
O10 0WE N . -33.34 5.16 -40.30
C9 0WE N . -33.02 3.80 -40.35
C8 0WE N . -33.20 3.26 -39.08
C7 0WE N . -33.63 4.36 -38.24
C38 0WE N . -33.95 4.25 -36.76
C14 0WE N . -32.60 2.96 -41.42
C13 0WE N . -32.35 1.61 -41.18
C12 0WE N . -32.53 1.07 -39.90
C11 0WE N . -32.95 1.88 -38.83
PA NAI O . 1.77 9.30 -47.38
O1A NAI O . 1.89 10.77 -47.66
O2A NAI O . 3.06 8.65 -47.78
O5B NAI O . 0.54 8.71 -48.16
C5B NAI O . -0.62 9.49 -48.43
C4B NAI O . -0.84 9.35 -49.91
O4B NAI O . -2.08 9.87 -50.31
C3B NAI O . 0.24 10.08 -50.66
O3B NAI O . 0.83 9.23 -51.56
C2B NAI O . -0.55 11.08 -51.37
O2B NAI O . 0.12 11.52 -52.57
C1B NAI O . -1.87 10.43 -51.56
N9A NAI O . -2.92 11.39 -51.89
C8A NAI O . -3.13 12.50 -51.22
N7A NAI O . -4.28 13.12 -51.87
C5A NAI O . -4.58 12.16 -52.92
C6A NAI O . -5.67 12.24 -53.95
N6A NAI O . -6.56 13.37 -53.96
N1A NAI O . -5.79 11.27 -54.85
C2A NAI O . -4.86 10.12 -54.81
N3A NAI O . -3.80 10.11 -53.78
C4A NAI O . -3.71 11.19 -52.83
O3 NAI O . 1.48 9.20 -45.86
PN NAI O . 1.14 7.92 -44.97
O1N NAI O . 1.60 8.38 -43.62
O2N NAI O . 1.90 6.69 -45.36
O5D NAI O . -0.45 7.75 -44.95
C5D NAI O . -1.07 6.62 -45.47
C4D NAI O . -2.29 6.34 -44.61
O4D NAI O . -1.89 6.04 -43.30
C3D NAI O . -3.21 7.52 -44.49
O3D NAI O . -4.54 7.12 -44.58
C2D NAI O . -2.96 8.00 -43.11
O2D NAI O . -4.06 8.72 -42.65
C1D NAI O . -2.76 6.72 -42.41
N1N NAI O . -2.00 6.75 -41.16
C2N NAI O . -0.77 7.49 -41.15
C3N NAI O . 0.11 7.54 -39.81
C7N NAI O . 1.34 8.31 -39.80
O7N NAI O . 1.67 8.61 -38.56
N7N NAI O . 1.88 8.56 -41.00
C4N NAI O . -0.53 6.77 -38.69
C5N NAI O . -1.65 6.19 -38.98
C6N NAI O . -2.26 6.19 -40.05
O2 0WE P . -3.63 10.81 -40.92
C1 0WE P . -2.55 11.27 -40.64
C17 0WE P . -2.00 12.42 -41.49
C18 0WE P . -2.92 12.92 -42.39
C19 0WE P . -2.72 14.21 -43.15
C24 0WE P . -1.45 14.87 -43.19
C23 0WE P . -1.37 16.08 -43.92
C26 0WE P . -0.09 16.92 -44.05
C25 0WE P . -0.01 17.55 -45.42
C20 0WE P . -3.87 14.76 -43.87
N21 0WE P . -3.76 15.93 -44.58
C22 0WE P . -2.57 16.58 -44.62
N36 0WE P . -2.47 17.79 -45.35
C37 0WE P . -1.25 18.22 -45.86
O28 0WE P . -1.19 19.30 -46.41
N3 0WE P . -1.82 10.71 -39.48
C4 0WE P . -2.35 9.65 -38.67
C5 0WE P . -0.52 11.33 -39.13
C6 0WE P . -0.78 12.16 -37.87
O10 0WE P . -1.27 13.39 -37.87
C9 0WE P . -1.40 13.86 -36.56
C8 0WE P . -0.99 12.87 -35.69
C7 0WE P . -0.58 11.75 -36.53
C38 0WE P . -0.05 10.42 -36.04
C14 0WE P . -1.87 15.12 -36.06
C13 0WE P . -1.91 15.33 -34.67
C12 0WE P . -1.49 14.31 -33.79
C11 0WE P . -1.03 13.08 -34.28
PA NAI Q . 14.90 -26.76 37.39
O1A NAI Q . 13.74 -27.08 38.25
O2A NAI Q . 15.36 -28.00 36.69
O5B NAI Q . 16.05 -26.09 38.26
C5B NAI Q . 15.72 -25.31 39.40
C4B NAI Q . 16.47 -25.93 40.56
O4B NAI Q . 16.42 -25.11 41.71
C3B NAI Q . 15.85 -27.24 40.94
O3B NAI Q . 16.77 -28.24 40.78
C2B NAI Q . 15.60 -27.02 42.35
O2B NAI Q . 15.72 -28.27 43.07
C1B NAI Q . 16.55 -26.00 42.79
N9A NAI Q . 16.18 -25.36 44.05
C8A NAI Q . 14.97 -24.94 44.33
N7A NAI Q . 15.05 -24.37 45.69
C5A NAI Q . 16.47 -24.57 45.98
C6A NAI Q . 17.20 -24.20 47.23
N6A NAI Q . 16.53 -23.54 48.32
N1A NAI Q . 18.49 -24.46 47.33
C2A NAI Q . 19.20 -25.13 46.21
N3A NAI Q . 18.41 -25.48 45.02
C4A NAI Q . 17.01 -25.17 44.95
O3 NAI Q . 14.30 -25.75 36.38
PN NAI Q . 15.00 -24.89 35.24
O1N NAI Q . 13.91 -24.70 34.25
O2N NAI Q . 16.15 -25.57 34.55
O5D NAI Q . 15.42 -23.51 35.91
C5D NAI Q . 16.76 -23.12 36.02
C4D NAI Q . 16.82 -21.62 35.82
O4D NAI Q . 16.39 -21.28 34.53
C3D NAI Q . 15.90 -20.86 36.73
O3D NAI Q . 16.55 -19.73 37.17
C2D NAI Q . 14.78 -20.46 35.86
O2D NAI Q . 14.07 -19.35 36.37
C1D NAI Q . 15.50 -20.19 34.61
N1N NAI Q . 14.70 -20.23 33.38
C2N NAI Q . 13.82 -21.34 33.18
C3N NAI Q . 12.94 -21.38 31.84
C7N NAI Q . 12.08 -22.51 31.67
O7N NAI Q . 11.14 -22.26 30.77
N7N NAI Q . 12.43 -23.56 32.44
C4N NAI Q . 13.16 -20.17 30.96
C5N NAI Q . 14.00 -19.30 31.40
C6N NAI Q . 14.65 -19.35 32.46
O2 0WE R . 11.49 -19.12 36.11
C1 0WE R . 10.71 -19.91 35.62
C17 0WE R . 10.03 -20.93 36.52
C18 0WE R . 10.27 -20.70 37.85
C19 0WE R . 9.45 -21.38 38.92
C24 0WE R . 8.73 -22.59 38.68
C23 0WE R . 8.00 -23.14 39.75
C26 0WE R . 7.18 -24.41 39.64
C25 0WE R . 7.03 -25.13 40.95
C20 0WE R . 9.45 -20.75 40.23
N21 0WE R . 8.73 -21.29 41.25
C22 0WE R . 8.04 -22.44 41.06
N36 0WE R . 7.32 -22.98 42.15
C37 0WE R . 6.80 -24.26 42.14
O28 0WE R . 6.58 -24.79 43.21
N3 0WE R . 10.45 -19.87 34.18
C4 0WE R . 11.10 -18.86 33.36
C5 0WE R . 9.49 -20.81 33.57
C6 0WE R . 8.20 -20.05 33.26
O10 0WE R . 7.21 -19.80 34.11
C9 0WE R . 6.23 -19.03 33.48
C8 0WE R . 6.63 -18.77 32.16
C7 0WE R . 7.92 -19.41 32.03
C38 0WE R . 8.79 -19.45 30.79
C14 0WE R . 4.98 -18.52 33.95
C13 0WE R . 4.17 -17.76 33.08
C12 0WE R . 4.58 -17.51 31.76
C11 0WE R . 5.81 -18.00 31.29
PA NAI S . 12.55 10.51 53.03
O1A NAI S . 13.49 10.04 54.09
O2A NAI S . 12.09 11.87 53.42
O5B NAI S . 11.34 9.49 52.83
C5B NAI S . 11.48 8.08 53.06
C4B NAI S . 10.48 7.71 54.12
O4B NAI S . 10.34 6.32 54.24
C3B NAI S . 10.91 8.23 55.47
O3B NAI S . 10.11 9.25 55.92
C2B NAI S . 10.70 7.07 56.30
O2B NAI S . 10.11 7.46 57.55
C1B NAI S . 9.87 6.11 55.54
N9A NAI S . 10.06 4.73 55.99
C8A NAI S . 11.23 4.17 56.15
N7A NAI S . 10.94 2.80 56.57
C5A NAI S . 9.47 2.80 56.59
C6A NAI S . 8.55 1.68 56.96
N6A NAI S . 9.06 0.40 57.34
N1A NAI S . 7.24 1.86 56.92
C2A NAI S . 6.70 3.18 56.53
N3A NAI S . 7.67 4.23 56.18
C4A NAI S . 9.09 3.99 56.24
O3 NAI S . 13.44 10.53 51.76
PN NAI S . 13.04 10.70 50.23
O1N NAI S . 14.34 11.13 49.64
O2N NAI S . 12.02 11.74 49.97
O5D NAI S . 12.61 9.23 49.71
C5D NAI S . 11.34 9.02 49.14
C4D NAI S . 11.45 8.13 47.92
O4D NAI S . 12.18 8.75 46.90
C3D NAI S . 12.19 6.86 48.22
O3D NAI S . 11.57 5.81 47.56
C2D NAI S . 13.51 7.10 47.61
O2D NAI S . 14.17 5.90 47.29
C1D NAI S . 13.10 7.81 46.40
N1N NAI S . 14.11 8.59 45.72
C2N NAI S . 14.92 9.48 46.52
C3N NAI S . 16.04 10.35 45.81
C7N NAI S . 16.85 11.24 46.61
O7N NAI S . 17.97 11.52 45.96
N7N NAI S . 16.34 11.57 47.81
C4N NAI S . 16.09 10.11 44.31
C5N NAI S . 15.24 9.25 43.85
C6N NAI S . 14.40 8.60 44.48
O2 0WE T . 16.73 5.57 47.46
C1 0WE T . 17.51 6.42 47.85
C17 0WE T . 17.87 6.44 49.34
C18 0WE T . 17.47 5.31 50.00
C19 0WE T . 17.96 4.96 51.39
C24 0WE T . 18.72 5.88 52.20
C23 0WE T . 19.11 5.44 53.48
C26 0WE T . 19.92 6.31 54.45
C25 0WE T . 19.71 5.92 55.88
C20 0WE T . 17.64 3.63 51.90
N21 0WE T . 18.04 3.24 53.13
C22 0WE T . 18.74 4.08 53.91
N36 0WE T . 19.13 3.62 55.19
C37 0WE T . 19.64 4.47 56.16
O28 0WE T . 19.74 4.04 57.30
N3 0WE T . 18.08 7.35 46.86
C4 0WE T . 17.72 7.27 45.47
C5 0WE T . 19.05 8.38 47.30
C6 0WE T . 20.46 7.99 46.83
O10 0WE T . 21.27 7.14 47.46
C9 0WE T . 22.45 6.98 46.77
C8 0WE T . 22.41 7.80 45.63
C7 0WE T . 21.11 8.44 45.67
C38 0WE T . 20.58 9.44 44.64
C14 0WE T . 23.61 6.18 47.05
C13 0WE T . 24.70 6.21 46.15
C12 0WE T . 24.65 7.04 45.01
C11 0WE T . 23.51 7.83 44.73
PA NAI U . -1.25 12.39 10.09
O1A NAI U . -1.35 11.93 8.68
O2A NAI U . -2.51 13.11 10.46
O5B NAI U . -0.01 13.38 10.22
C5B NAI U . 1.17 13.19 9.44
C4B NAI U . 1.44 14.54 8.81
O4B NAI U . 2.69 14.58 8.18
C3B NAI U . 0.39 14.86 7.79
O3B NAI U . -0.23 16.05 8.10
C2B NAI U . 1.21 15.05 6.62
O2B NAI U . 0.58 15.96 5.69
C1B NAI U . 2.53 15.48 7.12
N9A NAI U . 3.60 15.30 6.14
C8A NAI U . 3.84 14.18 5.50
N7A NAI U . 4.99 14.45 4.65
C5A NAI U . 5.27 15.84 4.98
C6A NAI U . 6.36 16.70 4.43
N6A NAI U . 7.29 16.19 3.44
N1A NAI U . 6.45 17.95 4.85
C2A NAI U . 5.50 18.48 5.85
N3A NAI U . 4.46 17.57 6.34
C4A NAI U . 4.39 16.21 5.87
O3 NAI U . -1.02 11.11 10.92
PN NAI U . -0.65 10.96 12.45
O1N NAI U . -1.12 9.58 12.78
O2N NAI U . -1.40 11.90 13.30
O5D NAI U . 0.94 11.07 12.58
C5D NAI U . 1.51 12.01 13.43
C4D NAI U . 2.72 11.40 14.10
O4D NAI U . 2.29 10.43 15.02
C3D NAI U . 3.64 10.69 13.15
O3D NAI U . 4.97 11.00 13.44
C2D NAI U . 3.38 9.28 13.47
O2D NAI U . 4.48 8.48 13.10
C1D NAI U . 3.13 9.31 14.91
N1N NAI U . 2.34 8.22 15.47
C2N NAI U . 1.13 7.87 14.77
C3N NAI U . 0.23 6.67 15.35
C7N NAI U . -0.97 6.30 14.67
O7N NAI U . -1.32 5.08 15.00
N7N NAI U . -1.47 7.25 13.88
C4N NAI U . 0.81 6.07 16.60
C5N NAI U . 1.94 6.59 17.00
C6N NAI U . 2.56 7.51 16.49
O2 0WE V . 4.01 6.08 12.06
C1 0WE V . 2.94 5.58 11.79
C17 0WE V . 2.44 5.73 10.36
C18 0WE V . 3.40 6.20 9.49
C19 0WE V . 3.24 6.25 7.97
C24 0WE V . 1.97 6.00 7.36
C23 0WE V . 1.91 6.09 5.95
C26 0WE V . 0.64 5.83 5.14
C25 0WE V . 0.57 6.70 3.91
C20 0WE V . 4.41 6.61 7.18
N21 0WE V . 4.32 6.68 5.81
C22 0WE V . 3.14 6.44 5.20
N36 0WE V . 3.06 6.51 3.78
C37 0WE V . 1.85 6.83 3.17
O28 0WE V . 1.85 7.17 1.99
N3 0WE V . 2.21 4.84 12.83
C4 0WE V . 2.73 4.69 14.17
C5 0WE V . 0.93 4.21 12.47
C6 0WE V . 1.16 2.70 12.34
O10 0WE V . 1.71 2.12 11.29
C9 0WE V . 1.83 0.75 11.49
C8 0WE V . 1.35 0.45 12.77
C7 0WE V . 0.92 1.72 13.33
C38 0WE V . 0.32 1.93 14.72
C14 0WE V . 2.34 -0.29 10.65
C13 0WE V . 2.35 -1.62 11.11
C12 0WE V . 1.87 -1.92 12.40
C11 0WE V . 1.37 -0.90 13.23
PA NAI W . 37.85 1.14 10.36
O1A NAI W . 38.18 2.49 9.82
O2A NAI W . 39.08 0.29 10.34
O5B NAI W . 36.64 0.51 9.54
C5B NAI W . 35.64 1.33 8.93
C4B NAI W . 35.69 0.99 7.44
O4B NAI W . 34.56 1.44 6.74
C3B NAI W . 36.91 1.60 6.80
O3B NAI W . 37.79 0.61 6.42
C2B NAI W . 36.32 2.24 5.64
O2B NAI W . 37.22 2.08 4.52
C1B NAI W . 34.98 1.62 5.43
N9A NAI W . 34.07 2.50 4.70
C8A NAI W . 33.82 3.76 4.99
N7A NAI W . 32.83 4.21 4.01
C5A NAI W . 32.66 3.01 3.21
C6A NAI W . 31.76 2.82 2.02
N6A NAI W . 30.93 3.89 1.51
N1A NAI W . 31.72 1.63 1.43
C2A NAI W . 32.56 0.53 1.93
N3A NAI W . 33.42 0.80 3.10
C4A NAI W . 33.42 2.08 3.72
O3 NAI W . 37.39 1.40 11.82
PN NAI W . 36.60 0.39 12.77
O1N NAI W . 36.83 0.96 14.14
O2N NAI W . 37.13 -1.01 12.70
O5D NAI W . 35.05 0.46 12.41
C5D NAI W . 34.33 -0.69 12.14
C4D NAI W . 32.95 -0.65 12.78
O4D NAI W . 33.08 -0.66 14.18
C3D NAI W . 32.20 0.59 12.44
O3D NAI W . 30.87 0.28 12.15
C2D NAI W . 32.27 1.38 13.70
O2D NAI W . 31.17 2.26 13.81
C1D NAI W . 32.20 0.33 14.71
N1N NAI W . 32.71 0.63 16.04
C2N NAI W . 34.01 1.23 16.16
C3N NAI W . 34.57 1.56 17.61
C7N NAI W . 35.86 2.17 17.70
O7N NAI W . 36.03 2.70 18.90
N7N NAI W . 36.58 2.06 16.59
C4N NAI W . 33.61 1.19 18.71
C5N NAI W . 32.49 0.65 18.31
C6N NAI W . 32.14 0.42 17.16
O2 0WE X . 31.57 4.63 15.02
C1 0WE X . 32.62 5.15 15.34
C17 0WE X . 33.39 5.99 14.34
C18 0WE X . 32.67 6.33 13.22
C19 0WE X . 33.19 7.39 12.28
C24 0WE X . 34.51 7.95 12.43
C23 0WE X . 34.90 8.92 11.49
C26 0WE X . 36.26 9.63 11.48
C25 0WE X . 36.73 9.94 10.09
C20 0WE X . 32.31 7.81 11.20
N21 0WE X . 32.72 8.76 10.32
C22 0WE X . 33.95 9.30 10.42
N36 0WE X . 34.35 10.28 9.48
C37 0WE X . 35.69 10.51 9.19
O28 0WE X . 35.99 11.36 8.38
N3 0WE X . 33.08 4.95 16.71
C4 0WE X . 32.29 4.14 17.61
C5 0WE X . 34.34 5.57 17.15
C6 0WE X . 33.99 6.63 18.20
O10 0WE X . 33.63 7.87 17.91
C9 0WE X . 33.32 8.57 19.08
C8 0WE X . 33.49 7.73 20.16
C7 0WE X . 33.92 6.45 19.61
C38 0WE X . 34.22 5.20 20.41
C14 0WE X . 32.90 9.94 19.28
C13 0WE X . 32.67 10.38 20.59
C12 0WE X . 32.83 9.52 21.68
C11 0WE X . 33.24 8.19 21.48
#